data_6WRJ
# 
_entry.id   6WRJ 
# 
_audit_conform.dict_name       mmcif_pdbx.dic 
_audit_conform.dict_version    5.380 
_audit_conform.dict_location   http://mmcif.pdb.org/dictionaries/ascii/mmcif_pdbx.dic 
# 
loop_
_database_2.database_id 
_database_2.database_code 
_database_2.pdbx_database_accession 
_database_2.pdbx_DOI 
PDB   6WRJ         pdb_00006wrj 10.2210/pdb6wrj/pdb 
WWPDB D_1000248862 ?            ?                   
# 
_pdbx_database_status.status_code                     REL 
_pdbx_database_status.status_code_sf                  REL 
_pdbx_database_status.status_code_mr                  ? 
_pdbx_database_status.entry_id                        6WRJ 
_pdbx_database_status.recvd_initial_deposition_date   2020-04-29 
_pdbx_database_status.SG_entry                        N 
_pdbx_database_status.deposit_site                    RCSB 
_pdbx_database_status.process_site                    RCSB 
_pdbx_database_status.status_code_cs                  ? 
_pdbx_database_status.status_code_nmr_data            ? 
_pdbx_database_status.methods_development_category    ? 
_pdbx_database_status.pdb_format_compatible           Y 
# 
loop_
_audit_author.name 
_audit_author.pdbx_ordinal 
_audit_author.identifier_ORCID 
'Simmons, C.R.'      1 0000-0002-2290-6132 
'MacCulloch, T.'     2 0000-0001-5875-3361 
'Stephanopoulos, N.' 3 0000-0001-7859-410X 
'Yan, H.'            4 0000-0001-7397-9852 
# 
_citation.abstract                  ? 
_citation.abstract_id_CAS           ? 
_citation.book_id_ISBN              ? 
_citation.book_publisher            ? 
_citation.book_publisher_city       ? 
_citation.book_title                ? 
_citation.coordinate_linkage        ? 
_citation.country                   UK 
_citation.database_id_Medline       ? 
_citation.details                   ? 
_citation.id                        primary 
_citation.journal_abbrev            'Nat Commun' 
_citation.journal_id_ASTM           ? 
_citation.journal_id_CSD            ? 
_citation.journal_id_ISSN           2041-1723 
_citation.journal_full              ? 
_citation.journal_issue             ? 
_citation.journal_volume            13 
_citation.language                  ? 
_citation.page_first                3112 
_citation.page_last                 3112 
_citation.title                     'The influence of Holliday junction sequence and dynamics on DNA crystal self-assembly.' 
_citation.year                      2022 
_citation.database_id_CSD           ? 
_citation.pdbx_database_id_DOI      10.1038/s41467-022-30779-6 
_citation.pdbx_database_id_PubMed   35662248 
_citation.unpublished_flag          ? 
# 
loop_
_citation_author.citation_id 
_citation_author.name 
_citation_author.ordinal 
_citation_author.identifier_ORCID 
primary 'Simmons, C.R.'      1  ?                   
primary 'MacCulloch, T.'     2  ?                   
primary 'Krepl, M.'          3  0000-0002-9833-4281 
primary 'Matthies, M.'       4  ?                   
primary 'Buchberger, A.'     5  ?                   
primary 'Crawford, I.'       6  ?                   
primary 'Sponer, J.'         7  0000-0001-6558-6186 
primary 'Sulc, P.'           8  0000-0003-1565-6769 
primary 'Stephanopoulos, N.' 9  0000-0001-7859-410X 
primary 'Yan, H.'            10 0000-0001-7397-9852 
# 
_cell.angle_alpha                  90.000 
_cell.angle_alpha_esd              ? 
_cell.angle_beta                   90.000 
_cell.angle_beta_esd               ? 
_cell.angle_gamma                  120.000 
_cell.angle_gamma_esd              ? 
_cell.entry_id                     6WRJ 
_cell.details                      ? 
_cell.formula_units_Z              ? 
_cell.length_a                     67.634 
_cell.length_a_esd                 ? 
_cell.length_b                     67.634 
_cell.length_b_esd                 ? 
_cell.length_c                     60.662 
_cell.length_c_esd                 ? 
_cell.volume                       ? 
_cell.volume_esd                   ? 
_cell.Z_PDB                        6 
_cell.reciprocal_angle_alpha       ? 
_cell.reciprocal_angle_beta        ? 
_cell.reciprocal_angle_gamma       ? 
_cell.reciprocal_angle_alpha_esd   ? 
_cell.reciprocal_angle_beta_esd    ? 
_cell.reciprocal_angle_gamma_esd   ? 
_cell.reciprocal_length_a          ? 
_cell.reciprocal_length_b          ? 
_cell.reciprocal_length_c          ? 
_cell.reciprocal_length_a_esd      ? 
_cell.reciprocal_length_b_esd      ? 
_cell.reciprocal_length_c_esd      ? 
_cell.pdbx_unique_axis             ? 
# 
_symmetry.entry_id                         6WRJ 
_symmetry.cell_setting                     ? 
_symmetry.Int_Tables_number                154 
_symmetry.space_group_name_Hall            ? 
_symmetry.space_group_name_H-M             'P 32 2 1' 
_symmetry.pdbx_full_space_group_name_H-M   ? 
# 
loop_
_entity.id 
_entity.type 
_entity.src_method 
_entity.pdbx_description 
_entity.formula_weight 
_entity.pdbx_number_of_molecules 
_entity.pdbx_ec 
_entity.pdbx_mutation 
_entity.pdbx_fragment 
_entity.details 
1 polymer syn 
;DNA (5'-D(*GP*AP*GP*CP*AP*GP*AP*CP*TP*TP*GP*AP*CP*AP*CP*CP*AP*CP*TP*CP*A)-3')
;
6401.164 1 ? ? ? ? 
2 polymer syn 
;DNA (5'-D(P*TP*GP*TP*CP*A)-3')
;
1495.023 1 ? ? ? ? 
3 polymer syn 
;DNA (5'-D(*TP*CP*TP*GP*AP*GP*TP*GP*A)-3')
;
2770.833 1 ? ? ? ? 
4 polymer syn 
;DNA (5'-D(P*GP*GP*TP*CP*TP*GP*C)-3')
;
2129.409 1 ? ? ? ? 
# 
loop_
_entity_poly.entity_id 
_entity_poly.type 
_entity_poly.nstd_linkage 
_entity_poly.nstd_monomer 
_entity_poly.pdbx_seq_one_letter_code 
_entity_poly.pdbx_seq_one_letter_code_can 
_entity_poly.pdbx_strand_id 
_entity_poly.pdbx_target_identifier 
1 polydeoxyribonucleotide no no 
;(DG)(DA)(DG)(DC)(DA)(DG)(DA)(DC)(DT)(DT)(DG)(DA)(DC)(DA)(DC)(DC)(DA)(DC)(DT)(DC)
(DA)
;
GAGCAGACTTGACACCACTCA A ? 
2 polydeoxyribonucleotide no no '(DT)(DG)(DT)(DC)(DA)'                                                                  TGTCA B ? 
3 polydeoxyribonucleotide no no '(DT)(DC)(DT)(DG)(DA)(DG)(DT)(DG)(DA)'                                                  TCTGAGTGA 
C ? 
4 polydeoxyribonucleotide no no '(DG)(DG)(DT)(DC)(DT)(DG)(DC)'                                                          GGTCTGC D 
? 
# 
loop_
_entity_poly_seq.entity_id 
_entity_poly_seq.num 
_entity_poly_seq.mon_id 
_entity_poly_seq.hetero 
1 1  DG n 
1 2  DA n 
1 3  DG n 
1 4  DC n 
1 5  DA n 
1 6  DG n 
1 7  DA n 
1 8  DC n 
1 9  DT n 
1 10 DT n 
1 11 DG n 
1 12 DA n 
1 13 DC n 
1 14 DA n 
1 15 DC n 
1 16 DC n 
1 17 DA n 
1 18 DC n 
1 19 DT n 
1 20 DC n 
1 21 DA n 
2 1  DT n 
2 2  DG n 
2 3  DT n 
2 4  DC n 
2 5  DA n 
3 1  DT n 
3 2  DC n 
3 3  DT n 
3 4  DG n 
3 5  DA n 
3 6  DG n 
3 7  DT n 
3 8  DG n 
3 9  DA n 
4 1  DG n 
4 2  DG n 
4 3  DT n 
4 4  DC n 
4 5  DT n 
4 6  DG n 
4 7  DC n 
# 
loop_
_pdbx_entity_src_syn.entity_id 
_pdbx_entity_src_syn.pdbx_src_id 
_pdbx_entity_src_syn.pdbx_alt_source_flag 
_pdbx_entity_src_syn.pdbx_beg_seq_num 
_pdbx_entity_src_syn.pdbx_end_seq_num 
_pdbx_entity_src_syn.organism_scientific 
_pdbx_entity_src_syn.organism_common_name 
_pdbx_entity_src_syn.ncbi_taxonomy_id 
_pdbx_entity_src_syn.details 
1 1 sample 1 21 'synthetic construct' ? 32630 ? 
2 1 sample 1 5  'synthetic construct' ? 32630 ? 
3 1 sample 1 9  'synthetic construct' ? 32630 ? 
4 1 sample 1 7  'synthetic construct' ? 32630 ? 
# 
loop_
_struct_ref.id 
_struct_ref.db_name 
_struct_ref.db_code 
_struct_ref.pdbx_db_accession 
_struct_ref.pdbx_db_isoform 
_struct_ref.entity_id 
_struct_ref.pdbx_seq_one_letter_code 
_struct_ref.pdbx_align_begin 
1 PDB 6WRJ 6WRJ ? 1 ? 1 
2 PDB 6WRJ 6WRJ ? 2 ? 1 
3 PDB 6WRJ 6WRJ ? 3 ? 1 
4 PDB 6WRJ 6WRJ ? 4 ? 1 
# 
loop_
_struct_ref_seq.align_id 
_struct_ref_seq.ref_id 
_struct_ref_seq.pdbx_PDB_id_code 
_struct_ref_seq.pdbx_strand_id 
_struct_ref_seq.seq_align_beg 
_struct_ref_seq.pdbx_seq_align_beg_ins_code 
_struct_ref_seq.seq_align_end 
_struct_ref_seq.pdbx_seq_align_end_ins_code 
_struct_ref_seq.pdbx_db_accession 
_struct_ref_seq.db_align_beg 
_struct_ref_seq.pdbx_db_align_beg_ins_code 
_struct_ref_seq.db_align_end 
_struct_ref_seq.pdbx_db_align_end_ins_code 
_struct_ref_seq.pdbx_auth_seq_align_beg 
_struct_ref_seq.pdbx_auth_seq_align_end 
1 1 6WRJ A 1 ? 21 ? 6WRJ 1  ? 21 ? 1  21 
2 2 6WRJ B 1 ? 5  ? 6WRJ 1  ? 5  ? 1  5  
3 3 6WRJ C 1 ? 9  ? 6WRJ 1  ? 9  ? 1  9  
4 4 6WRJ D 1 ? 7  ? 6WRJ 10 ? 16 ? 10 16 
# 
loop_
_chem_comp.id 
_chem_comp.type 
_chem_comp.mon_nstd_flag 
_chem_comp.name 
_chem_comp.pdbx_synonyms 
_chem_comp.formula 
_chem_comp.formula_weight 
DA 'DNA linking' y "2'-DEOXYADENOSINE-5'-MONOPHOSPHATE" ? 'C10 H14 N5 O6 P' 331.222 
DC 'DNA linking' y "2'-DEOXYCYTIDINE-5'-MONOPHOSPHATE"  ? 'C9 H14 N3 O7 P'  307.197 
DG 'DNA linking' y "2'-DEOXYGUANOSINE-5'-MONOPHOSPHATE" ? 'C10 H14 N5 O7 P' 347.221 
DT 'DNA linking' y "THYMIDINE-5'-MONOPHOSPHATE"         ? 'C10 H15 N2 O8 P' 322.208 
# 
_exptl.absorpt_coefficient_mu     ? 
_exptl.absorpt_correction_T_max   ? 
_exptl.absorpt_correction_T_min   ? 
_exptl.absorpt_correction_type    ? 
_exptl.absorpt_process_details    ? 
_exptl.entry_id                   6WRJ 
_exptl.crystals_number            1 
_exptl.details                    ? 
_exptl.method                     'X-RAY DIFFRACTION' 
_exptl.method_details             ? 
# 
_exptl_crystal.colour                      ? 
_exptl_crystal.density_diffrn              ? 
_exptl_crystal.density_Matthews            3.13 
_exptl_crystal.density_method              ? 
_exptl_crystal.density_percent_sol         60.70 
_exptl_crystal.description                 ? 
_exptl_crystal.F_000                       ? 
_exptl_crystal.id                          1 
_exptl_crystal.preparation                 ? 
_exptl_crystal.size_max                    ? 
_exptl_crystal.size_mid                    ? 
_exptl_crystal.size_min                    ? 
_exptl_crystal.size_rad                    ? 
_exptl_crystal.colour_lustre               ? 
_exptl_crystal.colour_modifier             ? 
_exptl_crystal.colour_primary              ? 
_exptl_crystal.density_meas                ? 
_exptl_crystal.density_meas_esd            ? 
_exptl_crystal.density_meas_gt             ? 
_exptl_crystal.density_meas_lt             ? 
_exptl_crystal.density_meas_temp           ? 
_exptl_crystal.density_meas_temp_esd       ? 
_exptl_crystal.density_meas_temp_gt        ? 
_exptl_crystal.density_meas_temp_lt        ? 
_exptl_crystal.pdbx_crystal_image_url      ? 
_exptl_crystal.pdbx_crystal_image_format   ? 
_exptl_crystal.pdbx_mosaicity              ? 
_exptl_crystal.pdbx_mosaicity_esd          ? 
# 
_exptl_crystal_grow.apparatus       ? 
_exptl_crystal_grow.atmosphere      ? 
_exptl_crystal_grow.crystal_id      1 
_exptl_crystal_grow.details         ? 
_exptl_crystal_grow.method          'VAPOR DIFFUSION, SITTING DROP' 
_exptl_crystal_grow.method_ref      ? 
_exptl_crystal_grow.pH              ? 
_exptl_crystal_grow.pressure        ? 
_exptl_crystal_grow.pressure_esd    ? 
_exptl_crystal_grow.seeding         ? 
_exptl_crystal_grow.seeding_ref     ? 
_exptl_crystal_grow.temp            298 
_exptl_crystal_grow.temp_details    'temperature gradient generated from 60 to 25 C at 0.3 degrees per hour' 
_exptl_crystal_grow.temp_esd        ? 
_exptl_crystal_grow.time            ? 
_exptl_crystal_grow.pdbx_details    
;0.5 mL of 0.05 M Cacodylate pH 6.0 with 10 mM MgCl2, 2.5 mM spermine, 5 mM CaCl2, and 10% Isopropanol was added to the reservoir with 2 uL added to the drop containing 4 uL of DNA stock
;
_exptl_crystal_grow.pdbx_pH_range   ? 
# 
_diffrn.ambient_environment              ? 
_diffrn.ambient_temp                     100 
_diffrn.ambient_temp_details             ? 
_diffrn.ambient_temp_esd                 ? 
_diffrn.crystal_id                       1 
_diffrn.crystal_support                  ? 
_diffrn.crystal_treatment                ? 
_diffrn.details                          ? 
_diffrn.id                               1 
_diffrn.ambient_pressure                 ? 
_diffrn.ambient_pressure_esd             ? 
_diffrn.ambient_pressure_gt              ? 
_diffrn.ambient_pressure_lt              ? 
_diffrn.ambient_temp_gt                  ? 
_diffrn.ambient_temp_lt                  ? 
_diffrn.pdbx_serial_crystal_experiment   N 
# 
_diffrn_detector.details                      ? 
_diffrn_detector.detector                     PIXEL 
_diffrn_detector.diffrn_id                    1 
_diffrn_detector.type                         'DECTRIS PILATUS3 6M' 
_diffrn_detector.area_resol_mean              ? 
_diffrn_detector.dtime                        ? 
_diffrn_detector.pdbx_frames_total            ? 
_diffrn_detector.pdbx_collection_time_total   ? 
_diffrn_detector.pdbx_collection_date         2018-05-15 
_diffrn_detector.pdbx_frequency               ? 
# 
_diffrn_radiation.collimation                      ? 
_diffrn_radiation.diffrn_id                        1 
_diffrn_radiation.filter_edge                      ? 
_diffrn_radiation.inhomogeneity                    ? 
_diffrn_radiation.monochromator                    ? 
_diffrn_radiation.polarisn_norm                    ? 
_diffrn_radiation.polarisn_ratio                   ? 
_diffrn_radiation.probe                            ? 
_diffrn_radiation.type                             ? 
_diffrn_radiation.xray_symbol                      ? 
_diffrn_radiation.wavelength_id                    1 
_diffrn_radiation.pdbx_monochromatic_or_laue_m_l   M 
_diffrn_radiation.pdbx_wavelength_list             ? 
_diffrn_radiation.pdbx_wavelength                  ? 
_diffrn_radiation.pdbx_diffrn_protocol             'SINGLE WAVELENGTH' 
_diffrn_radiation.pdbx_analyzer                    ? 
_diffrn_radiation.pdbx_scattering_type             x-ray 
# 
_diffrn_radiation_wavelength.id           1 
_diffrn_radiation_wavelength.wavelength   1 
_diffrn_radiation_wavelength.wt           1.0 
# 
_diffrn_source.current                     ? 
_diffrn_source.details                     ? 
_diffrn_source.diffrn_id                   1 
_diffrn_source.power                       ? 
_diffrn_source.size                        ? 
_diffrn_source.source                      SYNCHROTRON 
_diffrn_source.target                      ? 
_diffrn_source.type                        'ALS BEAMLINE 5.0.2' 
_diffrn_source.voltage                     ? 
_diffrn_source.take-off_angle              ? 
_diffrn_source.pdbx_wavelength_list        1 
_diffrn_source.pdbx_wavelength             ? 
_diffrn_source.pdbx_synchrotron_beamline   5.0.2 
_diffrn_source.pdbx_synchrotron_site       ALS 
# 
_reflns.B_iso_Wilson_estimate            95.550 
_reflns.entry_id                         6WRJ 
_reflns.data_reduction_details           ? 
_reflns.data_reduction_method            ? 
_reflns.d_resolution_high                3.100 
_reflns.d_resolution_low                 50.000 
_reflns.details                          ? 
_reflns.limit_h_max                      ? 
_reflns.limit_h_min                      ? 
_reflns.limit_k_max                      ? 
_reflns.limit_k_min                      ? 
_reflns.limit_l_max                      ? 
_reflns.limit_l_min                      ? 
_reflns.number_all                       ? 
_reflns.number_obs                       2902 
_reflns.observed_criterion               ? 
_reflns.observed_criterion_F_max         ? 
_reflns.observed_criterion_F_min         ? 
_reflns.observed_criterion_I_max         ? 
_reflns.observed_criterion_I_min         ? 
_reflns.observed_criterion_sigma_F       ? 
_reflns.observed_criterion_sigma_I       ? 
_reflns.percent_possible_obs             96.300 
_reflns.R_free_details                   ? 
_reflns.Rmerge_F_all                     ? 
_reflns.Rmerge_F_obs                     ? 
_reflns.Friedel_coverage                 ? 
_reflns.number_gt                        ? 
_reflns.threshold_expression             ? 
_reflns.pdbx_redundancy                  17.000 
_reflns.pdbx_Rmerge_I_obs                0.077 
_reflns.pdbx_Rmerge_I_all                ? 
_reflns.pdbx_Rsym_value                  ? 
_reflns.pdbx_netI_over_av_sigmaI         ? 
_reflns.pdbx_netI_over_sigmaI            6.400 
_reflns.pdbx_res_netI_over_av_sigmaI_2   ? 
_reflns.pdbx_res_netI_over_sigmaI_2      ? 
_reflns.pdbx_chi_squared                 0.733 
_reflns.pdbx_scaling_rejects             ? 
_reflns.pdbx_d_res_high_opt              ? 
_reflns.pdbx_d_res_low_opt               ? 
_reflns.pdbx_d_res_opt_method            ? 
_reflns.phase_calculation_details        ? 
_reflns.pdbx_Rrim_I_all                  0.080 
_reflns.pdbx_Rpim_I_all                  0.020 
_reflns.pdbx_d_opt                       ? 
_reflns.pdbx_number_measured_all         ? 
_reflns.pdbx_diffrn_id                   1 
_reflns.pdbx_ordinal                     1 
_reflns.pdbx_CC_half                     1.00 
_reflns.pdbx_CC_star                     ? 
_reflns.pdbx_R_split                     ? 
# 
loop_
_reflns_shell.d_res_high 
_reflns_shell.d_res_low 
_reflns_shell.meanI_over_sigI_all 
_reflns_shell.meanI_over_sigI_obs 
_reflns_shell.number_measured_all 
_reflns_shell.number_measured_obs 
_reflns_shell.number_possible 
_reflns_shell.number_unique_all 
_reflns_shell.number_unique_obs 
_reflns_shell.percent_possible_all 
_reflns_shell.percent_possible_obs 
_reflns_shell.Rmerge_F_all 
_reflns_shell.Rmerge_F_obs 
_reflns_shell.Rmerge_I_all 
_reflns_shell.Rmerge_I_obs 
_reflns_shell.meanI_over_sigI_gt 
_reflns_shell.meanI_over_uI_all 
_reflns_shell.meanI_over_uI_gt 
_reflns_shell.number_measured_gt 
_reflns_shell.number_unique_gt 
_reflns_shell.percent_possible_gt 
_reflns_shell.Rmerge_F_gt 
_reflns_shell.Rmerge_I_gt 
_reflns_shell.pdbx_redundancy 
_reflns_shell.pdbx_Rsym_value 
_reflns_shell.pdbx_chi_squared 
_reflns_shell.pdbx_netI_over_sigmaI_all 
_reflns_shell.pdbx_netI_over_sigmaI_obs 
_reflns_shell.pdbx_Rrim_I_all 
_reflns_shell.pdbx_Rpim_I_all 
_reflns_shell.pdbx_rejects 
_reflns_shell.pdbx_ordinal 
_reflns_shell.pdbx_diffrn_id 
_reflns_shell.pdbx_CC_half 
_reflns_shell.pdbx_CC_star 
_reflns_shell.pdbx_R_split 
3.100 3.150  ? ? ? ? ? ? 95  66.900  ? ? ? ? 0.326 ? ? ? ? ? ? ? ? 13.100 ? 0.593 ? ? 0.338 0.083 ? 1  1 0.991 ? ? 
3.150 3.210  ? ? ? ? ? ? 124 83.200  ? ? ? ? 0.202 ? ? ? ? ? ? ? ? 11.300 ? 0.575 ? ? 0.210 0.055 ? 2  1 0.994 ? ? 
3.210 3.270  ? ? ? ? ? ? 137 95.800  ? ? ? ? 0.349 ? ? ? ? ? ? ? ? 11.900 ? 0.534 ? ? 0.363 0.092 ? 3  1 0.983 ? ? 
3.270 3.340  ? ? ? ? ? ? 156 98.100  ? ? ? ? 0.290 ? ? ? ? ? ? ? ? 14.100 ? 0.572 ? ? 0.300 0.075 ? 4  1 0.989 ? ? 
3.340 3.410  ? ? ? ? ? ? 133 100.000 ? ? ? ? 0.355 ? ? ? ? ? ? ? ? 15.200 ? 0.535 ? ? 0.367 0.091 ? 5  1 0.991 ? ? 
3.410 3.490  ? ? ? ? ? ? 152 100.000 ? ? ? ? 0.419 ? ? ? ? ? ? ? ? 17.100 ? 0.513 ? ? 0.432 0.102 ? 6  1 0.988 ? ? 
3.490 3.580  ? ? ? ? ? ? 142 100.000 ? ? ? ? 0.505 ? ? ? ? ? ? ? ? 18.000 ? 0.490 ? ? 0.519 0.121 ? 7  1 0.982 ? ? 
3.580 3.680  ? ? ? ? ? ? 145 100.000 ? ? ? ? 0.543 ? ? ? ? ? ? ? ? 17.800 ? 0.485 ? ? 0.559 0.131 ? 8  1 0.967 ? ? 
3.680 3.780  ? ? ? ? ? ? 148 100.000 ? ? ? ? 0.440 ? ? ? ? ? ? ? ? 17.500 ? 0.474 ? ? 0.453 0.108 ? 9  1 0.981 ? ? 
3.780 3.910  ? ? ? ? ? ? 154 100.000 ? ? ? ? 0.367 ? ? ? ? ? ? ? ? 18.900 ? 0.512 ? ? 0.378 0.086 ? 10 1 0.988 ? ? 
3.910 4.040  ? ? ? ? ? ? 143 100.000 ? ? ? ? 0.278 ? ? ? ? ? ? ? ? 18.900 ? 0.556 ? ? 0.286 0.065 ? 11 1 0.991 ? ? 
4.040 4.210  ? ? ? ? ? ? 154 100.000 ? ? ? ? 0.196 ? ? ? ? ? ? ? ? 19.600 ? 0.653 ? ? 0.202 0.046 ? 12 1 0.995 ? ? 
4.210 4.400  ? ? ? ? ? ? 145 100.000 ? ? ? ? 0.185 ? ? ? ? ? ? ? ? 19.300 ? 0.581 ? ? 0.190 0.043 ? 13 1 0.992 ? ? 
4.400 4.630  ? ? ? ? ? ? 156 100.000 ? ? ? ? 0.151 ? ? ? ? ? ? ? ? 19.300 ? 0.630 ? ? 0.155 0.035 ? 14 1 0.997 ? ? 
4.630 4.920  ? ? ? ? ? ? 153 100.000 ? ? ? ? 0.116 ? ? ? ? ? ? ? ? 18.500 ? 0.718 ? ? 0.119 0.028 ? 15 1 0.997 ? ? 
4.920 5.300  ? ? ? ? ? ? 149 100.000 ? ? ? ? 0.078 ? ? ? ? ? ? ? ? 18.300 ? 0.986 ? ? 0.081 0.019 ? 16 1 0.997 ? ? 
5.300 5.830  ? ? ? ? ? ? 149 99.300  ? ? ? ? 0.063 ? ? ? ? ? ? ? ? 18.500 ? 1.145 ? ? 0.065 0.015 ? 17 1 0.997 ? ? 
5.830 6.670  ? ? ? ? ? ? 160 99.400  ? ? ? ? 0.057 ? ? ? ? ? ? ? ? 18.100 ? 1.077 ? ? 0.059 0.014 ? 18 1 0.999 ? ? 
6.670 8.400  ? ? ? ? ? ? 151 95.600  ? ? ? ? 0.046 ? ? ? ? ? ? ? ? 15.900 ? 1.324 ? ? 0.048 0.012 ? 19 1 0.998 ? ? 
8.400 50.000 ? ? ? ? ? ? 156 88.100  ? ? ? ? 0.040 ? ? ? ? ? ? ? ? 15.600 ? 1.504 ? ? 0.041 0.011 ? 20 1 0.999 ? ? 
# 
_refine.aniso_B[1][1]                            ? 
_refine.aniso_B[1][2]                            ? 
_refine.aniso_B[1][3]                            ? 
_refine.aniso_B[2][2]                            ? 
_refine.aniso_B[2][3]                            ? 
_refine.aniso_B[3][3]                            ? 
_refine.B_iso_max                                177.680 
_refine.B_iso_mean                               131.3522 
_refine.B_iso_min                                94.110 
_refine.correlation_coeff_Fo_to_Fc               ? 
_refine.correlation_coeff_Fo_to_Fc_free          ? 
_refine.details                                  ? 
_refine.diff_density_max                         ? 
_refine.diff_density_max_esd                     ? 
_refine.diff_density_min                         ? 
_refine.diff_density_min_esd                     ? 
_refine.diff_density_rms                         ? 
_refine.diff_density_rms_esd                     ? 
_refine.entry_id                                 6WRJ 
_refine.pdbx_refine_id                           'X-RAY DIFFRACTION' 
_refine.ls_abs_structure_details                 ? 
_refine.ls_abs_structure_Flack                   ? 
_refine.ls_abs_structure_Flack_esd               ? 
_refine.ls_abs_structure_Rogers                  ? 
_refine.ls_abs_structure_Rogers_esd              ? 
_refine.ls_d_res_high                            3.1290 
_refine.ls_d_res_low                             42.1360 
_refine.ls_extinction_coef                       ? 
_refine.ls_extinction_coef_esd                   ? 
_refine.ls_extinction_expression                 ? 
_refine.ls_extinction_method                     ? 
_refine.ls_goodness_of_fit_all                   ? 
_refine.ls_goodness_of_fit_all_esd               ? 
_refine.ls_goodness_of_fit_obs                   ? 
_refine.ls_goodness_of_fit_obs_esd               ? 
_refine.ls_hydrogen_treatment                    ? 
_refine.ls_matrix_type                           ? 
_refine.ls_number_constraints                    ? 
_refine.ls_number_parameters                     ? 
_refine.ls_number_reflns_all                     ? 
_refine.ls_number_reflns_obs                     2844 
_refine.ls_number_reflns_R_free                  144 
_refine.ls_number_reflns_R_work                  ? 
_refine.ls_number_restraints                     ? 
_refine.ls_percent_reflns_obs                    94.3000 
_refine.ls_percent_reflns_R_free                 5.0600 
_refine.ls_R_factor_all                          ? 
_refine.ls_R_factor_obs                          0.2377 
_refine.ls_R_factor_R_free                       0.2815 
_refine.ls_R_factor_R_free_error                 ? 
_refine.ls_R_factor_R_free_error_details         ? 
_refine.ls_R_factor_R_work                       0.2349 
_refine.ls_R_Fsqd_factor_obs                     ? 
_refine.ls_R_I_factor_obs                        ? 
_refine.ls_redundancy_reflns_all                 ? 
_refine.ls_redundancy_reflns_obs                 ? 
_refine.ls_restrained_S_all                      ? 
_refine.ls_restrained_S_obs                      ? 
_refine.ls_shift_over_esd_max                    ? 
_refine.ls_shift_over_esd_mean                   ? 
_refine.ls_structure_factor_coef                 ? 
_refine.ls_weighting_details                     ? 
_refine.ls_weighting_scheme                      ? 
_refine.ls_wR_factor_all                         ? 
_refine.ls_wR_factor_obs                         ? 
_refine.ls_wR_factor_R_free                      ? 
_refine.ls_wR_factor_R_work                      ? 
_refine.occupancy_max                            ? 
_refine.occupancy_min                            ? 
_refine.solvent_model_details                    ? 
_refine.solvent_model_param_bsol                 ? 
_refine.solvent_model_param_ksol                 ? 
_refine.pdbx_R_complete                          ? 
_refine.ls_R_factor_gt                           ? 
_refine.ls_goodness_of_fit_gt                    ? 
_refine.ls_goodness_of_fit_ref                   ? 
_refine.ls_shift_over_su_max                     ? 
_refine.ls_shift_over_su_max_lt                  ? 
_refine.ls_shift_over_su_mean                    ? 
_refine.ls_shift_over_su_mean_lt                 ? 
_refine.pdbx_ls_sigma_I                          ? 
_refine.pdbx_ls_sigma_F                          1.370 
_refine.pdbx_ls_sigma_Fsqd                       ? 
_refine.pdbx_data_cutoff_high_absF               ? 
_refine.pdbx_data_cutoff_high_rms_absF           ? 
_refine.pdbx_data_cutoff_low_absF                ? 
_refine.pdbx_isotropic_thermal_model             ? 
_refine.pdbx_ls_cross_valid_method               THROUGHOUT 
_refine.pdbx_method_to_determine_struct          'MOLECULAR REPLACEMENT' 
_refine.pdbx_starting_model                      5KEK 
_refine.pdbx_stereochemistry_target_values       ? 
_refine.pdbx_R_Free_selection_details            ? 
_refine.pdbx_stereochem_target_val_spec_case     ? 
_refine.pdbx_overall_ESU_R                       ? 
_refine.pdbx_overall_ESU_R_Free                  ? 
_refine.pdbx_solvent_vdw_probe_radii             1.1100 
_refine.pdbx_solvent_ion_probe_radii             ? 
_refine.pdbx_solvent_shrinkage_radii             0.9000 
_refine.pdbx_real_space_R                        ? 
_refine.pdbx_density_correlation                 ? 
_refine.pdbx_pd_number_of_powder_patterns        ? 
_refine.pdbx_pd_number_of_points                 ? 
_refine.pdbx_pd_meas_number_of_points            ? 
_refine.pdbx_pd_proc_ls_prof_R_factor            ? 
_refine.pdbx_pd_proc_ls_prof_wR_factor           ? 
_refine.pdbx_pd_Marquardt_correlation_coeff      ? 
_refine.pdbx_pd_Fsqrd_R_factor                   ? 
_refine.pdbx_pd_ls_matrix_band_width             ? 
_refine.pdbx_overall_phase_error                 28.7300 
_refine.pdbx_overall_SU_R_free_Cruickshank_DPI   ? 
_refine.pdbx_overall_SU_R_free_Blow_DPI          ? 
_refine.pdbx_overall_SU_R_Blow_DPI               ? 
_refine.pdbx_TLS_residual_ADP_flag               ? 
_refine.pdbx_diffrn_id                           1 
_refine.overall_SU_B                             ? 
_refine.overall_SU_ML                            0.4300 
_refine.overall_SU_R_Cruickshank_DPI             ? 
_refine.overall_SU_R_free                        ? 
_refine.overall_FOM_free_R_set                   ? 
_refine.overall_FOM_work_R_set                   ? 
_refine.pdbx_average_fsc_overall                 ? 
_refine.pdbx_average_fsc_work                    ? 
_refine.pdbx_average_fsc_free                    ? 
# 
_refine_hist.pdbx_refine_id                   'X-RAY DIFFRACTION' 
_refine_hist.cycle_id                         final 
_refine_hist.details                          ? 
_refine_hist.d_res_high                       3.1290 
_refine_hist.d_res_low                        42.1360 
_refine_hist.number_atoms_solvent             0 
_refine_hist.number_atoms_total               855 
_refine_hist.number_reflns_all                ? 
_refine_hist.number_reflns_obs                ? 
_refine_hist.number_reflns_R_free             ? 
_refine_hist.number_reflns_R_work             ? 
_refine_hist.R_factor_all                     ? 
_refine_hist.R_factor_obs                     ? 
_refine_hist.R_factor_R_free                  ? 
_refine_hist.R_factor_R_work                  ? 
_refine_hist.pdbx_number_residues_total       42 
_refine_hist.pdbx_B_iso_mean_ligand           ? 
_refine_hist.pdbx_B_iso_mean_solvent          ? 
_refine_hist.pdbx_number_atoms_protein        0 
_refine_hist.pdbx_number_atoms_nucleic_acid   855 
_refine_hist.pdbx_number_atoms_ligand         0 
_refine_hist.pdbx_number_atoms_lipid          ? 
_refine_hist.pdbx_number_atoms_carb           ? 
_refine_hist.pdbx_pseudo_atom_details         ? 
# 
loop_
_refine_ls_restr.pdbx_refine_id 
_refine_ls_restr.criterion 
_refine_ls_restr.dev_ideal 
_refine_ls_restr.dev_ideal_target 
_refine_ls_restr.number 
_refine_ls_restr.rejects 
_refine_ls_restr.type 
_refine_ls_restr.weight 
_refine_ls_restr.pdbx_restraint_function 
'X-RAY DIFFRACTION' ? 0.005  ? 956  ? f_bond_d           ? ? 
'X-RAY DIFFRACTION' ? 0.692  ? 1467 ? f_angle_d          ? ? 
'X-RAY DIFFRACTION' ? 0.032  ? 166  ? f_chiral_restr     ? ? 
'X-RAY DIFFRACTION' ? 0.004  ? 42   ? f_plane_restr      ? ? 
'X-RAY DIFFRACTION' ? 36.083 ? 406  ? f_dihedral_angle_d ? ? 
# 
_refine_ls_shell.pdbx_refine_id                   'X-RAY DIFFRACTION' 
_refine_ls_shell.d_res_high                       3.1295 
_refine_ls_shell.d_res_low                        42.136 
_refine_ls_shell.number_reflns_all                ? 
_refine_ls_shell.number_reflns_obs                ? 
_refine_ls_shell.number_reflns_R_free             144 
_refine_ls_shell.number_reflns_R_work             2700 
_refine_ls_shell.percent_reflns_obs               94.0000 
_refine_ls_shell.percent_reflns_R_free            ? 
_refine_ls_shell.R_factor_all                     ? 
_refine_ls_shell.R_factor_obs                     ? 
_refine_ls_shell.R_factor_R_free                  0.2815 
_refine_ls_shell.R_factor_R_free_error            0.0000 
_refine_ls_shell.R_factor_R_work                  0.2349 
_refine_ls_shell.redundancy_reflns_all            ? 
_refine_ls_shell.redundancy_reflns_obs            ? 
_refine_ls_shell.wR_factor_all                    ? 
_refine_ls_shell.wR_factor_obs                    ? 
_refine_ls_shell.wR_factor_R_free                 ? 
_refine_ls_shell.wR_factor_R_work                 ? 
_refine_ls_shell.pdbx_R_complete                  ? 
_refine_ls_shell.pdbx_total_number_of_bins_used   ? 
_refine_ls_shell.pdbx_phase_error                 ? 
_refine_ls_shell.pdbx_fsc_work                    ? 
_refine_ls_shell.pdbx_fsc_free                    ? 
# 
_struct.entry_id                     6WRJ 
_struct.title                        
'Self-assembly of a 3D DNA crystal lattice (4x5 duplex version) containing the J26 immobile Holliday junction' 
_struct.pdbx_model_details           ? 
_struct.pdbx_formula_weight          ? 
_struct.pdbx_formula_weight_method   ? 
_struct.pdbx_model_type_details      ? 
_struct.pdbx_CASP_flag               N 
# 
_struct_keywords.entry_id        6WRJ 
_struct_keywords.text            
'Structural DNA nanotechnology, immobile Holliday junctions, 3D DNA self-assembly, designer DNA crystals, DNA' 
_struct_keywords.pdbx_keywords   DNA 
# 
loop_
_struct_asym.id 
_struct_asym.pdbx_blank_PDB_chainid_flag 
_struct_asym.pdbx_modified 
_struct_asym.entity_id 
_struct_asym.details 
A N N 1 ? 
B N N 2 ? 
C N N 3 ? 
D N N 4 ? 
# 
loop_
_struct_conn.id 
_struct_conn.conn_type_id 
_struct_conn.pdbx_leaving_atom_flag 
_struct_conn.pdbx_PDB_id 
_struct_conn.ptnr1_label_asym_id 
_struct_conn.ptnr1_label_comp_id 
_struct_conn.ptnr1_label_seq_id 
_struct_conn.ptnr1_label_atom_id 
_struct_conn.pdbx_ptnr1_label_alt_id 
_struct_conn.pdbx_ptnr1_PDB_ins_code 
_struct_conn.pdbx_ptnr1_standard_comp_id 
_struct_conn.ptnr1_symmetry 
_struct_conn.ptnr2_label_asym_id 
_struct_conn.ptnr2_label_comp_id 
_struct_conn.ptnr2_label_seq_id 
_struct_conn.ptnr2_label_atom_id 
_struct_conn.pdbx_ptnr2_label_alt_id 
_struct_conn.pdbx_ptnr2_PDB_ins_code 
_struct_conn.ptnr1_auth_asym_id 
_struct_conn.ptnr1_auth_comp_id 
_struct_conn.ptnr1_auth_seq_id 
_struct_conn.ptnr2_auth_asym_id 
_struct_conn.ptnr2_auth_comp_id 
_struct_conn.ptnr2_auth_seq_id 
_struct_conn.ptnr2_symmetry 
_struct_conn.pdbx_ptnr3_label_atom_id 
_struct_conn.pdbx_ptnr3_label_seq_id 
_struct_conn.pdbx_ptnr3_label_comp_id 
_struct_conn.pdbx_ptnr3_label_asym_id 
_struct_conn.pdbx_ptnr3_label_alt_id 
_struct_conn.pdbx_ptnr3_PDB_ins_code 
_struct_conn.details 
_struct_conn.pdbx_dist_value 
_struct_conn.pdbx_value_order 
_struct_conn.pdbx_role 
hydrog1  hydrog ? ? A DG 3  N1 ? ? ? 1_555 D DC 7 N3 ? ? A DG 3  D DC 16 1_555 ? ? ? ? ? ? WATSON-CRICK    ? ? ? 
hydrog2  hydrog ? ? A DG 3  N2 ? ? ? 1_555 D DC 7 O2 ? ? A DG 3  D DC 16 1_555 ? ? ? ? ? ? WATSON-CRICK    ? ? ? 
hydrog3  hydrog ? ? A DG 3  O6 ? ? ? 1_555 D DC 7 N4 ? ? A DG 3  D DC 16 1_555 ? ? ? ? ? ? WATSON-CRICK    ? ? ? 
hydrog4  hydrog ? ? A DC 4  N3 ? ? ? 1_555 D DG 6 N1 ? ? A DC 4  D DG 15 1_555 ? ? ? ? ? ? WATSON-CRICK    ? ? ? 
hydrog5  hydrog ? ? A DC 4  N4 ? ? ? 1_555 D DG 6 O6 ? ? A DC 4  D DG 15 1_555 ? ? ? ? ? ? WATSON-CRICK    ? ? ? 
hydrog6  hydrog ? ? A DC 4  O2 ? ? ? 1_555 D DG 6 N2 ? ? A DC 4  D DG 15 1_555 ? ? ? ? ? ? WATSON-CRICK    ? ? ? 
hydrog7  hydrog ? ? A DA 5  N1 ? ? ? 1_555 D DT 5 N3 ? ? A DA 5  D DT 14 1_555 ? ? ? ? ? ? WATSON-CRICK    ? ? ? 
hydrog8  hydrog ? ? A DA 5  N6 ? ? ? 1_555 D DT 5 O4 ? ? A DA 5  D DT 14 1_555 ? ? ? ? ? ? WATSON-CRICK    ? ? ? 
hydrog9  hydrog ? ? A DG 6  N1 ? ? ? 1_555 D DC 4 N3 ? ? A DG 6  D DC 13 1_555 ? ? ? ? ? ? WATSON-CRICK    ? ? ? 
hydrog10 hydrog ? ? A DG 6  N2 ? ? ? 1_555 D DC 4 O2 ? ? A DG 6  D DC 13 1_555 ? ? ? ? ? ? WATSON-CRICK    ? ? ? 
hydrog11 hydrog ? ? A DG 6  O6 ? ? ? 1_555 D DC 4 N4 ? ? A DG 6  D DC 13 1_555 ? ? ? ? ? ? WATSON-CRICK    ? ? ? 
hydrog12 hydrog ? ? A DA 7  N1 ? ? ? 1_555 D DT 3 N3 ? ? A DA 7  D DT 12 1_555 ? ? ? ? ? ? WATSON-CRICK    ? ? ? 
hydrog13 hydrog ? ? A DA 7  N6 ? ? ? 1_555 D DT 3 O4 ? ? A DA 7  D DT 12 1_555 ? ? ? ? ? ? WATSON-CRICK    ? ? ? 
hydrog14 hydrog ? ? A DC 8  N3 ? ? ? 1_555 D DG 2 N1 ? ? A DC 8  D DG 11 1_555 ? ? ? ? ? ? WATSON-CRICK    ? ? ? 
hydrog15 hydrog ? ? A DC 8  N4 ? ? ? 1_555 D DG 2 O6 ? ? A DC 8  D DG 11 1_555 ? ? ? ? ? ? WATSON-CRICK    ? ? ? 
hydrog16 hydrog ? ? A DC 8  O2 ? ? ? 1_555 D DG 2 N2 ? ? A DC 8  D DG 11 1_555 ? ? ? ? ? ? WATSON-CRICK    ? ? ? 
hydrog17 hydrog ? ? A DT 9  N3 ? ? ? 1_555 D DG 1 O6 ? ? A DT 9  D DG 10 1_555 ? ? ? ? ? ? TYPE_28_PAIR    ? ? ? 
hydrog18 hydrog ? ? A DT 9  O2 ? ? ? 1_555 D DG 1 N1 ? ? A DT 9  D DG 10 1_555 ? ? ? ? ? ? TYPE_28_PAIR    ? ? ? 
hydrog19 hydrog ? ? A DT 10 N3 ? ? ? 1_555 B DA 5 N1 ? ? A DT 10 B DA 5  1_555 ? ? ? ? ? ? WATSON-CRICK    ? ? ? 
hydrog20 hydrog ? ? A DT 10 O4 ? ? ? 1_555 B DA 5 N6 ? ? A DT 10 B DA 5  1_555 ? ? ? ? ? ? WATSON-CRICK    ? ? ? 
hydrog21 hydrog ? ? A DG 11 N1 ? ? ? 1_555 B DC 4 N3 ? ? A DG 11 B DC 4  1_555 ? ? ? ? ? ? WATSON-CRICK    ? ? ? 
hydrog22 hydrog ? ? A DG 11 N2 ? ? ? 1_555 B DC 4 O2 ? ? A DG 11 B DC 4  1_555 ? ? ? ? ? ? WATSON-CRICK    ? ? ? 
hydrog23 hydrog ? ? A DG 11 O6 ? ? ? 1_555 B DC 4 N4 ? ? A DG 11 B DC 4  1_555 ? ? ? ? ? ? WATSON-CRICK    ? ? ? 
hydrog24 hydrog ? ? A DA 12 N1 ? ? ? 1_555 B DT 3 N3 ? ? A DA 12 B DT 3  1_555 ? ? ? ? ? ? WATSON-CRICK    ? ? ? 
hydrog25 hydrog ? ? A DA 12 N6 ? ? ? 1_555 B DT 3 O4 ? ? A DA 12 B DT 3  1_555 ? ? ? ? ? ? WATSON-CRICK    ? ? ? 
hydrog26 hydrog ? ? A DC 13 N3 ? ? ? 1_555 B DG 2 N1 ? ? A DC 13 B DG 2  1_555 ? ? ? ? ? ? WATSON-CRICK    ? ? ? 
hydrog27 hydrog ? ? A DC 13 N4 ? ? ? 1_555 B DG 2 O6 ? ? A DC 13 B DG 2  1_555 ? ? ? ? ? ? WATSON-CRICK    ? ? ? 
hydrog28 hydrog ? ? A DC 13 O2 ? ? ? 1_555 B DG 2 N2 ? ? A DC 13 B DG 2  1_555 ? ? ? ? ? ? WATSON-CRICK    ? ? ? 
hydrog29 hydrog ? ? A DA 14 N1 ? ? ? 1_555 B DT 1 N3 ? ? A DA 14 B DT 1  1_555 ? ? ? ? ? ? WATSON-CRICK    ? ? ? 
hydrog30 hydrog ? ? A DA 14 N6 ? ? ? 1_555 B DT 1 O4 ? ? A DA 14 B DT 1  1_555 ? ? ? ? ? ? WATSON-CRICK    ? ? ? 
hydrog31 hydrog ? ? A DC 15 N3 ? ? ? 1_555 C DA 9 N6 ? ? A DC 15 C DA 9  1_555 ? ? ? ? ? ? 'DC-DA MISPAIR' ? ? ? 
hydrog32 hydrog ? ? A DC 16 N3 ? ? ? 1_555 C DG 8 N1 ? ? A DC 16 C DG 8  1_555 ? ? ? ? ? ? WATSON-CRICK    ? ? ? 
hydrog33 hydrog ? ? A DC 16 N4 ? ? ? 1_555 C DG 8 O6 ? ? A DC 16 C DG 8  1_555 ? ? ? ? ? ? WATSON-CRICK    ? ? ? 
hydrog34 hydrog ? ? A DC 16 O2 ? ? ? 1_555 C DG 8 N2 ? ? A DC 16 C DG 8  1_555 ? ? ? ? ? ? WATSON-CRICK    ? ? ? 
hydrog35 hydrog ? ? A DA 17 N1 ? ? ? 1_555 C DT 7 N3 ? ? A DA 17 C DT 7  1_555 ? ? ? ? ? ? WATSON-CRICK    ? ? ? 
hydrog36 hydrog ? ? A DA 17 N6 ? ? ? 1_555 C DT 7 O4 ? ? A DA 17 C DT 7  1_555 ? ? ? ? ? ? WATSON-CRICK    ? ? ? 
hydrog37 hydrog ? ? A DC 18 N3 ? ? ? 1_555 C DG 6 N1 ? ? A DC 18 C DG 6  1_555 ? ? ? ? ? ? WATSON-CRICK    ? ? ? 
hydrog38 hydrog ? ? A DC 18 N4 ? ? ? 1_555 C DG 6 O6 ? ? A DC 18 C DG 6  1_555 ? ? ? ? ? ? WATSON-CRICK    ? ? ? 
hydrog39 hydrog ? ? A DC 18 O2 ? ? ? 1_555 C DG 6 N2 ? ? A DC 18 C DG 6  1_555 ? ? ? ? ? ? WATSON-CRICK    ? ? ? 
hydrog40 hydrog ? ? A DT 19 N3 ? ? ? 1_555 C DA 5 N1 ? ? A DT 19 C DA 5  1_555 ? ? ? ? ? ? WATSON-CRICK    ? ? ? 
hydrog41 hydrog ? ? A DT 19 O4 ? ? ? 1_555 C DA 5 N6 ? ? A DT 19 C DA 5  1_555 ? ? ? ? ? ? WATSON-CRICK    ? ? ? 
hydrog42 hydrog ? ? A DC 20 N3 ? ? ? 1_555 C DG 4 N1 ? ? A DC 20 C DG 4  1_555 ? ? ? ? ? ? WATSON-CRICK    ? ? ? 
hydrog43 hydrog ? ? A DC 20 N4 ? ? ? 1_555 C DG 4 O6 ? ? A DC 20 C DG 4  1_555 ? ? ? ? ? ? WATSON-CRICK    ? ? ? 
hydrog44 hydrog ? ? A DC 20 O2 ? ? ? 1_555 C DG 4 N2 ? ? A DC 20 C DG 4  1_555 ? ? ? ? ? ? WATSON-CRICK    ? ? ? 
hydrog45 hydrog ? ? A DA 21 N1 ? ? ? 1_555 C DT 3 N3 ? ? A DA 21 C DT 3  1_555 ? ? ? ? ? ? WATSON-CRICK    ? ? ? 
hydrog46 hydrog ? ? A DA 21 N6 ? ? ? 1_555 C DT 3 O4 ? ? A DA 21 C DT 3  1_555 ? ? ? ? ? ? WATSON-CRICK    ? ? ? 
# 
_struct_conn_type.id          hydrog 
_struct_conn_type.criteria    ? 
_struct_conn_type.reference   ? 
# 
_atom_sites.entry_id                    6WRJ 
_atom_sites.Cartn_transf_matrix[1][1]   ? 
_atom_sites.Cartn_transf_matrix[1][2]   ? 
_atom_sites.Cartn_transf_matrix[1][3]   ? 
_atom_sites.Cartn_transf_matrix[2][1]   ? 
_atom_sites.Cartn_transf_matrix[2][2]   ? 
_atom_sites.Cartn_transf_matrix[2][3]   ? 
_atom_sites.Cartn_transf_matrix[3][1]   ? 
_atom_sites.Cartn_transf_matrix[3][2]   ? 
_atom_sites.Cartn_transf_matrix[3][3]   ? 
_atom_sites.Cartn_transf_vector[1]      ? 
_atom_sites.Cartn_transf_vector[2]      ? 
_atom_sites.Cartn_transf_vector[3]      ? 
_atom_sites.fract_transf_matrix[1][1]   0.01525332 
_atom_sites.fract_transf_matrix[1][2]   0.00630434 
_atom_sites.fract_transf_matrix[1][3]   -0.00436475 
_atom_sites.fract_transf_matrix[2][1]   0.00604002 
_atom_sites.fract_transf_matrix[2][2]   -0.00242488 
_atom_sites.fract_transf_matrix[2][3]   -0.01578371 
_atom_sites.fract_transf_matrix[3][1]   -0.00718961 
_atom_sites.fract_transf_matrix[3][2]   0.01400115 
_atom_sites.fract_transf_matrix[3][3]   -0.00490230 
_atom_sites.fract_transf_vector[1]      -1.270794 
_atom_sites.fract_transf_vector[2]      -1.640449 
_atom_sites.fract_transf_vector[3]      1.324140 
_atom_sites.solution_primary            ? 
_atom_sites.solution_secondary          ? 
_atom_sites.solution_hydrogens          ? 
_atom_sites.special_details             ? 
# 
loop_
_atom_type.symbol 
C 
N 
O 
P 
# 
loop_
_atom_site.group_PDB 
_atom_site.id 
_atom_site.type_symbol 
_atom_site.label_atom_id 
_atom_site.label_alt_id 
_atom_site.label_comp_id 
_atom_site.label_asym_id 
_atom_site.label_entity_id 
_atom_site.label_seq_id 
_atom_site.pdbx_PDB_ins_code 
_atom_site.Cartn_x 
_atom_site.Cartn_y 
_atom_site.Cartn_z 
_atom_site.occupancy 
_atom_site.B_iso_or_equiv 
_atom_site.pdbx_formal_charge 
_atom_site.auth_seq_id 
_atom_site.auth_comp_id 
_atom_site.auth_asym_id 
_atom_site.auth_atom_id 
_atom_site.pdbx_PDB_model_num 
ATOM 1   O "O5'" . DG A 1 1  ? -13.717 -13.696 -29.722 1.00 163.59 ? 1  DG A "O5'" 1 
ATOM 2   C "C5'" . DG A 1 1  ? -13.649 -15.049 -30.191 1.00 165.47 ? 1  DG A "C5'" 1 
ATOM 3   C "C4'" . DG A 1 1  ? -12.257 -15.626 -29.972 1.00 164.49 ? 1  DG A "C4'" 1 
ATOM 4   O "O4'" . DG A 1 1  ? -11.330 -15.056 -30.939 1.00 153.07 ? 1  DG A "O4'" 1 
ATOM 5   C "C3'" . DG A 1 1  ? -11.653 -15.346 -28.584 1.00 167.20 ? 1  DG A "C3'" 1 
ATOM 6   O "O3'" . DG A 1 1  ? -11.215 -16.557 -27.976 1.00 172.22 ? 1  DG A "O3'" 1 
ATOM 7   C "C2'" . DG A 1 1  ? -10.480 -14.409 -28.873 1.00 158.40 ? 1  DG A "C2'" 1 
ATOM 8   C "C1'" . DG A 1 1  ? -10.106 -14.796 -30.292 1.00 151.88 ? 1  DG A "C1'" 1 
ATOM 9   N N9    . DG A 1 1  ? -9.401  -13.730 -30.991 1.00 145.31 ? 1  DG A N9    1 
ATOM 10  C C8    . DG A 1 1  ? -9.902  -12.504 -31.353 1.00 143.50 ? 1  DG A C8    1 
ATOM 11  N N7    . DG A 1 1  ? -9.029  -11.739 -31.947 1.00 139.26 ? 1  DG A N7    1 
ATOM 12  C C5    . DG A 1 1  ? -7.870  -12.505 -31.974 1.00 140.70 ? 1  DG A C5    1 
ATOM 13  C C6    . DG A 1 1  ? -6.589  -12.203 -32.496 1.00 136.96 ? 1  DG A C6    1 
ATOM 14  O O6    . DG A 1 1  ? -6.211  -11.161 -33.050 1.00 134.13 ? 1  DG A O6    1 
ATOM 15  N N1    . DG A 1 1  ? -5.699  -13.261 -32.321 1.00 138.43 ? 1  DG A N1    1 
ATOM 16  C C2    . DG A 1 1  ? -6.006  -14.458 -31.714 1.00 144.50 ? 1  DG A C2    1 
ATOM 17  N N2    . DG A 1 1  ? -5.013  -15.354 -31.634 1.00 143.70 ? 1  DG A N2    1 
ATOM 18  N N3    . DG A 1 1  ? -7.203  -14.754 -31.219 1.00 145.10 ? 1  DG A N3    1 
ATOM 19  C C4    . DG A 1 1  ? -8.082  -13.734 -31.385 1.00 145.07 ? 1  DG A C4    1 
ATOM 20  P P     . DA A 1 2  ? -10.705 -16.564 -26.450 1.00 177.10 ? 2  DA A P     1 
ATOM 21  O OP1   . DA A 1 2  ? -11.288 -17.748 -25.782 1.00 175.58 ? 2  DA A OP1   1 
ATOM 22  O OP2   . DA A 1 2  ? -10.940 -15.222 -25.879 1.00 173.83 ? 2  DA A OP2   1 
ATOM 23  O "O5'" . DA A 1 2  ? -9.124  -16.768 -26.577 1.00 160.33 ? 2  DA A "O5'" 1 
ATOM 24  C "C5'" . DA A 1 2  ? -8.606  -17.838 -27.368 1.00 149.01 ? 2  DA A "C5'" 1 
ATOM 25  C "C4'" . DA A 1 2  ? -7.096  -17.753 -27.473 1.00 150.37 ? 2  DA A "C4'" 1 
ATOM 26  O "O4'" . DA A 1 2  ? -6.732  -16.660 -28.356 1.00 152.99 ? 2  DA A "O4'" 1 
ATOM 27  C "C3'" . DA A 1 2  ? -6.386  -17.489 -26.148 1.00 147.91 ? 2  DA A "C3'" 1 
ATOM 28  O "O3'" . DA A 1 2  ? -5.221  -18.285 -26.040 1.00 154.96 ? 2  DA A "O3'" 1 
ATOM 29  C "C2'" . DA A 1 2  ? -6.050  -16.003 -26.210 1.00 142.93 ? 2  DA A "C2'" 1 
ATOM 30  C "C1'" . DA A 1 2  ? -5.848  -15.779 -27.699 1.00 143.14 ? 2  DA A "C1'" 1 
ATOM 31  N N9    . DA A 1 2  ? -6.171  -14.419 -28.110 1.00 142.77 ? 2  DA A N9    1 
ATOM 32  C C8    . DA A 1 2  ? -7.390  -13.815 -28.041 1.00 142.66 ? 2  DA A C8    1 
ATOM 33  N N7    . DA A 1 2  ? -7.396  -12.578 -28.480 1.00 141.52 ? 2  DA A N7    1 
ATOM 34  C C5    . DA A 1 2  ? -6.084  -12.354 -28.858 1.00 141.33 ? 2  DA A C5    1 
ATOM 35  C C6    . DA A 1 2  ? -5.430  -11.228 -29.405 1.00 139.25 ? 2  DA A C6    1 
ATOM 36  N N6    . DA A 1 2  ? -6.048  -10.074 -29.674 1.00 138.82 ? 2  DA A N6    1 
ATOM 37  N N1    . DA A 1 2  ? -4.111  -11.338 -29.666 1.00 137.03 ? 2  DA A N1    1 
ATOM 38  C C2    . DA A 1 2  ? -3.495  -12.498 -29.398 1.00 144.44 ? 2  DA A C2    1 
ATOM 39  N N3    . DA A 1 2  ? -4.002  -13.619 -28.882 1.00 147.06 ? 2  DA A N3    1 
ATOM 40  C C4    . DA A 1 2  ? -5.313  -13.479 -28.634 1.00 143.35 ? 2  DA A C4    1 
ATOM 41  P P     . DG A 1 3  ? -4.336  -18.221 -24.700 1.00 163.69 ? 3  DG A P     1 
ATOM 42  O OP1   . DG A 1 3  ? -3.696  -19.542 -24.508 1.00 167.81 ? 3  DG A OP1   1 
ATOM 43  O OP2   . DG A 1 3  ? -5.194  -17.670 -23.627 1.00 155.40 ? 3  DG A OP2   1 
ATOM 44  O "O5'" . DG A 1 3  ? -3.214  -17.134 -25.040 1.00 145.41 ? 3  DG A "O5'" 1 
ATOM 45  C "C5'" . DG A 1 3  ? -2.360  -17.325 -26.159 1.00 146.32 ? 3  DG A "C5'" 1 
ATOM 46  C "C4'" . DG A 1 3  ? -1.246  -16.297 -26.165 1.00 141.55 ? 3  DG A "C4'" 1 
ATOM 47  O "O4'" . DG A 1 3  ? -1.732  -15.053 -26.737 1.00 147.74 ? 3  DG A "O4'" 1 
ATOM 48  C "C3'" . DG A 1 3  ? -0.692  -15.941 -24.786 1.00 142.82 ? 3  DG A "C3'" 1 
ATOM 49  O "O3'" . DG A 1 3  ? 0.719   -15.835 -24.850 1.00 140.46 ? 3  DG A "O3'" 1 
ATOM 50  C "C2'" . DG A 1 3  ? -1.344  -14.591 -24.489 1.00 147.06 ? 3  DG A "C2'" 1 
ATOM 51  C "C1'" . DG A 1 3  ? -1.410  -13.982 -25.879 1.00 145.06 ? 3  DG A "C1'" 1 
ATOM 52  N N9    . DG A 1 3  ? -2.434  -12.947 -26.026 1.00 137.72 ? 3  DG A N9    1 
ATOM 53  C C8    . DG A 1 3  ? -3.773  -13.068 -25.747 1.00 139.63 ? 3  DG A C8    1 
ATOM 54  N N7    . DG A 1 3  ? -4.455  -11.982 -25.981 1.00 134.76 ? 3  DG A N7    1 
ATOM 55  C C5    . DG A 1 3  ? -3.509  -11.079 -26.450 1.00 132.93 ? 3  DG A C5    1 
ATOM 56  C C6    . DG A 1 3  ? -3.661  -9.737  -26.868 1.00 133.71 ? 3  DG A C6    1 
ATOM 57  O O6    . DG A 1 3  ? -4.697  -9.059  -26.903 1.00 133.71 ? 3  DG A O6    1 
ATOM 58  N N1    . DG A 1 3  ? -2.450  -9.180  -27.272 1.00 134.61 ? 3  DG A N1    1 
ATOM 59  C C2    . DG A 1 3  ? -1.242  -9.839  -27.273 1.00 134.75 ? 3  DG A C2    1 
ATOM 60  N N2    . DG A 1 3  ? -0.178  -9.137  -27.695 1.00 134.42 ? 3  DG A N2    1 
ATOM 61  N N3    . DG A 1 3  ? -1.085  -11.101 -26.884 1.00 133.40 ? 3  DG A N3    1 
ATOM 62  C C4    . DG A 1 3  ? -2.258  -11.657 -26.487 1.00 133.43 ? 3  DG A C4    1 
ATOM 63  P P     . DC A 1 4  ? 1.610   -16.079 -23.537 1.00 161.81 ? 4  DC A P     1 
ATOM 64  O OP1   . DC A 1 4  ? 1.772   -17.541 -23.369 1.00 155.37 ? 4  DC A OP1   1 
ATOM 65  O OP2   . DC A 1 4  ? 1.030   -15.271 -22.438 1.00 163.08 ? 4  DC A OP2   1 
ATOM 66  O "O5'" . DC A 1 4  ? 3.024   -15.438 -23.913 1.00 144.80 ? 4  DC A "O5'" 1 
ATOM 67  C "C5'" . DC A 1 4  ? 3.159   -14.675 -25.100 1.00 141.51 ? 4  DC A "C5'" 1 
ATOM 68  C "C4'" . DC A 1 4  ? 3.535   -13.235 -24.786 1.00 142.20 ? 4  DC A "C4'" 1 
ATOM 69  O "O4'" . DC A 1 4  ? 2.401   -12.370 -25.010 1.00 142.03 ? 4  DC A "O4'" 1 
ATOM 70  C "C3'" . DC A 1 4  ? 4.001   -12.970 -23.351 1.00 141.43 ? 4  DC A "C3'" 1 
ATOM 71  O "O3'" . DC A 1 4  ? 5.344   -12.475 -23.384 1.00 147.40 ? 4  DC A "O3'" 1 
ATOM 72  C "C2'" . DC A 1 4  ? 2.996   -11.933 -22.809 1.00 140.84 ? 4  DC A "C2'" 1 
ATOM 73  C "C1'" . DC A 1 4  ? 2.442   -11.318 -24.083 1.00 141.89 ? 4  DC A "C1'" 1 
ATOM 74  N N1    . DC A 1 4  ? 1.056   -10.774 -23.953 1.00 136.02 ? 4  DC A N1    1 
ATOM 75  C C2    . DC A 1 4  ? 0.794   -9.448  -24.322 1.00 131.64 ? 4  DC A C2    1 
ATOM 76  O O2    . DC A 1 4  ? 1.723   -8.741  -24.729 1.00 134.68 ? 4  DC A O2    1 
ATOM 77  N N3    . DC A 1 4  ? -0.474  -8.975  -24.219 1.00 129.24 ? 4  DC A N3    1 
ATOM 78  C C4    . DC A 1 4  ? -1.449  -9.773  -23.777 1.00 132.38 ? 4  DC A C4    1 
ATOM 79  N N4    . DC A 1 4  ? -2.683  -9.266  -23.692 1.00 124.20 ? 4  DC A N4    1 
ATOM 80  C C5    . DC A 1 4  ? -1.201  -11.128 -23.403 1.00 131.75 ? 4  DC A C5    1 
ATOM 81  C C6    . DC A 1 4  ? 0.052   -11.582 -23.510 1.00 133.44 ? 4  DC A C6    1 
ATOM 82  P P     . DA A 1 5  ? 5.948   -11.583 -22.191 1.00 149.68 ? 5  DA A P     1 
ATOM 83  O OP1   . DA A 1 5  ? 7.420   -11.670 -22.311 1.00 147.57 ? 5  DA A OP1   1 
ATOM 84  O OP2   . DA A 1 5  ? 5.311   -11.934 -20.901 1.00 152.32 ? 5  DA A OP2   1 
ATOM 85  O "O5'" . DA A 1 5  ? 5.527   -10.098 -22.587 1.00 139.61 ? 5  DA A "O5'" 1 
ATOM 86  C "C5'" . DA A 1 5  ? 6.363   -9.335  -23.444 1.00 141.91 ? 5  DA A "C5'" 1 
ATOM 87  C "C4'" . DA A 1 5  ? 6.440   -7.896  -22.971 1.00 143.92 ? 5  DA A "C4'" 1 
ATOM 88  O "O4'" . DA A 1 5  ? 5.099   -7.359  -22.877 1.00 147.65 ? 5  DA A "O4'" 1 
ATOM 89  C "C3'" . DA A 1 5  ? 7.066   -7.693  -21.596 1.00 139.41 ? 5  DA A "C3'" 1 
ATOM 90  O "O3'" . DA A 1 5  ? 7.704   -6.423  -21.540 1.00 138.78 ? 5  DA A "O3'" 1 
ATOM 91  C "C2'" . DA A 1 5  ? 5.858   -7.755  -20.665 1.00 137.28 ? 5  DA A "C2'" 1 
ATOM 92  C "C1'" . DA A 1 5  ? 4.749   -7.149  -21.523 1.00 140.66 ? 5  DA A "C1'" 1 
ATOM 93  N N9    . DA A 1 5  ? 3.442   -7.755  -21.287 1.00 133.32 ? 5  DA A N9    1 
ATOM 94  C C8    . DA A 1 5  ? 3.186   -9.041  -20.896 1.00 134.35 ? 5  DA A C8    1 
ATOM 95  N N7    . DA A 1 5  ? 1.907   -9.309  -20.761 1.00 132.08 ? 5  DA A N7    1 
ATOM 96  C C5    . DA A 1 5  ? 1.282   -8.112  -21.082 1.00 130.37 ? 5  DA A C5    1 
ATOM 97  C C6    . DA A 1 5  ? -0.076  -7.728  -21.133 1.00 127.79 ? 5  DA A C6    1 
ATOM 98  N N6    . DA A 1 5  ? -1.092  -8.553  -20.846 1.00 123.52 ? 5  DA A N6    1 
ATOM 99  N N1    . DA A 1 5  ? -0.351  -6.456  -21.491 1.00 127.34 ? 5  DA A N1    1 
ATOM 100 C C2    . DA A 1 5  ? 0.665   -5.633  -21.778 1.00 129.94 ? 5  DA A C2    1 
ATOM 101 N N3    . DA A 1 5  ? 1.974   -5.878  -21.766 1.00 125.33 ? 5  DA A N3    1 
ATOM 102 C C4    . DA A 1 5  ? 2.218   -7.146  -21.406 1.00 129.07 ? 5  DA A C4    1 
ATOM 103 P P     . DG A 1 6  ? 8.705   -6.050  -20.338 1.00 146.34 ? 6  DG A P     1 
ATOM 104 O OP1   . DG A 1 6  ? 10.048  -5.847  -20.929 1.00 146.27 ? 6  DG A OP1   1 
ATOM 105 O OP2   . DG A 1 6  ? 8.525   -7.016  -19.229 1.00 146.19 ? 6  DG A OP2   1 
ATOM 106 O "O5'" . DG A 1 6  ? 8.164   -4.633  -19.842 1.00 143.50 ? 6  DG A "O5'" 1 
ATOM 107 C "C5'" . DG A 1 6  ? 7.636   -3.720  -20.787 1.00 140.62 ? 6  DG A "C5'" 1 
ATOM 108 C "C4'" . DG A 1 6  ? 6.380   -3.048  -20.257 1.00 149.62 ? 6  DG A "C4'" 1 
ATOM 109 O "O4'" . DG A 1 6  ? 5.287   -3.998  -20.186 1.00 148.48 ? 6  DG A "O4'" 1 
ATOM 110 C "C3'" . DG A 1 6  ? 6.500   -2.438  -18.852 1.00 143.24 ? 6  DG A "C3'" 1 
ATOM 111 O "O3'" . DG A 1 6  ? 6.178   -1.059  -18.910 1.00 150.02 ? 6  DG A "O3'" 1 
ATOM 112 C "C2'" . DG A 1 6  ? 5.467   -3.217  -18.028 1.00 134.29 ? 6  DG A "C2'" 1 
ATOM 113 C "C1'" . DG A 1 6  ? 4.480   -3.630  -19.102 1.00 139.19 ? 6  DG A "C1'" 1 
ATOM 114 N N9    . DG A 1 6  ? 3.619   -4.751  -18.724 1.00 134.63 ? 6  DG A N9    1 
ATOM 115 C C8    . DG A 1 6  ? 4.011   -6.017  -18.362 1.00 134.79 ? 6  DG A C8    1 
ATOM 116 N N7    . DG A 1 6  ? 3.015   -6.807  -18.073 1.00 125.98 ? 6  DG A N7    1 
ATOM 117 C C5    . DG A 1 6  ? 1.888   -6.014  -18.251 1.00 124.45 ? 6  DG A C5    1 
ATOM 118 C C6    . DG A 1 6  ? 0.517   -6.328  -18.085 1.00 123.31 ? 6  DG A C6    1 
ATOM 119 O O6    . DG A 1 6  ? 0.013   -7.401  -17.734 1.00 121.27 ? 6  DG A O6    1 
ATOM 120 N N1    . DG A 1 6  ? -0.299  -5.237  -18.370 1.00 118.38 ? 6  DG A N1    1 
ATOM 121 C C2    . DG A 1 6  ? 0.154   -4.001  -18.769 1.00 123.98 ? 6  DG A C2    1 
ATOM 122 N N2    . DG A 1 6  ? -0.780  -3.067  -18.997 1.00 127.51 ? 6  DG A N2    1 
ATOM 123 N N3    . DG A 1 6  ? 1.437   -3.696  -18.923 1.00 123.51 ? 6  DG A N3    1 
ATOM 124 C C4    . DG A 1 6  ? 2.244   -4.749  -18.653 1.00 126.14 ? 6  DG A C4    1 
ATOM 125 P P     . DA A 1 7  ? 6.574   -0.070  -17.706 1.00 173.09 ? 7  DA A P     1 
ATOM 126 O OP1   . DA A 1 7  ? 7.492   0.953   -18.260 1.00 171.77 ? 7  DA A OP1   1 
ATOM 127 O OP2   . DA A 1 7  ? 7.004   -0.881  -16.545 1.00 160.32 ? 7  DA A OP2   1 
ATOM 128 O "O5'" . DA A 1 7  ? 5.183   0.617   -17.323 1.00 154.44 ? 7  DA A "O5'" 1 
ATOM 129 C "C5'" . DA A 1 7  ? 4.282   1.001   -18.349 1.00 149.22 ? 7  DA A "C5'" 1 
ATOM 130 C "C4'" . DA A 1 7  ? 2.851   0.963   -17.850 1.00 150.50 ? 7  DA A "C4'" 1 
ATOM 131 O "O4'" . DA A 1 7  ? 2.397   -0.406  -17.777 1.00 146.38 ? 7  DA A "O4'" 1 
ATOM 132 C "C3'" . DA A 1 7  ? 2.639   1.564   -16.460 1.00 150.74 ? 7  DA A "C3'" 1 
ATOM 133 O "O3'" . DA A 1 7  ? 1.797   2.707   -16.551 1.00 154.70 ? 7  DA A "O3'" 1 
ATOM 134 C "C2'" . DA A 1 7  ? 1.991   0.438   -15.641 1.00 141.30 ? 7  DA A "C2'" 1 
ATOM 135 C "C1'" . DA A 1 7  ? 1.505   -0.537  -16.705 1.00 136.30 ? 7  DA A "C1'" 1 
ATOM 136 N N9    . DA A 1 7  ? 1.532   -1.932  -16.273 1.00 129.69 ? 7  DA A N9    1 
ATOM 137 C C8    . DA A 1 7  ? 2.635   -2.731  -16.156 1.00 131.16 ? 7  DA A C8    1 
ATOM 138 N N7    . DA A 1 7  ? 2.366   -3.950  -15.754 1.00 122.97 ? 7  DA A N7    1 
ATOM 139 C C5    . DA A 1 7  ? 0.992   -3.953  -15.600 1.00 124.71 ? 7  DA A C5    1 
ATOM 140 C C6    . DA A 1 7  ? 0.087   -4.953  -15.193 1.00 122.01 ? 7  DA A C6    1 
ATOM 141 N N6    . DA A 1 7  ? 0.466   -6.189  -14.860 1.00 120.05 ? 7  DA A N6    1 
ATOM 142 N N1    . DA A 1 7  ? -1.224  -4.632  -15.145 1.00 116.29 ? 7  DA A N1    1 
ATOM 143 C C2    . DA A 1 7  ? -1.596  -3.391  -15.485 1.00 121.19 ? 7  DA A C2    1 
ATOM 144 N N3    . DA A 1 7  ? -0.836  -2.365  -15.880 1.00 124.54 ? 7  DA A N3    1 
ATOM 145 C C4    . DA A 1 7  ? 0.459   -2.717  -15.917 1.00 125.76 ? 7  DA A C4    1 
ATOM 146 P P     . DC A 1 8  ? 1.571   3.658   -15.276 1.00 162.05 ? 8  DC A P     1 
ATOM 147 O OP1   . DC A 1 8  ? 1.204   5.001   -15.779 1.00 159.64 ? 8  DC A OP1   1 
ATOM 148 O OP2   . DC A 1 8  ? 2.725   3.505   -14.357 1.00 146.52 ? 8  DC A OP2   1 
ATOM 149 O "O5'" . DC A 1 8  ? 0.290   3.024   -14.577 1.00 141.32 ? 8  DC A "O5'" 1 
ATOM 150 C "C5'" . DC A 1 8  ? -0.809  2.623   -15.374 1.00 136.25 ? 8  DC A "C5'" 1 
ATOM 151 C "C4'" . DC A 1 8  ? -1.787  1.812   -14.554 1.00 142.08 ? 8  DC A "C4'" 1 
ATOM 152 O "O4'" . DC A 1 8  ? -1.335  0.441   -14.468 1.00 141.99 ? 8  DC A "O4'" 1 
ATOM 153 C "C3'" . DC A 1 8  ? -1.958  2.295   -13.112 1.00 148.75 ? 8  DC A "C3'" 1 
ATOM 154 O "O3'" . DC A 1 8  ? -3.307  2.649   -12.880 1.00 152.63 ? 8  DC A "O3'" 1 
ATOM 155 C "C2'" . DC A 1 8  ? -1.526  1.099   -12.250 1.00 142.66 ? 8  DC A "C2'" 1 
ATOM 156 C "C1'" . DC A 1 8  ? -1.688  -0.065  -13.208 1.00 130.52 ? 8  DC A "C1'" 1 
ATOM 157 N N1    . DC A 1 8  ? -0.802  -1.216  -12.897 1.00 127.00 ? 8  DC A N1    1 
ATOM 158 C C2    . DC A 1 8  ? -1.357  -2.401  -12.414 1.00 121.44 ? 8  DC A C2    1 
ATOM 159 O O2    . DC A 1 8  ? -2.580  -2.464  -12.257 1.00 119.48 ? 8  DC A O2    1 
ATOM 160 N N3    . DC A 1 8  ? -0.538  -3.444  -12.140 1.00 120.28 ? 8  DC A N3    1 
ATOM 161 C C4    . DC A 1 8  ? 0.778   -3.328  -12.331 1.00 123.79 ? 8  DC A C4    1 
ATOM 162 N N4    . DC A 1 8  ? 1.548   -4.382  -12.046 1.00 125.32 ? 8  DC A N4    1 
ATOM 163 C C5    . DC A 1 8  ? 1.361   -2.125  -12.820 1.00 124.49 ? 8  DC A C5    1 
ATOM 164 C C6    . DC A 1 8  ? 0.541   -1.105  -13.084 1.00 124.96 ? 8  DC A C6    1 
ATOM 165 P P     . DT A 1 9  ? -3.767  3.140   -11.422 1.00 168.43 ? 9  DT A P     1 
ATOM 166 O OP1   . DT A 1 9  ? -4.908  4.065   -11.600 1.00 160.14 ? 9  DT A OP1   1 
ATOM 167 O OP2   . DT A 1 9  ? -2.564  3.592   -10.681 1.00 153.48 ? 9  DT A OP2   1 
ATOM 168 O "O5'" . DT A 1 9  ? -4.300  1.803   -10.736 1.00 142.54 ? 9  DT A "O5'" 1 
ATOM 169 C "C5'" . DT A 1 9  ? -5.268  1.009   -11.400 1.00 131.99 ? 9  DT A "C5'" 1 
ATOM 170 C "C4'" . DT A 1 9  ? -5.664  -0.166  -10.534 1.00 129.82 ? 9  DT A "C4'" 1 
ATOM 171 O "O4'" . DT A 1 9  ? -4.583  -1.139  -10.504 1.00 128.75 ? 9  DT A "O4'" 1 
ATOM 172 C "C3'" . DT A 1 9  ? -5.947  0.192   -9.072  1.00 133.31 ? 9  DT A "C3'" 1 
ATOM 173 O "O3'" . DT A 1 9  ? -7.126  -0.464  -8.630  1.00 145.16 ? 9  DT A "O3'" 1 
ATOM 174 C "C2'" . DT A 1 9  ? -4.712  -0.331  -8.343  1.00 129.03 ? 9  DT A "C2'" 1 
ATOM 175 C "C1'" . DT A 1 9  ? -4.397  -1.556  -9.175  1.00 125.12 ? 9  DT A "C1'" 1 
ATOM 176 N N1    . DT A 1 9  ? -2.998  -2.073  -8.998  1.00 128.08 ? 9  DT A N1    1 
ATOM 177 C C2    . DT A 1 9  ? -2.813  -3.345  -8.501  1.00 120.44 ? 9  DT A C2    1 
ATOM 178 O O2    . DT A 1 9  ? -3.734  -4.090  -8.208  1.00 118.44 ? 9  DT A O2    1 
ATOM 179 N N3    . DT A 1 9  ? -1.503  -3.724  -8.369  1.00 114.46 ? 9  DT A N3    1 
ATOM 180 C C4    . DT A 1 9  ? -0.382  -2.975  -8.669  1.00 116.47 ? 9  DT A C4    1 
ATOM 181 O O4    . DT A 1 9  ? 0.756   -3.406  -8.512  1.00 121.26 ? 9  DT A O4    1 
ATOM 182 C C5    . DT A 1 9  ? -0.643  -1.648  -9.177  1.00 117.38 ? 9  DT A C5    1 
ATOM 183 C C7    . DT A 1 9  ? 0.496   -0.744  -9.535  1.00 113.27 ? 9  DT A C7    1 
ATOM 184 C C6    . DT A 1 9  ? -1.923  -1.263  -9.313  1.00 120.72 ? 9  DT A C6    1 
ATOM 185 P P     . DT A 1 10 ? -7.507  -0.484  -7.068  1.00 147.68 ? 10 DT A P     1 
ATOM 186 O OP1   . DT A 1 10 ? -8.956  -0.776  -6.960  1.00 137.35 ? 10 DT A OP1   1 
ATOM 187 O OP2   . DT A 1 10 ? -6.940  0.736   -6.444  1.00 141.70 ? 10 DT A OP2   1 
ATOM 188 O "O5'" . DT A 1 10 ? -6.706  -1.742  -6.497  1.00 135.96 ? 10 DT A "O5'" 1 
ATOM 189 C "C5'" . DT A 1 10 ? -7.030  -3.051  -6.942  1.00 139.02 ? 10 DT A "C5'" 1 
ATOM 190 C "C4'" . DT A 1 10 ? -7.468  -3.928  -5.781  1.00 140.23 ? 10 DT A "C4'" 1 
ATOM 191 O "O4'" . DT A 1 10 ? -6.360  -4.750  -5.337  1.00 133.18 ? 10 DT A "O4'" 1 
ATOM 192 C "C3'" . DT A 1 10 ? -7.930  -3.179  -4.546  1.00 138.38 ? 10 DT A "C3'" 1 
ATOM 193 O "O3'" . DT A 1 10 ? -8.854  -3.974  -3.832  1.00 145.75 ? 10 DT A "O3'" 1 
ATOM 194 C "C2'" . DT A 1 10 ? -6.629  -2.996  -3.769  1.00 134.22 ? 10 DT A "C2'" 1 
ATOM 195 C "C1'" . DT A 1 10 ? -5.873  -4.285  -4.089  1.00 128.06 ? 10 DT A "C1'" 1 
ATOM 196 N N1    . DT A 1 10 ? -4.403  -4.100  -4.223  1.00 116.25 ? 10 DT A N1    1 
ATOM 197 C C2    . DT A 1 10 ? -3.557  -5.099  -3.801  1.00 115.39 ? 10 DT A C2    1 
ATOM 198 O O2    . DT A 1 10 ? -3.947  -6.141  -3.300  1.00 122.45 ? 10 DT A O2    1 
ATOM 199 N N3    . DT A 1 10 ? -2.226  -4.833  -3.982  1.00 110.04 ? 10 DT A N3    1 
ATOM 200 C C4    . DT A 1 10 ? -1.668  -3.696  -4.536  1.00 113.82 ? 10 DT A C4    1 
ATOM 201 O O4    . DT A 1 10 ? -0.454  -3.552  -4.657  1.00 111.71 ? 10 DT A O4    1 
ATOM 202 C C5    . DT A 1 10 ? -2.611  -2.691  -4.962  1.00 114.65 ? 10 DT A C5    1 
ATOM 203 C C7    . DT A 1 10 ? -2.125  -1.413  -5.577  1.00 114.99 ? 10 DT A C7    1 
ATOM 204 C C6    . DT A 1 10 ? -3.918  -2.939  -4.788  1.00 112.60 ? 10 DT A C6    1 
ATOM 205 P P     . DG A 1 11 ? -9.795  -3.302  -2.719  1.00 162.38 ? 11 DG A P     1 
ATOM 206 O OP1   . DG A 1 11 ? -11.196 -3.631  -3.064  1.00 155.91 ? 11 DG A OP1   1 
ATOM 207 O OP2   . DG A 1 11 ? -9.376  -1.890  -2.563  1.00 155.18 ? 11 DG A OP2   1 
ATOM 208 O "O5'" . DG A 1 11 ? -9.402  -4.074  -1.381  1.00 141.66 ? 11 DG A "O5'" 1 
ATOM 209 C "C5'" . DG A 1 11 ? -9.587  -5.474  -1.299  1.00 142.77 ? 11 DG A "C5'" 1 
ATOM 210 C "C4'" . DG A 1 11 ? -8.724  -6.053  -0.198  1.00 145.17 ? 11 DG A "C4'" 1 
ATOM 211 O "O4'" . DG A 1 11 ? -7.326  -5.947  -0.577  1.00 147.31 ? 11 DG A "O4'" 1 
ATOM 212 C "C3'" . DG A 1 11 ? -8.860  -5.356  1.156   1.00 143.00 ? 11 DG A "C3'" 1 
ATOM 213 O "O3'" . DG A 1 11 ? -8.963  -6.325  2.184   1.00 148.26 ? 11 DG A "O3'" 1 
ATOM 214 C "C2'" . DG A 1 11 ? -7.574  -4.537  1.270   1.00 131.92 ? 11 DG A "C2'" 1 
ATOM 215 C "C1'" . DG A 1 11 ? -6.589  -5.377  0.476   1.00 129.84 ? 11 DG A "C1'" 1 
ATOM 216 N N9    . DG A 1 11 ? -5.508  -4.590  -0.098  1.00 122.90 ? 11 DG A N9    1 
ATOM 217 C C8    . DG A 1 11 ? -5.616  -3.363  -0.698  1.00 124.30 ? 11 DG A C8    1 
ATOM 218 N N7    . DG A 1 11 ? -4.479  -2.889  -1.121  1.00 118.88 ? 11 DG A N7    1 
ATOM 219 C C5    . DG A 1 11 ? -3.555  -3.861  -0.770  1.00 114.47 ? 11 DG A C5    1 
ATOM 220 C C6    . DG A 1 11 ? -2.158  -3.902  -0.970  1.00 115.35 ? 11 DG A C6    1 
ATOM 221 O O6    . DG A 1 11 ? -1.440  -3.057  -1.511  1.00 124.99 ? 11 DG A O6    1 
ATOM 222 N N1    . DG A 1 11 ? -1.596  -5.070  -0.464  1.00 113.25 ? 11 DG A N1    1 
ATOM 223 C C2    . DG A 1 11 ? -2.305  -6.072  0.155   1.00 121.80 ? 11 DG A C2    1 
ATOM 224 N N2    . DG A 1 11 ? -1.602  -7.127  0.584   1.00 127.75 ? 11 DG A N2    1 
ATOM 225 N N3    . DG A 1 11 ? -3.616  -6.044  0.347   1.00 120.54 ? 11 DG A N3    1 
ATOM 226 C C4    . DG A 1 11 ? -4.173  -4.914  -0.139  1.00 119.70 ? 11 DG A C4    1 
ATOM 227 P P     . DA A 1 12 ? -9.166  -5.885  3.716   1.00 153.81 ? 12 DA A P     1 
ATOM 228 O OP1   . DA A 1 12 ? -10.274 -6.707  4.256   1.00 150.74 ? 12 DA A OP1   1 
ATOM 229 O OP2   . DA A 1 12 ? -9.239  -4.409  3.807   1.00 141.86 ? 12 DA A OP2   1 
ATOM 230 O "O5'" . DA A 1 12 ? -7.811  -6.364  4.407   1.00 143.02 ? 12 DA A "O5'" 1 
ATOM 231 C "C5'" . DA A 1 12 ? -7.294  -7.654  4.104   1.00 146.98 ? 12 DA A "C5'" 1 
ATOM 232 C "C4'" . DA A 1 12 ? -5.881  -7.801  4.620   1.00 139.88 ? 12 DA A "C4'" 1 
ATOM 233 O "O4'" . DA A 1 12 ? -4.969  -7.108  3.731   1.00 130.64 ? 12 DA A "O4'" 1 
ATOM 234 C "C3'" . DA A 1 12 ? -5.656  -7.224  6.015   1.00 135.22 ? 12 DA A "C3'" 1 
ATOM 235 O "O3'" . DA A 1 12 ? -4.976  -8.162  6.832   1.00 144.53 ? 12 DA A "O3'" 1 
ATOM 236 C "C2'" . DA A 1 12 ? -4.817  -5.977  5.766   1.00 131.74 ? 12 DA A "C2'" 1 
ATOM 237 C "C1'" . DA A 1 12 ? -4.078  -6.328  4.484   1.00 125.23 ? 12 DA A "C1'" 1 
ATOM 238 N N9    . DA A 1 12 ? -3.721  -5.149  3.701   1.00 124.48 ? 12 DA A N9    1 
ATOM 239 C C8    . DA A 1 12 ? -4.572  -4.185  3.237   1.00 128.10 ? 12 DA A C8    1 
ATOM 240 N N7    . DA A 1 12 ? -3.975  -3.227  2.570   1.00 124.21 ? 12 DA A N7    1 
ATOM 241 C C5    . DA A 1 12 ? -2.638  -3.585  2.598   1.00 118.53 ? 12 DA A C5    1 
ATOM 242 C C6    . DA A 1 12 ? -1.485  -2.977  2.067   1.00 118.86 ? 12 DA A C6    1 
ATOM 243 N N6    . DA A 1 12 ? -1.513  -1.835  1.375   1.00 116.98 ? 12 DA A N6    1 
ATOM 244 N N1    . DA A 1 12 ? -0.300  -3.591  2.275   1.00 118.08 ? 12 DA A N1    1 
ATOM 245 C C2    . DA A 1 12 ? -0.282  -4.739  2.966   1.00 118.88 ? 12 DA A C2    1 
ATOM 246 N N3    . DA A 1 12 ? -1.300  -5.403  3.519   1.00 115.44 ? 12 DA A N3    1 
ATOM 247 C C4    . DA A 1 12 ? -2.462  -4.767  3.292   1.00 117.00 ? 12 DA A C4    1 
ATOM 248 P P     . DC A 1 13 ? -4.982  -7.990  8.429   1.00 159.53 ? 13 DC A P     1 
ATOM 249 O OP1   . DC A 1 13 ? -4.748  -9.329  9.014   1.00 151.43 ? 13 DC A OP1   1 
ATOM 250 O OP2   . DC A 1 13 ? -6.188  -7.229  8.828   1.00 146.69 ? 13 DC A OP2   1 
ATOM 251 O "O5'" . DC A 1 13 ? -3.699  -7.084  8.717   1.00 139.52 ? 13 DC A "O5'" 1 
ATOM 252 C "C5'" . DC A 1 13 ? -2.505  -7.700  9.148   1.00 131.72 ? 13 DC A "C5'" 1 
ATOM 253 C "C4'" . DC A 1 13 ? -1.299  -7.124  8.437   1.00 129.81 ? 13 DC A "C4'" 1 
ATOM 254 O "O4'" . DC A 1 13 ? -1.709  -6.250  7.373   1.00 123.45 ? 13 DC A "O4'" 1 
ATOM 255 C "C3'" . DC A 1 13 ? -0.417  -6.243  9.294   1.00 133.64 ? 13 DC A "C3'" 1 
ATOM 256 O "O3'" . DC A 1 13 ? 0.506   -7.037  10.007  1.00 137.43 ? 13 DC A "O3'" 1 
ATOM 257 C "C2'" . DC A 1 13 ? 0.290   -5.358  8.258   1.00 128.67 ? 13 DC A "C2'" 1 
ATOM 258 C "C1'" . DC A 1 13 ? -0.577  -5.494  7.006   1.00 123.97 ? 13 DC A "C1'" 1 
ATOM 259 N N1    . DC A 1 13 ? -1.006  -4.185  6.410   1.00 120.31 ? 13 DC A N1    1 
ATOM 260 C C2    . DC A 1 13 ? -0.049  -3.338  5.825   1.00 118.77 ? 13 DC A C2    1 
ATOM 261 O O2    . DC A 1 13 ? 1.142   -3.681  5.819   1.00 117.74 ? 13 DC A O2    1 
ATOM 262 N N3    . DC A 1 13 ? -0.458  -2.170  5.275   1.00 116.72 ? 13 DC A N3    1 
ATOM 263 C C4    . DC A 1 13 ? -1.750  -1.836  5.298   1.00 117.14 ? 13 DC A C4    1 
ATOM 264 N N4    . DC A 1 13 ? -2.103  -0.674  4.744   1.00 114.66 ? 13 DC A N4    1 
ATOM 265 C C5    . DC A 1 13 ? -2.735  -2.683  5.886   1.00 113.06 ? 13 DC A C5    1 
ATOM 266 C C6    . DC A 1 13 ? -2.322  -3.833  6.426   1.00 116.65 ? 13 DC A C6    1 
ATOM 267 P P     . DA A 1 14 ? 1.436   -6.375  11.136  1.00 149.16 ? 14 DA A P     1 
ATOM 268 O OP1   . DA A 1 14 ? 1.129   -7.081  12.399  1.00 144.30 ? 14 DA A OP1   1 
ATOM 269 O OP2   . DA A 1 14 ? 1.311   -4.901  11.089  1.00 126.48 ? 14 DA A OP2   1 
ATOM 270 O "O5'" . DA A 1 14 ? 2.915   -6.760  10.669  1.00 146.83 ? 14 DA A "O5'" 1 
ATOM 271 C "C5'" . DA A 1 14 ? 3.292   -6.627  9.300   1.00 131.33 ? 14 DA A "C5'" 1 
ATOM 272 C "C4'" . DA A 1 14 ? 4.147   -5.389  9.093   1.00 133.70 ? 14 DA A "C4'" 1 
ATOM 273 O "O4'" . DA A 1 14 ? 3.399   -4.392  8.368   1.00 134.04 ? 14 DA A "O4'" 1 
ATOM 274 C "C3'" . DA A 1 14 ? 4.633   -4.720  10.378  1.00 128.37 ? 14 DA A "C3'" 1 
ATOM 275 O "O3'" . DA A 1 14 ? 6.072   -4.862  10.473  1.00 129.34 ? 14 DA A "O3'" 1 
ATOM 276 C "C2'" . DA A 1 14 ? 4.144   -3.260  10.274  1.00 130.93 ? 14 DA A "C2'" 1 
ATOM 277 C "C1'" . DA A 1 14 ? 3.782   -3.109  8.802   1.00 130.72 ? 14 DA A "C1'" 1 
ATOM 278 N N9    . DA A 1 14 ? 2.650   -2.214  8.555   1.00 121.40 ? 14 DA A N9    1 
ATOM 279 C C8    . DA A 1 14 ? 1.356   -2.421  8.935   1.00 123.15 ? 14 DA A C8    1 
ATOM 280 N N7    . DA A 1 14 ? 0.530   -1.479  8.562   1.00 117.38 ? 14 DA A N7    1 
ATOM 281 C C5    . DA A 1 14 ? 1.335   -0.581  7.886   1.00 112.41 ? 14 DA A C5    1 
ATOM 282 C C6    . DA A 1 14 ? 1.049   0.638   7.252   1.00 108.92 ? 14 DA A C6    1 
ATOM 283 N N6    . DA A 1 14 ? -0.174  1.168   7.205   1.00 114.34 ? 14 DA A N6    1 
ATOM 284 N N1    . DA A 1 14 ? 2.068   1.296   6.670   1.00 106.55 ? 14 DA A N1    1 
ATOM 285 C C2    . DA A 1 14 ? 3.297   0.757   6.717   1.00 113.46 ? 14 DA A C2    1 
ATOM 286 N N3    . DA A 1 14 ? 3.691   -0.387  7.291   1.00 117.02 ? 14 DA A N3    1 
ATOM 287 C C4    . DA A 1 14 ? 2.647   -1.016  7.862   1.00 115.23 ? 14 DA A C4    1 
ATOM 288 P P     . DC A 1 15 ? 7.070   -3.614  10.673  1.00 151.28 ? 15 DC A P     1 
ATOM 289 O OP1   . DC A 1 15 ? 8.435   -4.189  10.668  1.00 140.58 ? 15 DC A OP1   1 
ATOM 290 O OP2   . DC A 1 15 ? 6.641   -2.800  11.833  1.00 147.56 ? 15 DC A OP2   1 
ATOM 291 O "O5'" . DC A 1 15 ? 6.924   -2.765  9.326   1.00 141.67 ? 15 DC A "O5'" 1 
ATOM 292 C "C5'" . DC A 1 15 ? 8.079   -2.259  8.677   1.00 146.27 ? 15 DC A "C5'" 1 
ATOM 293 C "C4'" . DC A 1 15 ? 8.155   -0.744  8.791   1.00 146.52 ? 15 DC A "C4'" 1 
ATOM 294 O "O4'" . DC A 1 15 ? 6.834   -0.164  8.631   1.00 140.42 ? 15 DC A "O4'" 1 
ATOM 295 C "C3'" . DC A 1 15 ? 8.704   -0.206  10.117  1.00 143.12 ? 15 DC A "C3'" 1 
ATOM 296 O "O3'" . DC A 1 15 ? 9.753   0.717   9.848   1.00 146.33 ? 15 DC A "O3'" 1 
ATOM 297 C "C2'" . DC A 1 15 ? 7.493   0.480   10.762  1.00 131.46 ? 15 DC A "C2'" 1 
ATOM 298 C "C1'" . DC A 1 15 ? 6.681   0.891   9.549   1.00 133.20 ? 15 DC A "C1'" 1 
ATOM 299 N N1    . DC A 1 15 ? 5.229   1.052   9.834   1.00 125.95 ? 15 DC A N1    1 
ATOM 300 C C2    . DC A 1 15 ? 4.542   2.169   9.339   1.00 119.12 ? 15 DC A C2    1 
ATOM 301 O O2    . DC A 1 15 ? 5.157   3.008   8.672   1.00 119.76 ? 15 DC A O2    1 
ATOM 302 N N3    . DC A 1 15 ? 3.217   2.292   9.601   1.00 114.70 ? 15 DC A N3    1 
ATOM 303 C C4    . DC A 1 15 ? 2.590   1.360   10.323  1.00 114.77 ? 15 DC A C4    1 
ATOM 304 N N4    . DC A 1 15 ? 1.286   1.525   10.559  1.00 112.75 ? 15 DC A N4    1 
ATOM 305 C C5    . DC A 1 15 ? 3.274   0.218   10.836  1.00 117.29 ? 15 DC A C5    1 
ATOM 306 C C6    . DC A 1 15 ? 4.579   0.106   10.571  1.00 123.54 ? 15 DC A C6    1 
ATOM 307 P P     . DC A 1 16 ? 10.518  1.475   11.039  1.00 138.53 ? 16 DC A P     1 
ATOM 308 O OP1   . DC A 1 16 ? 11.962  1.444   10.717  1.00 148.00 ? 16 DC A OP1   1 
ATOM 309 O OP2   . DC A 1 16 ? 10.055  0.934   12.336  1.00 143.38 ? 16 DC A OP2   1 
ATOM 310 O "O5'" . DC A 1 16 ? 10.012  2.984   10.901  1.00 135.93 ? 16 DC A "O5'" 1 
ATOM 311 C "C5'" . DC A 1 16 ? 10.185  3.674   9.669   1.00 135.35 ? 16 DC A "C5'" 1 
ATOM 312 C "C4'" . DC A 1 16 ? 9.596   5.071   9.743   1.00 143.34 ? 16 DC A "C4'" 1 
ATOM 313 O "O4'" . DC A 1 16 ? 8.153   4.984   9.868   1.00 140.74 ? 16 DC A "O4'" 1 
ATOM 314 C "C3'" . DC A 1 16 ? 10.080  5.918   10.921  1.00 149.72 ? 16 DC A "C3'" 1 
ATOM 315 O "O3'" . DC A 1 16 ? 10.351  7.245   10.481  1.00 158.37 ? 16 DC A "O3'" 1 
ATOM 316 C "C2'" . DC A 1 16 ? 8.905   5.868   11.899  1.00 142.98 ? 16 DC A "C2'" 1 
ATOM 317 C "C1'" . DC A 1 16 ? 7.719   5.771   10.955  1.00 139.40 ? 16 DC A "C1'" 1 
ATOM 318 N N1    . DC A 1 16 ? 6.538   5.109   11.564  1.00 133.63 ? 16 DC A N1    1 
ATOM 319 C C2    . DC A 1 16 ? 5.267   5.675   11.408  1.00 127.82 ? 16 DC A C2    1 
ATOM 320 O O2    . DC A 1 16 ? 5.147   6.725   10.762  1.00 126.41 ? 16 DC A O2    1 
ATOM 321 N N3    . DC A 1 16 ? 4.202   5.053   11.971  1.00 124.42 ? 16 DC A N3    1 
ATOM 322 C C4    . DC A 1 16 ? 4.375   3.922   12.660  1.00 128.01 ? 16 DC A C4    1 
ATOM 323 N N4    . DC A 1 16 ? 3.296   3.344   13.200  1.00 123.41 ? 16 DC A N4    1 
ATOM 324 C C5    . DC A 1 16 ? 5.663   3.334   12.829  1.00 131.74 ? 16 DC A C5    1 
ATOM 325 C C6    . DC A 1 16 ? 6.705   3.955   12.269  1.00 132.04 ? 16 DC A C6    1 
ATOM 326 P P     . DA A 1 17 ? 10.717  8.401   11.537  1.00 164.50 ? 17 DA A P     1 
ATOM 327 O OP1   . DA A 1 17 ? 11.574  9.379   10.832  1.00 148.75 ? 17 DA A OP1   1 
ATOM 328 O OP2   . DA A 1 17 ? 11.192  7.763   12.789  1.00 154.92 ? 17 DA A OP2   1 
ATOM 329 O "O5'" . DA A 1 17 ? 9.311   9.103   11.832  1.00 150.06 ? 17 DA A "O5'" 1 
ATOM 330 C "C5'" . DA A 1 17 ? 8.382   9.284   10.772  1.00 148.56 ? 17 DA A "C5'" 1 
ATOM 331 C "C4'" . DA A 1 17 ? 7.681   10.629  10.860  1.00 147.99 ? 17 DA A "C4'" 1 
ATOM 332 O "O4'" . DA A 1 17 ? 6.300   10.425  11.208  1.00 146.53 ? 17 DA A "O4'" 1 
ATOM 333 C "C3'" . DA A 1 17 ? 8.203   11.588  11.915  1.00 147.88 ? 17 DA A "C3'" 1 
ATOM 334 O "O3'" . DA A 1 17 ? 7.867   12.926  11.539  1.00 161.08 ? 17 DA A "O3'" 1 
ATOM 335 C "C2'" . DA A 1 17 ? 7.444   11.147  13.166  1.00 139.89 ? 17 DA A "C2'" 1 
ATOM 336 C "C1'" . DA A 1 17 ? 6.127   10.608  12.598  1.00 133.80 ? 17 DA A "C1'" 1 
ATOM 337 N N9    . DA A 1 17 ? 5.724   9.334   13.176  1.00 125.37 ? 17 DA A N9    1 
ATOM 338 C C8    . DA A 1 17 ? 6.534   8.330   13.629  1.00 127.71 ? 17 DA A C8    1 
ATOM 339 N N7    . DA A 1 17 ? 5.877   7.292   14.095  1.00 122.99 ? 17 DA A N7    1 
ATOM 340 C C5    . DA A 1 17 ? 4.547   7.647   13.932  1.00 124.33 ? 17 DA A C5    1 
ATOM 341 C C6    . DA A 1 17 ? 3.337   6.987   14.227  1.00 123.65 ? 17 DA A C6    1 
ATOM 342 N N6    . DA A 1 17 ? 3.273   5.772   14.779  1.00 119.43 ? 17 DA A N6    1 
ATOM 343 N N1    . DA A 1 17 ? 2.189   7.631   13.931  1.00 120.76 ? 17 DA A N1    1 
ATOM 344 C C2    . DA A 1 17 ? 2.253   8.845   13.382  1.00 126.82 ? 17 DA A C2    1 
ATOM 345 N N3    . DA A 1 17 ? 3.321   9.563   13.063  1.00 127.11 ? 17 DA A N3    1 
ATOM 346 C C4    . DA A 1 17 ? 4.444   8.902   13.366  1.00 124.43 ? 17 DA A C4    1 
ATOM 347 P P     . DC A 1 18 ? 8.076   14.153  12.558  1.00 164.14 ? 18 DC A P     1 
ATOM 348 O OP1   . DC A 1 18 ? 8.220   15.377  11.739  1.00 150.37 ? 18 DC A OP1   1 
ATOM 349 O OP2   . DC A 1 18 ? 9.148   13.791  13.513  1.00 155.93 ? 18 DC A OP2   1 
ATOM 350 O "O5'" . DC A 1 18 ? 6.682   14.241  13.348  1.00 149.66 ? 18 DC A "O5'" 1 
ATOM 351 C "C5'" . DC A 1 18 ? 5.460   14.377  12.624  1.00 147.94 ? 18 DC A "C5'" 1 
ATOM 352 C "C4'" . DC A 1 18 ? 4.262   14.237  13.548  1.00 150.16 ? 18 DC A "C4'" 1 
ATOM 353 O "O4'" . DC A 1 18 ? 4.082   12.852  13.916  1.00 144.72 ? 18 DC A "O4'" 1 
ATOM 354 C "C3'" . DC A 1 18 ? 4.361   15.011  14.867  1.00 146.97 ? 18 DC A "C3'" 1 
ATOM 355 O "O3'" . DC A 1 18 ? 3.444   16.108  14.862  1.00 150.77 ? 18 DC A "O3'" 1 
ATOM 356 C "C2'" . DC A 1 18 ? 4.000   13.976  15.946  1.00 141.83 ? 18 DC A "C2'" 1 
ATOM 357 C "C1'" . DC A 1 18 ? 3.420   12.818  15.149  1.00 134.34 ? 18 DC A "C1'" 1 
ATOM 358 N N1    . DC A 1 18 ? 3.643   11.479  15.786  1.00 129.58 ? 18 DC A N1    1 
ATOM 359 C C2    . DC A 1 18 ? 2.542   10.672  16.107  1.00 128.20 ? 18 DC A C2    1 
ATOM 360 O O2    . DC A 1 18 ? 1.403   11.077  15.846  1.00 128.55 ? 18 DC A O2    1 
ATOM 361 N N3    . DC A 1 18 ? 2.758   9.462   16.684  1.00 125.18 ? 18 DC A N3    1 
ATOM 362 C C4    . DC A 1 18 ? 4.003   9.061   16.947  1.00 123.69 ? 18 DC A C4    1 
ATOM 363 N N4    . DC A 1 18 ? 4.168   7.864   17.518  1.00 123.43 ? 18 DC A N4    1 
ATOM 364 C C5    . DC A 1 18 ? 5.137   9.870   16.633  1.00 123.25 ? 18 DC A C5    1 
ATOM 365 C C6    . DC A 1 18 ? 4.913   11.060  16.062  1.00 128.72 ? 18 DC A C6    1 
ATOM 366 P P     . DT A 1 19 ? 3.143   16.940  16.207  1.00 157.13 ? 19 DT A P     1 
ATOM 367 O OP1   . DT A 1 19 ? 2.732   18.297  15.786  1.00 150.65 ? 19 DT A OP1   1 
ATOM 368 O OP2   . DT A 1 19 ? 4.289   16.775  17.133  1.00 148.50 ? 19 DT A OP2   1 
ATOM 369 O "O5'" . DT A 1 19 ? 1.853   16.218  16.829  1.00 146.91 ? 19 DT A "O5'" 1 
ATOM 370 C "C5'" . DT A 1 19 ? 0.666   16.112  16.047  1.00 152.13 ? 19 DT A "C5'" 1 
ATOM 371 C "C4'" . DT A 1 19 ? -0.475  15.473  16.829  1.00 151.48 ? 19 DT A "C4'" 1 
ATOM 372 O "O4'" . DT A 1 19 ? -0.123  14.120  17.224  1.00 146.14 ? 19 DT A "O4'" 1 
ATOM 373 C "C3'" . DT A 1 19 ? -0.886  16.180  18.113  1.00 160.38 ? 19 DT A "C3'" 1 
ATOM 374 O "O3'" . DT A 1 19 ? -2.288  16.010  18.286  1.00 160.48 ? 19 DT A "O3'" 1 
ATOM 375 C "C2'" . DT A 1 19 ? -0.091  15.415  19.175  1.00 161.72 ? 19 DT A "C2'" 1 
ATOM 376 C "C1'" . DT A 1 19 ? -0.196  13.998  18.634  1.00 148.69 ? 19 DT A "C1'" 1 
ATOM 377 N N1    . DT A 1 19 ? 0.892   13.050  19.073  1.00 140.59 ? 19 DT A N1    1 
ATOM 378 C C2    . DT A 1 19 ? 0.537   11.805  19.546  1.00 141.99 ? 19 DT A C2    1 
ATOM 379 O O2    . DT A 1 19 ? -0.621  11.442  19.666  1.00 140.36 ? 19 DT A O2    1 
ATOM 380 N N3    . DT A 1 19 ? 1.589   10.997  19.886  1.00 133.55 ? 19 DT A N3    1 
ATOM 381 C C4    . DT A 1 19 ? 2.933   11.290  19.797  1.00 129.03 ? 19 DT A C4    1 
ATOM 382 O O4    . DT A 1 19 ? 3.803   10.487  20.131  1.00 127.17 ? 19 DT A O4    1 
ATOM 383 C C5    . DT A 1 19 ? 3.245   12.604  19.284  1.00 132.68 ? 19 DT A C5    1 
ATOM 384 C C7    . DT A 1 19 ? 4.677   13.032  19.149  1.00 132.19 ? 19 DT A C7    1 
ATOM 385 C C6    . DT A 1 19 ? 2.221   13.413  18.943  1.00 134.38 ? 19 DT A C6    1 
ATOM 386 P P     . DC A 1 20 ? -3.119  16.945  19.292  1.00 171.43 ? 20 DC A P     1 
ATOM 387 O OP1   . DC A 1 20 ? -4.351  17.367  18.587  1.00 148.66 ? 20 DC A OP1   1 
ATOM 388 O OP2   . DC A 1 20 ? -2.189  17.960  19.840  1.00 170.71 ? 20 DC A OP2   1 
ATOM 389 O "O5'" . DC A 1 20 ? -3.537  15.947  20.468  1.00 165.65 ? 20 DC A "O5'" 1 
ATOM 390 C "C5'" . DC A 1 20 ? -4.337  14.809  20.177  1.00 161.31 ? 20 DC A "C5'" 1 
ATOM 391 C "C4'" . DC A 1 20 ? -4.832  14.143  21.451  1.00 161.81 ? 20 DC A "C4'" 1 
ATOM 392 O "O4'" . DC A 1 20 ? -3.886  13.132  21.884  1.00 160.27 ? 20 DC A "O4'" 1 
ATOM 393 C "C3'" . DC A 1 20 ? -5.022  15.068  22.646  1.00 164.43 ? 20 DC A "C3'" 1 
ATOM 394 O "O3'" . DC A 1 20 ? -6.096  14.580  23.445  1.00 169.61 ? 20 DC A "O3'" 1 
ATOM 395 C "C2'" . DC A 1 20 ? -3.677  14.958  23.368  1.00 155.87 ? 20 DC A "C2'" 1 
ATOM 396 C "C1'" . DC A 1 20 ? -3.304  13.500  23.123  1.00 155.97 ? 20 DC A "C1'" 1 
ATOM 397 N N1    . DC A 1 20 ? -1.838  13.272  23.023  1.00 149.68 ? 20 DC A N1    1 
ATOM 398 C C2    . DC A 1 20 ? -1.316  12.010  23.331  1.00 144.40 ? 20 DC A C2    1 
ATOM 399 O O2    . DC A 1 20 ? -2.089  11.112  23.690  1.00 140.59 ? 20 DC A O2    1 
ATOM 400 N N3    . DC A 1 20 ? 0.023   11.812  23.225  1.00 135.45 ? 20 DC A N3    1 
ATOM 401 C C4    . DC A 1 20 ? 0.817   12.813  22.831  1.00 132.60 ? 20 DC A C4    1 
ATOM 402 N N4    . DC A 1 20 ? 2.129   12.574  22.741  1.00 131.80 ? 20 DC A N4    1 
ATOM 403 C C5    . DC A 1 20 ? 0.298   14.104  22.512  1.00 134.65 ? 20 DC A C5    1 
ATOM 404 C C6    . DC A 1 20 ? -1.020  14.286  22.619  1.00 142.32 ? 20 DC A C6    1 
ATOM 405 P P     . DA A 1 21 ? -6.562  15.346  24.780  1.00 177.68 ? 21 DA A P     1 
ATOM 406 O OP1   . DA A 1 21 ? -8.014  15.605  24.641  1.00 160.71 ? 21 DA A OP1   1 
ATOM 407 O OP2   . DA A 1 21 ? -5.653  16.484  25.053  1.00 168.89 ? 21 DA A OP2   1 
ATOM 408 O "O5'" . DA A 1 21 ? -6.353  14.244  25.921  1.00 161.12 ? 21 DA A "O5'" 1 
ATOM 409 C "C5'" . DA A 1 21 ? -6.967  12.964  25.786  1.00 150.73 ? 21 DA A "C5'" 1 
ATOM 410 C "C4'" . DA A 1 21 ? -6.251  11.917  26.622  1.00 152.07 ? 21 DA A "C4'" 1 
ATOM 411 O "O4'" . DA A 1 21 ? -4.836  11.916  26.299  1.00 148.44 ? 21 DA A "O4'" 1 
ATOM 412 C "C3'" . DA A 1 21 ? -6.336  12.121  28.131  1.00 156.46 ? 21 DA A "C3'" 1 
ATOM 413 O "O3'" . DA A 1 21 ? -6.404  10.861  28.784  1.00 162.20 ? 21 DA A "O3'" 1 
ATOM 414 C "C2'" . DA A 1 21 ? -5.033  12.846  28.449  1.00 151.12 ? 21 DA A "C2'" 1 
ATOM 415 C "C1'" . DA A 1 21 ? -4.075  12.213  27.450  1.00 143.42 ? 21 DA A "C1'" 1 
ATOM 416 N N9    . DA A 1 21 ? -2.993  13.099  27.053  1.00 140.55 ? 21 DA A N9    1 
ATOM 417 C C8    . DA A 1 21 ? -3.083  14.435  26.782  1.00 142.54 ? 21 DA A C8    1 
ATOM 418 N N7    . DA A 1 21 ? -1.942  14.983  26.439  1.00 144.54 ? 21 DA A N7    1 
ATOM 419 C C5    . DA A 1 21 ? -1.042  13.930  26.488  1.00 142.31 ? 21 DA A C5    1 
ATOM 420 C C6    . DA A 1 21 ? 0.342   13.852  26.232  1.00 140.17 ? 21 DA A C6    1 
ATOM 421 N N6    . DA A 1 21 ? 1.083   14.899  25.859  1.00 135.88 ? 21 DA A N6    1 
ATOM 422 N N1    . DA A 1 21 ? 0.935   12.648  26.369  1.00 138.23 ? 21 DA A N1    1 
ATOM 423 C C2    . DA A 1 21 ? 0.191   11.602  26.753  1.00 140.08 ? 21 DA A C2    1 
ATOM 424 N N3    . DA A 1 21 ? -1.116  11.552  27.009  1.00 140.44 ? 21 DA A N3    1 
ATOM 425 C C4    . DA A 1 21 ? -1.676  12.762  26.862  1.00 140.81 ? 21 DA A C4    1 
ATOM 426 P P     . DT B 2 1  ? 0.587   8.348   -0.827  1.00 122.71 ? 1  DT B P     1 
ATOM 427 O OP1   . DT B 2 1  ? 0.337   9.789   -1.051  1.00 109.64 ? 1  DT B OP1   1 
ATOM 428 O OP2   . DT B 2 1  ? -0.532  7.383   -0.911  1.00 113.37 ? 1  DT B OP2   1 
ATOM 429 O "O5'" . DT B 2 1  ? 1.285   8.129   0.598   1.00 113.38 ? 1  DT B "O5'" 1 
ATOM 430 C "C5'" . DT B 2 1  ? 2.445   8.878   0.953   1.00 112.25 ? 1  DT B "C5'" 1 
ATOM 431 C "C4'" . DT B 2 1  ? 3.367   8.051   1.827   1.00 105.08 ? 1  DT B "C4'" 1 
ATOM 432 O "O4'" . DT B 2 1  ? 2.637   7.590   2.976   1.00 98.81  ? 1  DT B "O4'" 1 
ATOM 433 C "C3'" . DT B 2 1  ? 3.879   6.783   1.177   1.00 108.56 ? 1  DT B "C3'" 1 
ATOM 434 O "O3'" . DT B 2 1  ? 5.062   7.050   0.453   1.00 117.38 ? 1  DT B "O3'" 1 
ATOM 435 C "C2'" . DT B 2 1  ? 4.157   5.866   2.366   1.00 95.14  ? 1  DT B "C2'" 1 
ATOM 436 C "C1'" . DT B 2 1  ? 3.240   6.414   3.466   1.00 94.11  ? 1  DT B "C1'" 1 
ATOM 437 N N1    . DT B 2 1  ? 2.171   5.471   3.893   1.00 99.61  ? 1  DT B N1    1 
ATOM 438 C C2    . DT B 2 1  ? 2.518   4.307   4.543   1.00 105.35 ? 1  DT B C2    1 
ATOM 439 O O2    . DT B 2 1  ? 3.671   3.993   4.787   1.00 107.47 ? 1  DT B O2    1 
ATOM 440 N N3    . DT B 2 1  ? 1.463   3.517   4.902   1.00 99.67  ? 1  DT B N3    1 
ATOM 441 C C4    . DT B 2 1  ? 0.123   3.768   4.682   1.00 101.28 ? 1  DT B C4    1 
ATOM 442 O O4    . DT B 2 1  ? -0.751  2.995   5.043   1.00 116.62 ? 1  DT B O4    1 
ATOM 443 C C5    . DT B 2 1  ? -0.174  5.004   4.002   1.00 96.41  ? 1  DT B C5    1 
ATOM 444 C C7    . DT B 2 1  ? -1.596  5.382   3.711   1.00 99.20  ? 1  DT B C7    1 
ATOM 445 C C6    . DT B 2 1  ? 0.852   5.788   3.644   1.00 95.01  ? 1  DT B C6    1 
ATOM 446 P P     . DG B 2 2  ? 5.361   6.236   -0.896  1.00 130.46 ? 2  DG B P     1 
ATOM 447 O OP1   . DG B 2 2  ? 6.563   6.818   -1.533  1.00 124.99 ? 2  DG B OP1   1 
ATOM 448 O OP2   . DG B 2 2  ? 4.083   6.174   -1.641  1.00 121.72 ? 2  DG B OP2   1 
ATOM 449 O "O5'" . DG B 2 2  ? 5.702   4.757   -0.391  1.00 114.75 ? 2  DG B "O5'" 1 
ATOM 450 C "C5'" . DG B 2 2  ? 7.025   4.432   0.032   1.00 118.44 ? 2  DG B "C5'" 1 
ATOM 451 C "C4'" . DG B 2 2  ? 7.005   3.219   0.941   1.00 120.91 ? 2  DG B "C4'" 1 
ATOM 452 O "O4'" . DG B 2 2  ? 5.795   3.247   1.709   1.00 111.69 ? 2  DG B "O4'" 1 
ATOM 453 C "C3'" . DG B 2 2  ? 6.977   1.875   0.224   1.00 127.00 ? 2  DG B "C3'" 1 
ATOM 454 O "O3'" . DG B 2 2  ? 8.307   1.390   0.030   1.00 136.31 ? 2  DG B "O3'" 1 
ATOM 455 C "C2'" . DG B 2 2  ? 6.192   0.968   1.180   1.00 119.61 ? 2  DG B "C2'" 1 
ATOM 456 C "C1'" . DG B 2 2  ? 5.470   1.942   2.113   1.00 109.85 ? 2  DG B "C1'" 1 
ATOM 457 N N9    . DG B 2 2  ? 4.018   1.805   2.100   1.00 108.77 ? 2  DG B N9    1 
ATOM 458 C C8    . DG B 2 2  ? 3.113   2.650   1.504   1.00 110.69 ? 2  DG B C8    1 
ATOM 459 N N7    . DG B 2 2  ? 1.874   2.278   1.666   1.00 107.77 ? 2  DG B N7    1 
ATOM 460 C C5    . DG B 2 2  ? 1.963   1.118   2.422   1.00 103.90 ? 2  DG B C5    1 
ATOM 461 C C6    . DG B 2 2  ? 0.944   0.268   2.905   1.00 111.10 ? 2  DG B C6    1 
ATOM 462 O O6    . DG B 2 2  ? -0.281  0.377   2.761   1.00 113.94 ? 2  DG B O6    1 
ATOM 463 N N1    . DG B 2 2  ? 1.462   -0.801  3.628   1.00 112.83 ? 2  DG B N1    1 
ATOM 464 C C2    . DG B 2 2  ? 2.798   -1.021  3.856   1.00 111.48 ? 2  DG B C2    1 
ATOM 465 N N2    . DG B 2 2  ? 3.108   -2.109  4.577   1.00 115.68 ? 2  DG B N2    1 
ATOM 466 N N3    . DG B 2 2  ? 3.766   -0.233  3.406   1.00 109.14 ? 2  DG B N3    1 
ATOM 467 C C4    . DG B 2 2  ? 3.275   0.814   2.698   1.00 106.00 ? 2  DG B C4    1 
ATOM 468 P P     . DT B 2 3  ? 8.595   0.203   -1.018  1.00 150.70 ? 3  DT B P     1 
ATOM 469 O OP1   . DT B 2 3  ? 10.060  0.114   -1.202  1.00 140.45 ? 3  DT B OP1   1 
ATOM 470 O OP2   . DT B 2 3  ? 7.731   0.434   -2.196  1.00 145.40 ? 3  DT B OP2   1 
ATOM 471 O "O5'" . DT B 2 3  ? 8.080   -1.120  -0.270  1.00 132.30 ? 3  DT B "O5'" 1 
ATOM 472 C "C5'" . DT B 2 3  ? 8.658   -1.511  0.971   1.00 121.11 ? 3  DT B "C5'" 1 
ATOM 473 C "C4'" . DT B 2 3  ? 7.932   -2.712  1.557   1.00 127.23 ? 3  DT B "C4'" 1 
ATOM 474 O "O4'" . DT B 2 3  ? 6.538   -2.387  1.795   1.00 126.21 ? 3  DT B "O4'" 1 
ATOM 475 C "C3'" . DT B 2 3  ? 7.933   -3.965  0.681   1.00 128.17 ? 3  DT B "C3'" 1 
ATOM 476 O "O3'" . DT B 2 3  ? 8.249   -5.100  1.478   1.00 131.89 ? 3  DT B "O3'" 1 
ATOM 477 C "C2'" . DT B 2 3  ? 6.498   -4.025  0.150   1.00 117.57 ? 3  DT B "C2'" 1 
ATOM 478 C "C1'" . DT B 2 3  ? 5.728   -3.437  1.318   1.00 113.70 ? 3  DT B "C1'" 1 
ATOM 479 N N1    . DT B 2 3  ? 4.408   -2.862  0.948   1.00 114.31 ? 3  DT B N1    1 
ATOM 480 C C2    . DT B 2 3  ? 3.250   -3.484  1.363   1.00 113.65 ? 3  DT B C2    1 
ATOM 481 O O2    . DT B 2 3  ? 3.241   -4.512  2.014   1.00 109.22 ? 3  DT B O2    1 
ATOM 482 N N3    . DT B 2 3  ? 2.094   -2.858  0.973   1.00 112.72 ? 3  DT B N3    1 
ATOM 483 C C4    . DT B 2 3  ? 1.984   -1.693  0.236   1.00 115.82 ? 3  DT B C4    1 
ATOM 484 O O4    . DT B 2 3  ? 0.901   -1.203  -0.066  1.00 108.96 ? 3  DT B O4    1 
ATOM 485 C C5    . DT B 2 3  ? 3.232   -1.093  -0.157  1.00 113.85 ? 3  DT B C5    1 
ATOM 486 C C7    . DT B 2 3  ? 3.234   0.172   -0.960  1.00 110.75 ? 3  DT B C7    1 
ATOM 487 C C6    . DT B 2 3  ? 4.368   -1.698  0.213   1.00 111.81 ? 3  DT B C6    1 
ATOM 488 P P     . DC B 2 4  ? 8.665   -6.494  0.795   1.00 143.47 ? 4  DC B P     1 
ATOM 489 O OP1   . DC B 2 4  ? 9.566   -7.201  1.736   1.00 135.32 ? 4  DC B OP1   1 
ATOM 490 O OP2   . DC B 2 4  ? 9.115   -6.218  -0.589  1.00 126.81 ? 4  DC B OP2   1 
ATOM 491 O "O5'" . DC B 2 4  ? 7.285   -7.295  0.716   1.00 126.80 ? 4  DC B "O5'" 1 
ATOM 492 C "C5'" . DC B 2 4  ? 6.374   -7.235  1.807   1.00 122.17 ? 4  DC B "C5'" 1 
ATOM 493 C "C4'" . DC B 2 4  ? 5.332   -8.331  1.706   1.00 120.35 ? 4  DC B "C4'" 1 
ATOM 494 O "O4'" . DC B 2 4  ? 4.039   -7.755  1.399   1.00 120.67 ? 4  DC B "O4'" 1 
ATOM 495 C "C3'" . DC B 2 4  ? 5.574   -9.363  0.621   1.00 111.67 ? 4  DC B "C3'" 1 
ATOM 496 O "O3'" . DC B 2 4  ? 4.972   -10.579 1.013   1.00 106.16 ? 4  DC B "O3'" 1 
ATOM 497 C "C2'" . DC B 2 4  ? 4.853   -8.741  -0.574  1.00 116.33 ? 4  DC B "C2'" 1 
ATOM 498 C "C1'" . DC B 2 4  ? 3.626   -8.147  0.101   1.00 110.21 ? 4  DC B "C1'" 1 
ATOM 499 N N1    . DC B 2 4  ? 3.074   -6.937  -0.562  1.00 106.97 ? 4  DC B N1    1 
ATOM 500 C C2    . DC B 2 4  ? 1.694   -6.730  -0.557  1.00 108.46 ? 4  DC B C2    1 
ATOM 501 O O2    . DC B 2 4  ? 0.972   -7.587  -0.034  1.00 104.90 ? 4  DC B O2    1 
ATOM 502 N N3    . DC B 2 4  ? 1.190   -5.610  -1.134  1.00 106.50 ? 4  DC B N3    1 
ATOM 503 C C4    . DC B 2 4  ? 2.023   -4.720  -1.690  1.00 111.94 ? 4  DC B C4    1 
ATOM 504 N N4    . DC B 2 4  ? 1.494   -3.629  -2.252  1.00 118.65 ? 4  DC B N4    1 
ATOM 505 C C5    . DC B 2 4  ? 3.438   -4.912  -1.691  1.00 111.53 ? 4  DC B C5    1 
ATOM 506 C C6    . DC B 2 4  ? 3.914   -6.019  -1.117  1.00 108.86 ? 4  DC B C6    1 
ATOM 507 P P     . DA B 2 5  ? 5.561   -11.976 0.494   1.00 115.22 ? 5  DA B P     1 
ATOM 508 O OP1   . DA B 2 5  ? 5.704   -12.897 1.641   1.00 103.51 ? 5  DA B OP1   1 
ATOM 509 O OP2   . DA B 2 5  ? 6.713   -11.674 -0.382  1.00 124.69 ? 5  DA B OP2   1 
ATOM 510 O "O5'" . DA B 2 5  ? 4.393   -12.540 -0.412  1.00 94.52  ? 5  DA B "O5'" 1 
ATOM 511 C "C5'" . DA B 2 5  ? 3.092   -12.624 0.111   1.00 109.05 ? 5  DA B "C5'" 1 
ATOM 512 C "C4'" . DA B 2 5  ? 2.110   -12.688 -1.019  1.00 108.25 ? 5  DA B "C4'" 1 
ATOM 513 O "O4'" . DA B 2 5  ? 1.567   -11.375 -1.260  1.00 113.59 ? 5  DA B "O4'" 1 
ATOM 514 C "C3'" . DA B 2 5  ? 2.731   -13.059 -2.338  1.00 108.47 ? 5  DA B "C3'" 1 
ATOM 515 O "O3'" . DA B 2 5  ? 2.922   -14.462 -2.409  1.00 108.25 ? 5  DA B "O3'" 1 
ATOM 516 C "C2'" . DA B 2 5  ? 1.665   -12.571 -3.306  1.00 105.55 ? 5  DA B "C2'" 1 
ATOM 517 C "C1'" . DA B 2 5  ? 1.184   -11.285 -2.620  1.00 106.69 ? 5  DA B "C1'" 1 
ATOM 518 N N9    . DA B 2 5  ? 1.759   -10.077 -3.200  1.00 98.88  ? 5  DA B N9    1 
ATOM 519 C C8    . DA B 2 5  ? 3.068   -9.857  -3.523  1.00 106.41 ? 5  DA B C8    1 
ATOM 520 N N7    . DA B 2 5  ? 3.293   -8.676  -4.052  1.00 109.86 ? 5  DA B N7    1 
ATOM 521 C C5    . DA B 2 5  ? 2.041   -8.085  -4.081  1.00 106.95 ? 5  DA B C5    1 
ATOM 522 C C6    . DA B 2 5  ? 1.595   -6.824  -4.526  1.00 109.58 ? 5  DA B C6    1 
ATOM 523 N N6    . DA B 2 5  ? 2.408   -5.900  -5.049  1.00 111.23 ? 5  DA B N6    1 
ATOM 524 N N1    . DA B 2 5  ? 0.279   -6.551  -4.413  1.00 109.85 ? 5  DA B N1    1 
ATOM 525 C C2    . DA B 2 5  ? -0.529  -7.479  -3.888  1.00 110.12 ? 5  DA B C2    1 
ATOM 526 N N3    . DA B 2 5  ? -0.227  -8.695  -3.440  1.00 104.81 ? 5  DA B N3    1 
ATOM 527 C C4    . DA B 2 5  ? 1.084   -8.938  -3.565  1.00 101.79 ? 5  DA B C4    1 
ATOM 528 O "O5'" . DT C 3 1  ? 9.035   19.785  29.067  1.00 149.39 ? 1  DT C "O5'" 1 
ATOM 529 C "C5'" . DT C 3 1  ? 10.088  19.721  30.049  1.00 146.55 ? 1  DT C "C5'" 1 
ATOM 530 C "C4'" . DT C 3 1  ? 10.290  18.294  30.545  1.00 142.36 ? 1  DT C "C4'" 1 
ATOM 531 O "O4'" . DT C 3 1  ? 9.124   17.868  31.299  1.00 141.94 ? 1  DT C "O4'" 1 
ATOM 532 C "C3'" . DT C 3 1  ? 10.487  17.248  29.451  1.00 139.16 ? 1  DT C "C3'" 1 
ATOM 533 O "O3'" . DT C 3 1  ? 11.407  16.246  29.878  1.00 139.66 ? 1  DT C "O3'" 1 
ATOM 534 C "C2'" . DT C 3 1  ? 9.083   16.680  29.248  1.00 141.23 ? 1  DT C "C2'" 1 
ATOM 535 C "C1'" . DT C 3 1  ? 8.482   16.785  30.649  1.00 136.99 ? 1  DT C "C1'" 1 
ATOM 536 N N1    . DT C 3 1  ? 7.009   17.046  30.654  1.00 131.68 ? 1  DT C N1    1 
ATOM 537 C C2    . DT C 3 1  ? 6.167   16.151  31.280  1.00 135.05 ? 1  DT C C2    1 
ATOM 538 O O2    . DT C 3 1  ? 6.559   15.138  31.829  1.00 136.52 ? 1  DT C O2    1 
ATOM 539 N N3    . DT C 3 1  ? 4.838   16.485  31.237  1.00 132.67 ? 1  DT C N3    1 
ATOM 540 C C4    . DT C 3 1  ? 4.276   17.605  30.648  1.00 131.73 ? 1  DT C C4    1 
ATOM 541 O O4    . DT C 3 1  ? 3.066   17.817  30.664  1.00 126.71 ? 1  DT C O4    1 
ATOM 542 C C5    . DT C 3 1  ? 5.213   18.508  30.014  1.00 126.37 ? 1  DT C C5    1 
ATOM 543 C C7    . DT C 3 1  ? 4.718   19.758  29.340  1.00 123.22 ? 1  DT C C7    1 
ATOM 544 C C6    . DT C 3 1  ? 6.520   18.189  30.049  1.00 124.50 ? 1  DT C C6    1 
ATOM 545 P P     . DC C 3 2  ? 12.072  15.254  28.803  1.00 158.33 ? 2  DC C P     1 
ATOM 546 O OP1   . DC C 3 2  ? 13.518  15.158  29.088  1.00 154.72 ? 2  DC C OP1   1 
ATOM 547 O OP2   . DC C 3 2  ? 11.623  15.676  27.461  1.00 158.27 ? 2  DC C OP2   1 
ATOM 548 O "O5'" . DC C 3 2  ? 11.389  13.853  29.123  1.00 134.13 ? 2  DC C "O5'" 1 
ATOM 549 C "C5'" . DC C 3 2  ? 11.239  13.446  30.468  1.00 135.19 ? 2  DC C "C5'" 1 
ATOM 550 C "C4'" . DC C 3 2  ? 10.261  12.297  30.566  1.00 143.28 ? 2  DC C "C4'" 1 
ATOM 551 O "O4'" . DC C 3 2  ? 8.903   12.809  30.606  1.00 141.17 ? 2  DC C "O4'" 1 
ATOM 552 C "C3'" . DC C 3 2  ? 10.312  11.314  29.397  1.00 140.39 ? 2  DC C "C3'" 1 
ATOM 553 O "O3'" . DC C 3 2  ? 10.345  9.986   29.897  1.00 139.84 ? 2  DC C "O3'" 1 
ATOM 554 C "C2'" . DC C 3 2  ? 9.018   11.610  28.624  1.00 139.73 ? 2  DC C "C2'" 1 
ATOM 555 C "C1'" . DC C 3 2  ? 8.097   12.042  29.747  1.00 133.75 ? 2  DC C "C1'" 1 
ATOM 556 N N1    . DC C 3 2  ? 6.945   12.888  29.316  1.00 134.74 ? 2  DC C N1    1 
ATOM 557 C C2    . DC C 3 2  ? 5.649   12.544  29.718  1.00 134.07 ? 2  DC C C2    1 
ATOM 558 O O2    . DC C 3 2  ? 5.479   11.532  30.408  1.00 134.28 ? 2  DC C O2    1 
ATOM 559 N N3    . DC C 3 2  ? 4.612   13.331  29.335  1.00 131.80 ? 2  DC C N3    1 
ATOM 560 C C4    . DC C 3 2  ? 4.837   14.415  28.590  1.00 134.09 ? 2  DC C C4    1 
ATOM 561 N N4    . DC C 3 2  ? 3.783   15.158  28.237  1.00 133.36 ? 2  DC C N4    1 
ATOM 562 C C5    . DC C 3 2  ? 6.152   14.784  28.177  1.00 129.95 ? 2  DC C C5    1 
ATOM 563 C C6    . DC C 3 2  ? 7.165   13.999  28.560  1.00 129.49 ? 2  DC C C6    1 
ATOM 564 P P     . DT C 3 3  ? 10.283  8.734   28.894  1.00 155.54 ? 3  DT C P     1 
ATOM 565 O OP1   . DT C 3 3  ? 10.925  7.586   29.569  1.00 147.30 ? 3  DT C OP1   1 
ATOM 566 O OP2   . DT C 3 3  ? 10.776  9.180   27.570  1.00 151.36 ? 3  DT C OP2   1 
ATOM 567 O "O5'" . DT C 3 3  ? 8.721   8.436   28.768  1.00 140.08 ? 3  DT C "O5'" 1 
ATOM 568 C "C5'" . DT C 3 3  ? 7.943   8.228   29.938  1.00 136.99 ? 3  DT C "C5'" 1 
ATOM 569 C "C4'" . DT C 3 3  ? 6.595   7.642   29.573  1.00 145.18 ? 3  DT C "C4'" 1 
ATOM 570 O "O4'" . DT C 3 3  ? 5.679   8.715   29.225  1.00 153.72 ? 3  DT C "O4'" 1 
ATOM 571 C "C3'" . DT C 3 3  ? 6.622   6.697   28.374  1.00 149.51 ? 3  DT C "C3'" 1 
ATOM 572 O "O3'" . DT C 3 3  ? 5.811   5.563   28.627  1.00 160.04 ? 3  DT C "O3'" 1 
ATOM 573 C "C2'" . DT C 3 3  ? 6.064   7.549   27.235  1.00 145.65 ? 3  DT C "C2'" 1 
ATOM 574 C "C1'" . DT C 3 3  ? 5.088   8.448   27.974  1.00 143.45 ? 3  DT C "C1'" 1 
ATOM 575 N N1    . DT C 3 3  ? 4.836   9.740   27.281  1.00 138.13 ? 3  DT C N1    1 
ATOM 576 C C2    . DT C 3 3  ? 3.563   10.257  27.260  1.00 141.49 ? 3  DT C C2    1 
ATOM 577 O O2    . DT C 3 3  ? 2.611   9.709   27.789  1.00 139.83 ? 3  DT C O2    1 
ATOM 578 N N3    . DT C 3 3  ? 3.440   11.449  26.595  1.00 137.56 ? 3  DT C N3    1 
ATOM 579 C C4    . DT C 3 3  ? 4.444   12.161  25.962  1.00 137.53 ? 3  DT C C4    1 
ATOM 580 O O4    . DT C 3 3  ? 4.233   13.227  25.389  1.00 132.82 ? 3  DT C O4    1 
ATOM 581 C C5    . DT C 3 3  ? 5.755   11.559  26.020  1.00 137.17 ? 3  DT C C5    1 
ATOM 582 C C7    . DT C 3 3  ? 6.925   12.238  25.370  1.00 125.08 ? 3  DT C C7    1 
ATOM 583 C C6    . DT C 3 3  ? 5.886   10.392  26.669  1.00 132.25 ? 3  DT C C6    1 
ATOM 584 P P     . DG C 3 4  ? 6.228   4.134   28.023  1.00 173.61 ? 4  DG C P     1 
ATOM 585 O OP1   . DG C 3 4  ? 6.778   3.313   29.126  1.00 170.02 ? 4  DG C OP1   1 
ATOM 586 O OP2   . DG C 3 4  ? 7.055   4.393   26.824  1.00 168.89 ? 4  DG C OP2   1 
ATOM 587 O "O5'" . DG C 3 4  ? 4.841   3.507   27.531  1.00 153.26 ? 4  DG C "O5'" 1 
ATOM 588 C "C5'" . DG C 3 4  ? 3.834   3.190   28.476  1.00 144.95 ? 4  DG C "C5'" 1 
ATOM 589 C "C4'" . DG C 3 4  ? 2.453   3.238   27.844  1.00 153.93 ? 4  DG C "C4'" 1 
ATOM 590 O "O4'" . DG C 3 4  ? 2.181   4.574   27.346  1.00 152.11 ? 4  DG C "O4'" 1 
ATOM 591 C "C3'" . DG C 3 4  ? 2.227   2.294   26.666  1.00 148.25 ? 4  DG C "C3'" 1 
ATOM 592 O "O3'" . DG C 3 4  ? 0.895   1.765   26.753  1.00 154.90 ? 4  DG C "O3'" 1 
ATOM 593 C "C2'" . DG C 3 4  ? 2.432   3.207   25.452  1.00 140.12 ? 4  DG C "C2'" 1 
ATOM 594 C "C1'" . DG C 3 4  ? 1.880   4.529   25.965  1.00 147.41 ? 4  DG C "C1'" 1 
ATOM 595 N N9    . DG C 3 4  ? 2.474   5.713   25.350  1.00 144.96 ? 4  DG C N9    1 
ATOM 596 C C8    . DG C 3 4  ? 3.804   5.929   25.072  1.00 137.60 ? 4  DG C C8    1 
ATOM 597 N N7    . DG C 3 4  ? 4.042   7.100   24.547  1.00 133.83 ? 4  DG C N7    1 
ATOM 598 C C5    . DG C 3 4  ? 2.792   7.705   24.485  1.00 135.31 ? 4  DG C C5    1 
ATOM 599 C C6    . DG C 3 4  ? 2.421   8.986   24.008  1.00 131.73 ? 4  DG C C6    1 
ATOM 600 O O6    . DG C 3 4  ? 3.149   9.869   23.530  1.00 126.03 ? 4  DG C O6    1 
ATOM 601 N N1    . DG C 3 4  ? 1.047   9.203   24.127  1.00 133.40 ? 4  DG C N1    1 
ATOM 602 C C2    . DG C 3 4  ? 0.147   8.294   24.642  1.00 137.99 ? 4  DG C C2    1 
ATOM 603 N N2    . DG C 3 4  ? -1.139  8.674   24.679  1.00 131.22 ? 4  DG C N2    1 
ATOM 604 N N3    . DG C 3 4  ? 0.485   7.091   25.092  1.00 139.81 ? 4  DG C N3    1 
ATOM 605 C C4    . DG C 3 4  ? 1.818   6.867   24.982  1.00 140.08 ? 4  DG C C4    1 
ATOM 606 P P     . DA C 3 5  ? 0.066   1.312   25.452  1.00 167.89 ? 5  DA C P     1 
ATOM 607 O OP1   . DA C 3 5  ? -1.051  0.473   25.946  1.00 150.75 ? 5  DA C OP1   1 
ATOM 608 O OP2   . DA C 3 5  ? 0.996   0.761   24.441  1.00 168.11 ? 5  DA C OP2   1 
ATOM 609 O "O5'" . DA C 3 5  ? -0.568  2.676   24.906  1.00 154.02 ? 5  DA C "O5'" 1 
ATOM 610 C "C5'" . DA C 3 5  ? -1.694  3.251   25.569  1.00 148.87 ? 5  DA C "C5'" 1 
ATOM 611 C "C4'" . DA C 3 5  ? -2.726  3.758   24.570  1.00 149.98 ? 5  DA C "C4'" 1 
ATOM 612 O "O4'" . DA C 3 5  ? -2.206  4.914   23.872  1.00 141.72 ? 5  DA C "O4'" 1 
ATOM 613 C "C3'" . DA C 3 5  ? -3.121  2.773   23.481  1.00 148.20 ? 5  DA C "C3'" 1 
ATOM 614 O "O3'" . DA C 3 5  ? -4.447  3.044   23.048  1.00 145.95 ? 5  DA C "O3'" 1 
ATOM 615 C "C2'" . DA C 3 5  ? -2.106  3.073   22.383  1.00 143.86 ? 5  DA C "C2'" 1 
ATOM 616 C "C1'" . DA C 3 5  ? -1.935  4.584   22.523  1.00 141.05 ? 5  DA C "C1'" 1 
ATOM 617 N N9    . DA C 3 5  ? -0.595  5.053   22.211  1.00 137.06 ? 5  DA C N9    1 
ATOM 618 C C8    . DA C 3 5  ? 0.586   4.376   22.369  1.00 137.62 ? 5  DA C C8    1 
ATOM 619 N N7    . DA C 3 5  ? 1.643   5.067   22.005  1.00 133.52 ? 5  DA C N7    1 
ATOM 620 C C5    . DA C 3 5  ? 1.115   6.280   21.585  1.00 130.76 ? 5  DA C C5    1 
ATOM 621 C C6    . DA C 3 5  ? 1.709   7.454   21.077  1.00 125.92 ? 5  DA C C6    1 
ATOM 622 N N6    . DA C 3 5  ? 3.024   7.604   20.899  1.00 128.79 ? 5  DA C N6    1 
ATOM 623 N N1    . DA C 3 5  ? 0.888   8.477   20.756  1.00 128.09 ? 5  DA C N1    1 
ATOM 624 C C2    . DA C 3 5  ? -0.428  8.328   20.934  1.00 129.87 ? 5  DA C C2    1 
ATOM 625 N N3    . DA C 3 5  ? -1.098  7.280   21.400  1.00 131.41 ? 5  DA C N3    1 
ATOM 626 C C4    . DA C 3 5  ? -0.260  6.281   21.710  1.00 134.25 ? 5  DA C C4    1 
ATOM 627 P P     . DG C 3 6  ? -5.338  1.881   22.389  1.00 166.30 ? 6  DG C P     1 
ATOM 628 O OP1   . DG C 3 6  ? -6.563  1.728   23.204  1.00 166.54 ? 6  DG C OP1   1 
ATOM 629 O OP2   . DG C 3 6  ? -4.455  0.715   22.162  1.00 160.21 ? 6  DG C OP2   1 
ATOM 630 O "O5'" . DG C 3 6  ? -5.751  2.481   20.966  1.00 160.68 ? 6  DG C "O5'" 1 
ATOM 631 C "C5'" . DG C 3 6  ? -4.791  3.178   20.197  1.00 153.98 ? 6  DG C "C5'" 1 
ATOM 632 C "C4'" . DG C 3 6  ? -5.297  4.552   19.817  1.00 148.39 ? 6  DG C "C4'" 1 
ATOM 633 O "O4'" . DG C 3 6  ? -4.203  5.498   19.906  1.00 140.41 ? 6  DG C "O4'" 1 
ATOM 634 C "C3'" . DG C 3 6  ? -5.796  4.653   18.388  1.00 140.88 ? 6  DG C "C3'" 1 
ATOM 635 O "O3'" . DG C 3 6  ? -6.731  5.709   18.251  1.00 149.17 ? 6  DG C "O3'" 1 
ATOM 636 C "C2'" . DG C 3 6  ? -4.516  4.946   17.625  1.00 131.09 ? 6  DG C "C2'" 1 
ATOM 637 C "C1'" . DG C 3 6  ? -3.754  5.836   18.605  1.00 132.19 ? 6  DG C "C1'" 1 
ATOM 638 N N9    . DG C 3 6  ? -2.312  5.635   18.539  1.00 124.44 ? 6  DG C N9    1 
ATOM 639 C C8    . DG C 3 6  ? -1.620  4.505   18.896  1.00 125.79 ? 6  DG C C8    1 
ATOM 640 N N7    . DG C 3 6  ? -0.332  4.603   18.709  1.00 121.39 ? 6  DG C N7    1 
ATOM 641 C C5    . DG C 3 6  ? -0.159  5.879   18.191  1.00 118.37 ? 6  DG C C5    1 
ATOM 642 C C6    . DG C 3 6  ? 1.022   6.550   17.794  1.00 113.47 ? 6  DG C C6    1 
ATOM 643 O O6    . DG C 3 6  ? 2.185   6.134   17.826  1.00 113.64 ? 6  DG C O6    1 
ATOM 644 N N1    . DG C 3 6  ? 0.753   7.832   17.323  1.00 113.75 ? 6  DG C N1    1 
ATOM 645 C C2    . DG C 3 6  ? -0.499  8.394   17.244  1.00 124.11 ? 6  DG C C2    1 
ATOM 646 N N2    . DG C 3 6  ? -0.561  9.644   16.761  1.00 127.28 ? 6  DG C N2    1 
ATOM 647 N N3    . DG C 3 6  ? -1.616  7.775   17.613  1.00 123.99 ? 6  DG C N3    1 
ATOM 648 C C4    . DG C 3 6  ? -1.370  6.526   18.075  1.00 121.79 ? 6  DG C C4    1 
ATOM 649 P P     . DT C 3 7  ? -7.416  5.973   16.821  1.00 164.54 ? 7  DT C P     1 
ATOM 650 O OP1   . DT C 3 7  ? -8.632  6.796   17.014  1.00 165.41 ? 7  DT C OP1   1 
ATOM 651 O OP2   . DT C 3 7  ? -7.507  4.662   16.138  1.00 161.68 ? 7  DT C OP2   1 
ATOM 652 O "O5'" . DT C 3 7  ? -6.327  6.830   16.027  1.00 140.86 ? 7  DT C "O5'" 1 
ATOM 653 C "C5'" . DT C 3 7  ? -6.046  8.161   16.410  1.00 135.69 ? 7  DT C "C5'" 1 
ATOM 654 C "C4'" . DT C 3 7  ? -5.495  8.937   15.229  1.00 140.51 ? 7  DT C "C4'" 1 
ATOM 655 O "O4'" . DT C 3 7  ? -4.052  8.778   15.164  1.00 124.55 ? 7  DT C "O4'" 1 
ATOM 656 C "C3'" . DT C 3 7  ? -6.031  8.494   13.870  1.00 139.04 ? 7  DT C "C3'" 1 
ATOM 657 O "O3'" . DT C 3 7  ? -6.242  9.638   13.048  1.00 137.53 ? 7  DT C "O3'" 1 
ATOM 658 C "C2'" . DT C 3 7  ? -4.921  7.587   13.336  1.00 124.11 ? 7  DT C "C2'" 1 
ATOM 659 C "C1'" . DT C 3 7  ? -3.678  8.242   13.911  1.00 121.60 ? 7  DT C "C1'" 1 
ATOM 660 N N1    . DT C 3 7  ? -2.550  7.297   14.132  1.00 116.93 ? 7  DT C N1    1 
ATOM 661 C C2    . DT C 3 7  ? -1.270  7.708   13.847  1.00 115.68 ? 7  DT C C2    1 
ATOM 662 O O2    . DT C 3 7  ? -1.003  8.815   13.407  1.00 111.48 ? 7  DT C O2    1 
ATOM 663 N N3    . DT C 3 7  ? -0.303  6.775   14.093  1.00 109.32 ? 7  DT C N3    1 
ATOM 664 C C4    . DT C 3 7  ? -0.476  5.501   14.586  1.00 112.17 ? 7  DT C C4    1 
ATOM 665 O O4    . DT C 3 7  ? 0.466   4.739   14.773  1.00 114.45 ? 7  DT C O4    1 
ATOM 666 C C5    . DT C 3 7  ? -1.838  5.128   14.867  1.00 112.87 ? 7  DT C C5    1 
ATOM 667 C C7    . DT C 3 7  ? -2.141  3.763   15.404  1.00 122.39 ? 7  DT C C7    1 
ATOM 668 C C6    . DT C 3 7  ? -2.803  6.034   14.632  1.00 113.32 ? 7  DT C C6    1 
ATOM 669 P P     . DG C 3 8  ? -6.573  9.486   11.483  1.00 139.27 ? 8  DG C P     1 
ATOM 670 O OP1   . DG C 3 8  ? -7.504  10.578  11.126  1.00 129.69 ? 8  DG C OP1   1 
ATOM 671 O OP2   . DG C 3 8  ? -6.976  8.087   11.201  1.00 140.58 ? 8  DG C OP2   1 
ATOM 672 O "O5'" . DG C 3 8  ? -5.167  9.785   10.790  1.00 114.35 ? 8  DG C "O5'" 1 
ATOM 673 C "C5'" . DG C 3 8  ? -4.323  10.776  11.347  1.00 116.08 ? 8  DG C "C5'" 1 
ATOM 674 C "C4'" . DG C 3 8  ? -3.451  11.437  10.290  1.00 117.72 ? 8  DG C "C4'" 1 
ATOM 675 O "O4'" . DG C 3 8  ? -2.126  10.867  10.319  1.00 120.02 ? 8  DG C "O4'" 1 
ATOM 676 C "C3'" . DG C 3 8  ? -3.905  11.290  8.853   1.00 105.86 ? 8  DG C "C3'" 1 
ATOM 677 O "O3'" . DG C 3 8  ? -3.379  12.386  8.096   1.00 101.13 ? 8  DG C "O3'" 1 
ATOM 678 C "C2'" . DG C 3 8  ? -3.276  9.956   8.452   1.00 109.90 ? 8  DG C "C2'" 1 
ATOM 679 C "C1'" . DG C 3 8  ? -1.981  9.936   9.266   1.00 111.32 ? 8  DG C "C1'" 1 
ATOM 680 N N9    . DG C 3 8  ? -1.688  8.636   9.857   1.00 110.70 ? 8  DG C N9    1 
ATOM 681 C C8    . DG C 3 8  ? -2.598  7.709   10.312  1.00 112.05 ? 8  DG C C8    1 
ATOM 682 N N7    . DG C 3 8  ? -2.041  6.634   10.793  1.00 109.33 ? 8  DG C N7    1 
ATOM 683 C C5    . DG C 3 8  ? -0.678  6.863   10.649  1.00 108.37 ? 8  DG C C5    1 
ATOM 684 C C6    . DG C 3 8  ? 0.419   6.049   10.996  1.00 114.49 ? 8  DG C C6    1 
ATOM 685 O O6    . DG C 3 8  ? 0.403   4.926   11.516  1.00 119.98 ? 8  DG C O6    1 
ATOM 686 N N1    . DG C 3 8  ? 1.635   6.657   10.679  1.00 111.58 ? 8  DG C N1    1 
ATOM 687 C C2    . DG C 3 8  ? 1.765   7.897   10.101  1.00 112.03 ? 8  DG C C2    1 
ATOM 688 N N2    . DG C 3 8  ? 3.017   8.317   9.872   1.00 110.45 ? 8  DG C N2    1 
ATOM 689 N N3    . DG C 3 8  ? 0.742   8.672   9.770   1.00 110.82 ? 8  DG C N3    1 
ATOM 690 C C4    . DG C 3 8  ? -0.445  8.092   10.073  1.00 105.84 ? 8  DG C C4    1 
ATOM 691 P P     . DA C 3 9  ? -3.149  12.289  6.509   1.00 114.22 ? 9  DA C P     1 
ATOM 692 O OP1   . DA C 3 9  ? -3.001  13.670  5.992   1.00 105.77 ? 9  DA C OP1   1 
ATOM 693 O OP2   . DA C 3 9  ? -4.196  11.420  5.922   1.00 124.24 ? 9  DA C OP2   1 
ATOM 694 O "O5'" . DA C 3 9  ? -1.737  11.554  6.371   1.00 112.89 ? 9  DA C "O5'" 1 
ATOM 695 C "C5'" . DA C 3 9  ? -0.533  12.307  6.378   1.00 113.01 ? 9  DA C "C5'" 1 
ATOM 696 C "C4'" . DA C 3 9  ? 0.569   11.566  5.639   1.00 110.14 ? 9  DA C "C4'" 1 
ATOM 697 O "O4'" . DA C 3 9  ? 0.908   10.348  6.359   1.00 110.08 ? 9  DA C "O4'" 1 
ATOM 698 C "C3'" . DA C 3 9  ? 0.208   11.105  4.227   1.00 101.34 ? 9  DA C "C3'" 1 
ATOM 699 O "O3'" . DA C 3 9  ? 1.360   11.099  3.433   1.00 99.30  ? 9  DA C "O3'" 1 
ATOM 700 C "C2'" . DA C 3 9  ? -0.253  9.687   4.469   1.00 106.37 ? 9  DA C "C2'" 1 
ATOM 701 C "C1'" . DA C 3 9  ? 0.788   9.257   5.474   1.00 100.75 ? 9  DA C "C1'" 1 
ATOM 702 N N9    . DA C 3 9  ? 0.401   8.073   6.205   1.00 103.10 ? 9  DA C N9    1 
ATOM 703 C C8    . DA C 3 9  ? -0.875  7.658   6.484   1.00 105.10 ? 9  DA C C8    1 
ATOM 704 N N7    . DA C 3 9  ? -0.933  6.528   7.143   1.00 102.12 ? 9  DA C N7    1 
ATOM 705 C C5    . DA C 3 9  ? 0.399   6.173   7.297   1.00 103.80 ? 9  DA C C5    1 
ATOM 706 C C6    . DA C 3 9  ? 1.009   5.069   7.915   1.00 108.52 ? 9  DA C C6    1 
ATOM 707 N N6    . DA C 3 9  ? 0.326   4.091   8.509   1.00 110.90 ? 9  DA C N6    1 
ATOM 708 N N1    . DA C 3 9  ? 2.359   5.012   7.895   1.00 108.38 ? 9  DA C N1    1 
ATOM 709 C C2    . DA C 3 9  ? 3.036   5.998   7.298   1.00 103.55 ? 9  DA C C2    1 
ATOM 710 N N3    . DA C 3 9  ? 2.568   7.086   6.681   1.00 94.85  ? 9  DA C N3    1 
ATOM 711 C C4    . DA C 3 9  ? 1.227   7.109   6.723   1.00 96.16  ? 9  DA C C4    1 
ATOM 712 P P     . DG D 4 1  ? 1.595   -14.608 -8.679  1.00 130.95 ? 10 DG D P     1 
ATOM 713 O OP1   . DG D 4 1  ? 2.246   -15.934 -8.742  1.00 124.66 ? 10 DG D OP1   1 
ATOM 714 O OP2   . DG D 4 1  ? 2.398   -13.403 -8.365  1.00 99.65  ? 10 DG D OP2   1 
ATOM 715 O "O5'" . DG D 4 1  ? 0.385   -14.735 -7.643  1.00 118.62 ? 10 DG D "O5'" 1 
ATOM 716 C "C5'" . DG D 4 1  ? 0.389   -13.977 -6.449  1.00 109.14 ? 10 DG D "C5'" 1 
ATOM 717 C "C4'" . DG D 4 1  ? -1.025  -13.616 -6.040  1.00 109.18 ? 10 DG D "C4'" 1 
ATOM 718 O "O4'" . DG D 4 1  ? -0.979  -12.503 -5.115  1.00 112.81 ? 10 DG D "O4'" 1 
ATOM 719 C "C3'" . DG D 4 1  ? -1.925  -13.176 -7.190  1.00 110.62 ? 10 DG D "C3'" 1 
ATOM 720 O "O3'" . DG D 4 1  ? -2.738  -14.264 -7.609  1.00 109.61 ? 10 DG D "O3'" 1 
ATOM 721 C "C2'" . DG D 4 1  ? -2.761  -12.058 -6.578  1.00 112.80 ? 10 DG D "C2'" 1 
ATOM 722 C "C1'" . DG D 4 1  ? -1.786  -11.447 -5.587  1.00 111.25 ? 10 DG D "C1'" 1 
ATOM 723 N N9    . DG D 4 1  ? -0.914  -10.427 -6.157  1.00 102.62 ? 10 DG D N9    1 
ATOM 724 C C8    . DG D 4 1  ? 0.433   -10.534 -6.389  1.00 110.26 ? 10 DG D C8    1 
ATOM 725 N N7    . DG D 4 1  ? 0.963   -9.455  -6.892  1.00 113.82 ? 10 DG D N7    1 
ATOM 726 C C5    . DG D 4 1  ? -0.099  -8.571  -6.993  1.00 108.92 ? 10 DG D C5    1 
ATOM 727 C C6    . DG D 4 1  ? -0.127  -7.244  -7.471  1.00 110.48 ? 10 DG D C6    1 
ATOM 728 O O6    . DG D 4 1  ? 0.814   -6.568  -7.913  1.00 112.31 ? 10 DG D O6    1 
ATOM 729 N N1    . DG D 4 1  ? -1.408  -6.699  -7.401  1.00 105.91 ? 10 DG D N1    1 
ATOM 730 C C2    . DG D 4 1  ? -2.518  -7.361  -6.929  1.00 106.59 ? 10 DG D C2    1 
ATOM 731 N N2    . DG D 4 1  ? -3.666  -6.672  -6.941  1.00 112.54 ? 10 DG D N2    1 
ATOM 732 N N3    . DG D 4 1  ? -2.505  -8.610  -6.478  1.00 104.30 ? 10 DG D N3    1 
ATOM 733 C C4    . DG D 4 1  ? -1.264  -9.153  -6.542  1.00 102.98 ? 10 DG D C4    1 
ATOM 734 P P     . DG D 4 2  ? -3.124  -14.421 -9.159  1.00 126.88 ? 11 DG D P     1 
ATOM 735 O OP1   . DG D 4 2  ? -3.990  -15.612 -9.303  1.00 118.67 ? 11 DG D OP1   1 
ATOM 736 O OP2   . DG D 4 2  ? -1.870  -14.334 -9.943  1.00 119.60 ? 11 DG D OP2   1 
ATOM 737 O "O5'" . DG D 4 2  ? -3.981  -13.107 -9.466  1.00 114.76 ? 11 DG D "O5'" 1 
ATOM 738 C "C5'" . DG D 4 2  ? -5.297  -12.971 -8.940  1.00 117.16 ? 11 DG D "C5'" 1 
ATOM 739 C "C4'" . DG D 4 2  ? -5.780  -11.543 -9.088  1.00 116.56 ? 11 DG D "C4'" 1 
ATOM 740 O "O4'" . DG D 4 2  ? -4.737  -10.660 -8.644  1.00 107.74 ? 11 DG D "O4'" 1 
ATOM 741 C "C3'" . DG D 4 2  ? -6.069  -11.118 -10.520 1.00 130.79 ? 11 DG D "C3'" 1 
ATOM 742 O "O3'" . DG D 4 2  ? -7.428  -11.373 -10.841 1.00 128.73 ? 11 DG D "O3'" 1 
ATOM 743 C "C2'" . DG D 4 2  ? -5.777  -9.618  -10.515 1.00 121.97 ? 11 DG D "C2'" 1 
ATOM 744 C "C1'" . DG D 4 2  ? -4.790  -9.448  -9.364  1.00 108.02 ? 11 DG D "C1'" 1 
ATOM 745 N N9    . DG D 4 2  ? -3.439  -9.101  -9.784  1.00 103.90 ? 11 DG D N9    1 
ATOM 746 C C8    . DG D 4 2  ? -2.325  -9.901  -9.758  1.00 107.19 ? 11 DG D C8    1 
ATOM 747 N N7    . DG D 4 2  ? -1.248  -9.301  -10.184 1.00 104.23 ? 11 DG D N7    1 
ATOM 748 C C5    . DG D 4 2  ? -1.678  -8.024  -10.507 1.00 99.60  ? 11 DG D C5    1 
ATOM 749 C C6    . DG D 4 2  ? -0.960  -6.922  -11.019 1.00 111.18 ? 11 DG D C6    1 
ATOM 750 O O6    . DG D 4 2  ? 0.246   -6.856  -11.299 1.00 121.58 ? 11 DG D O6    1 
ATOM 751 N N1    . DG D 4 2  ? -1.783  -5.815  -11.205 1.00 109.43 ? 11 DG D N1    1 
ATOM 752 C C2    . DG D 4 2  ? -3.127  -5.778  -10.928 1.00 109.19 ? 11 DG D C2    1 
ATOM 753 N N2    . DG D 4 2  ? -3.759  -4.624  -11.170 1.00 108.73 ? 11 DG D N2    1 
ATOM 754 N N3    . DG D 4 2  ? -3.809  -6.804  -10.447 1.00 102.98 ? 11 DG D N3    1 
ATOM 755 C C4    . DG D 4 2  ? -3.024  -7.887  -10.262 1.00 101.20 ? 11 DG D C4    1 
ATOM 756 P P     . DT D 4 3  ? -7.902  -11.367 -12.376 1.00 134.98 ? 12 DT D P     1 
ATOM 757 O OP1   . DT D 4 3  ? -9.287  -11.887 -12.417 1.00 134.86 ? 12 DT D OP1   1 
ATOM 758 O OP2   . DT D 4 3  ? -6.828  -11.998 -13.176 1.00 127.22 ? 12 DT D OP2   1 
ATOM 759 O "O5'" . DT D 4 3  ? -7.935  -9.820  -12.773 1.00 112.64 ? 12 DT D "O5'" 1 
ATOM 760 C "C5'" . DT D 4 3  ? -8.866  -8.952  -12.146 1.00 116.88 ? 12 DT D "C5'" 1 
ATOM 761 C "C4'" . DT D 4 3  ? -8.753  -7.546  -12.700 1.00 119.55 ? 12 DT D "C4'" 1 
ATOM 762 O "O4'" . DT D 4 3  ? -7.375  -7.087  -12.608 1.00 121.51 ? 12 DT D "O4'" 1 
ATOM 763 C "C3'" . DT D 4 3  ? -9.137  -7.399  -14.167 1.00 118.05 ? 12 DT D "C3'" 1 
ATOM 764 O "O3'" . DT D 4 3  ? -9.735  -6.136  -14.361 1.00 125.67 ? 12 DT D "O3'" 1 
ATOM 765 C "C2'" . DT D 4 3  ? -7.786  -7.485  -14.865 1.00 121.07 ? 12 DT D "C2'" 1 
ATOM 766 C "C1'" . DT D 4 3  ? -6.918  -6.711  -13.891 1.00 117.25 ? 12 DT D "C1'" 1 
ATOM 767 N N1    . DT D 4 3  ? -5.480  -7.045  -13.985 1.00 112.13 ? 12 DT D N1    1 
ATOM 768 C C2    . DT D 4 3  ? -4.567  -6.056  -14.291 1.00 113.79 ? 12 DT D C2    1 
ATOM 769 O O2    . DT D 4 3  ? -4.882  -4.899  -14.499 1.00 113.45 ? 12 DT D O2    1 
ATOM 770 N N3    . DT D 4 3  ? -3.262  -6.484  -14.343 1.00 114.05 ? 12 DT D N3    1 
ATOM 771 C C4    . DT D 4 3  ? -2.799  -7.769  -14.127 1.00 109.87 ? 12 DT D C4    1 
ATOM 772 O O4    . DT D 4 3  ? -1.609  -8.063  -14.196 1.00 111.62 ? 12 DT D O4    1 
ATOM 773 C C5    . DT D 4 3  ? -3.812  -8.748  -13.812 1.00 108.32 ? 12 DT D C5    1 
ATOM 774 C C7    . DT D 4 3  ? -3.426  -10.174 -13.556 1.00 115.98 ? 12 DT D C7    1 
ATOM 775 C C6    . DT D 4 3  ? -5.086  -8.344  -13.757 1.00 108.56 ? 12 DT D C6    1 
ATOM 776 P P     . DC D 4 4  ? -10.469 -5.782  -15.744 1.00 139.92 ? 13 DC D P     1 
ATOM 777 O OP1   . DC D 4 4  ? -11.882 -5.511  -15.407 1.00 145.42 ? 13 DC D OP1   1 
ATOM 778 O OP2   . DC D 4 4  ? -10.131 -6.807  -16.759 1.00 129.62 ? 13 DC D OP2   1 
ATOM 779 O "O5'" . DC D 4 4  ? -9.783  -4.411  -16.180 1.00 113.01 ? 13 DC D "O5'" 1 
ATOM 780 C "C5'" . DC D 4 4  ? -8.399  -4.248  -16.004 1.00 107.86 ? 13 DC D "C5'" 1 
ATOM 781 C "C4'" . DC D 4 4  ? -7.933  -2.955  -16.616 1.00 118.74 ? 13 DC D "C4'" 1 
ATOM 782 O "O4'" . DC D 4 4  ? -6.495  -2.977  -16.729 1.00 126.82 ? 13 DC D "O4'" 1 
ATOM 783 C "C3'" . DC D 4 4  ? -8.410  -2.718  -18.027 1.00 116.42 ? 13 DC D "C3'" 1 
ATOM 784 O "O3'" . DC D 4 4  ? -8.280  -1.338  -18.322 1.00 117.01 ? 13 DC D "O3'" 1 
ATOM 785 C "C2'" . DC D 4 4  ? -7.424  -3.570  -18.825 1.00 123.14 ? 13 DC D "C2'" 1 
ATOM 786 C "C1'" . DC D 4 4  ? -6.126  -3.370  -18.038 1.00 121.22 ? 13 DC D "C1'" 1 
ATOM 787 N N1    . DC D 4 4  ? -5.274  -4.590  -17.924 1.00 117.96 ? 13 DC D N1    1 
ATOM 788 C C2    . DC D 4 4  ? -3.888  -4.471  -18.047 1.00 119.02 ? 13 DC D C2    1 
ATOM 789 O O2    . DC D 4 4  ? -3.402  -3.355  -18.271 1.00 124.15 ? 13 DC D O2    1 
ATOM 790 N N3    . DC D 4 4  ? -3.117  -5.581  -17.921 1.00 113.61 ? 13 DC D N3    1 
ATOM 791 C C4    . DC D 4 4  ? -3.687  -6.762  -17.677 1.00 112.82 ? 13 DC D C4    1 
ATOM 792 N N4    . DC D 4 4  ? -2.891  -7.830  -17.563 1.00 114.30 ? 13 DC D N4    1 
ATOM 793 C C5    . DC D 4 4  ? -5.099  -6.901  -17.539 1.00 112.91 ? 13 DC D C5    1 
ATOM 794 C C6    . DC D 4 4  ? -5.847  -5.801  -17.663 1.00 116.84 ? 13 DC D C6    1 
ATOM 795 P P     . DT D 4 5  ? -8.722  -0.759  -19.753 1.00 132.25 ? 14 DT D P     1 
ATOM 796 O OP1   . DT D 4 5  ? -9.153  0.643   -19.560 1.00 125.80 ? 14 DT D OP1   1 
ATOM 797 O OP2   . DT D 4 5  ? -9.629  -1.738  -20.388 1.00 133.49 ? 14 DT D OP2   1 
ATOM 798 O "O5'" . DT D 4 5  ? -7.362  -0.750  -20.581 1.00 125.21 ? 14 DT D "O5'" 1 
ATOM 799 C "C5'" . DT D 4 5  ? -6.252  -0.023  -20.095 1.00 123.74 ? 14 DT D "C5'" 1 
ATOM 800 C "C4'" . DT D 4 5  ? -5.131  -0.023  -21.112 1.00 128.99 ? 14 DT D "C4'" 1 
ATOM 801 O "O4'" . DT D 4 5  ? -4.321  -1.218  -20.949 1.00 129.92 ? 14 DT D "O4'" 1 
ATOM 802 C "C3'" . DT D 4 5  ? -5.585  -0.026  -22.567 1.00 133.93 ? 14 DT D "C3'" 1 
ATOM 803 O "O3'" . DT D 4 5  ? -4.681  0.740   -23.338 1.00 136.87 ? 14 DT D "O3'" 1 
ATOM 804 C "C2'" . DT D 4 5  ? -5.508  -1.506  -22.934 1.00 138.48 ? 14 DT D "C2'" 1 
ATOM 805 C "C1'" . DT D 4 5  ? -4.255  -1.910  -22.178 1.00 128.84 ? 14 DT D "C1'" 1 
ATOM 806 N N1    . DT D 4 5  ? -4.148  -3.367  -21.888 1.00 125.77 ? 14 DT D N1    1 
ATOM 807 C C2    . DT D 4 5  ? -2.902  -3.938  -21.841 1.00 128.15 ? 14 DT D C2    1 
ATOM 808 O O2    . DT D 4 5  ? -1.876  -3.314  -22.040 1.00 129.99 ? 14 DT D O2    1 
ATOM 809 N N3    . DT D 4 5  ? -2.894  -5.277  -21.554 1.00 125.37 ? 14 DT D N3    1 
ATOM 810 C C4    . DT D 4 5  ? -3.987  -6.084  -21.309 1.00 125.42 ? 14 DT D C4    1 
ATOM 811 O O4    . DT D 4 5  ? -3.874  -7.282  -21.058 1.00 124.49 ? 14 DT D O4    1 
ATOM 812 C C5    . DT D 4 5  ? -5.270  -5.422  -21.368 1.00 121.81 ? 14 DT D C5    1 
ATOM 813 C C7    . DT D 4 5  ? -6.528  -6.196  -21.122 1.00 113.50 ? 14 DT D C7    1 
ATOM 814 C C6    . DT D 4 5  ? -5.288  -4.107  -21.650 1.00 123.57 ? 14 DT D C6    1 
ATOM 815 P P     . DG D 4 6  ? -5.161  2.104   -24.035 1.00 150.71 ? 15 DG D P     1 
ATOM 816 O OP1   . DG D 4 6  ? -4.854  3.226   -23.120 1.00 146.87 ? 15 DG D OP1   1 
ATOM 817 O OP2   . DG D 4 6  ? -6.556  1.898   -24.484 1.00 142.63 ? 15 DG D OP2   1 
ATOM 818 O "O5'" . DG D 4 6  ? -4.215  2.211   -25.323 1.00 144.32 ? 15 DG D "O5'" 1 
ATOM 819 C "C5'" . DG D 4 6  ? -2.797  2.095   -25.186 1.00 133.05 ? 15 DG D "C5'" 1 
ATOM 820 C "C4'" . DG D 4 6  ? -2.243  1.064   -26.152 1.00 133.05 ? 15 DG D "C4'" 1 
ATOM 821 O "O4'" . DG D 4 6  ? -2.287  -0.236  -25.544 1.00 136.50 ? 15 DG D "O4'" 1 
ATOM 822 C "C3'" . DG D 4 6  ? -3.029  0.920   -27.446 1.00 134.53 ? 15 DG D "C3'" 1 
ATOM 823 O "O3'" . DG D 4 6  ? -2.486  1.768   -28.498 1.00 144.05 ? 15 DG D "O3'" 1 
ATOM 824 C "C2'" . DG D 4 6  ? -2.936  -0.577  -27.792 1.00 134.49 ? 15 DG D "C2'" 1 
ATOM 825 C "C1'" . DG D 4 6  ? -2.285  -1.211  -26.556 1.00 131.18 ? 15 DG D "C1'" 1 
ATOM 826 N N9    . DG D 4 6  ? -3.007  -2.379  -26.066 1.00 131.60 ? 15 DG D N9    1 
ATOM 827 C C8    . DG D 4 6  ? -4.366  -2.498  -25.916 1.00 130.89 ? 15 DG D C8    1 
ATOM 828 N N7    . DG D 4 6  ? -4.740  -3.656  -25.454 1.00 125.96 ? 15 DG D N7    1 
ATOM 829 C C5    . DG D 4 6  ? -3.554  -4.356  -25.289 1.00 126.92 ? 15 DG D C5    1 
ATOM 830 C C6    . DG D 4 6  ? -3.335  -5.669  -24.817 1.00 127.93 ? 15 DG D C6    1 
ATOM 831 O O6    . DG D 4 6  ? -4.174  -6.499  -24.442 1.00 124.86 ? 15 DG D O6    1 
ATOM 832 N N1    . DG D 4 6  ? -1.980  -5.992  -24.805 1.00 127.93 ? 15 DG D N1    1 
ATOM 833 C C2    . DG D 4 6  ? -0.965  -5.152  -25.200 1.00 129.91 ? 15 DG D C2    1 
ATOM 834 N N2    . DG D 4 6  ? 0.280   -5.646  -25.116 1.00 126.13 ? 15 DG D N2    1 
ATOM 835 N N3    . DG D 4 6  ? -1.158  -3.914  -25.645 1.00 130.03 ? 15 DG D N3    1 
ATOM 836 C C4    . DG D 4 6  ? -2.475  -3.585  -25.662 1.00 127.91 ? 15 DG D C4    1 
ATOM 837 P P     . DC D 4 7  ? -0.901  1.972   -28.727 1.00 143.53 ? 16 DC D P     1 
ATOM 838 O OP1   . DC D 4 7  ? -0.331  2.791   -27.633 1.00 141.92 ? 16 DC D OP1   1 
ATOM 839 O OP2   . DC D 4 7  ? -0.759  2.491   -30.104 1.00 143.07 ? 16 DC D OP2   1 
ATOM 840 O "O5'" . DC D 4 7  ? -0.283  0.488   -28.705 1.00 158.13 ? 16 DC D "O5'" 1 
ATOM 841 C "C5'" . DC D 4 7  ? -0.205  -0.290  -29.916 1.00 155.38 ? 16 DC D "C5'" 1 
ATOM 842 C "C4'" . DC D 4 7  ? 0.580   -1.578  -29.689 1.00 158.81 ? 16 DC D "C4'" 1 
ATOM 843 O "O4'" . DC D 4 7  ? -0.201  -2.490  -28.871 1.00 148.62 ? 16 DC D "O4'" 1 
ATOM 844 C "C3'" . DC D 4 7  ? 0.949   -2.353  -30.959 1.00 157.55 ? 16 DC D "C3'" 1 
ATOM 845 O "O3'" . DC D 4 7  ? 2.315   -2.759  -30.906 1.00 161.38 ? 16 DC D "O3'" 1 
ATOM 846 C "C2'" . DC D 4 7  ? 0.006   -3.558  -30.933 1.00 142.62 ? 16 DC D "C2'" 1 
ATOM 847 C "C1'" . DC D 4 7  ? -0.170  -3.778  -29.440 1.00 135.06 ? 16 DC D "C1'" 1 
ATOM 848 N N1    . DC D 4 7  ? -1.440  -4.478  -29.086 1.00 131.34 ? 16 DC D N1    1 
ATOM 849 C C2    . DC D 4 7  ? -1.400  -5.779  -28.561 1.00 130.54 ? 16 DC D C2    1 
ATOM 850 O O2    . DC D 4 7  ? -0.305  -6.333  -28.397 1.00 134.48 ? 16 DC D O2    1 
ATOM 851 N N3    . DC D 4 7  ? -2.571  -6.393  -28.245 1.00 127.09 ? 16 DC D N3    1 
ATOM 852 C C4    . DC D 4 7  ? -3.730  -5.758  -28.438 1.00 124.46 ? 16 DC D C4    1 
ATOM 853 N N4    . DC D 4 7  ? -4.860  -6.397  -28.115 1.00 129.67 ? 16 DC D N4    1 
ATOM 854 C C5    . DC D 4 7  ? -3.784  -4.438  -28.971 1.00 120.47 ? 16 DC D C5    1 
ATOM 855 C C6    . DC D 4 7  ? -2.629  -3.843  -29.278 1.00 127.69 ? 16 DC D C6    1 
# 
loop_
_pdbx_poly_seq_scheme.asym_id 
_pdbx_poly_seq_scheme.entity_id 
_pdbx_poly_seq_scheme.seq_id 
_pdbx_poly_seq_scheme.mon_id 
_pdbx_poly_seq_scheme.ndb_seq_num 
_pdbx_poly_seq_scheme.pdb_seq_num 
_pdbx_poly_seq_scheme.auth_seq_num 
_pdbx_poly_seq_scheme.pdb_mon_id 
_pdbx_poly_seq_scheme.auth_mon_id 
_pdbx_poly_seq_scheme.pdb_strand_id 
_pdbx_poly_seq_scheme.pdb_ins_code 
_pdbx_poly_seq_scheme.hetero 
A 1 1  DG 1  1  1  DG DG A . n 
A 1 2  DA 2  2  2  DA DA A . n 
A 1 3  DG 3  3  3  DG DG A . n 
A 1 4  DC 4  4  4  DC DC A . n 
A 1 5  DA 5  5  5  DA DA A . n 
A 1 6  DG 6  6  6  DG DG A . n 
A 1 7  DA 7  7  7  DA DA A . n 
A 1 8  DC 8  8  8  DC DC A . n 
A 1 9  DT 9  9  9  DT DT A . n 
A 1 10 DT 10 10 10 DT DT A . n 
A 1 11 DG 11 11 11 DG DG A . n 
A 1 12 DA 12 12 12 DA DA A . n 
A 1 13 DC 13 13 13 DC DC A . n 
A 1 14 DA 14 14 14 DA DA A . n 
A 1 15 DC 15 15 15 DC DC A . n 
A 1 16 DC 16 16 16 DC DC A . n 
A 1 17 DA 17 17 17 DA DA A . n 
A 1 18 DC 18 18 18 DC DC A . n 
A 1 19 DT 19 19 19 DT DT A . n 
A 1 20 DC 20 20 20 DC DC A . n 
A 1 21 DA 21 21 21 DA DA A . n 
B 2 1  DT 1  1  1  DT DT B . n 
B 2 2  DG 2  2  2  DG DG B . n 
B 2 3  DT 3  3  3  DT DT B . n 
B 2 4  DC 4  4  4  DC DC B . n 
B 2 5  DA 5  5  5  DA DA B . n 
C 3 1  DT 1  1  1  DT DT C . n 
C 3 2  DC 2  2  2  DC DC C . n 
C 3 3  DT 3  3  3  DT DT C . n 
C 3 4  DG 4  4  4  DG DG C . n 
C 3 5  DA 5  5  5  DA DA C . n 
C 3 6  DG 6  6  6  DG DG C . n 
C 3 7  DT 7  7  7  DT DT C . n 
C 3 8  DG 8  8  8  DG DG C . n 
C 3 9  DA 9  9  9  DA DA C . n 
D 4 1  DG 1  10 10 DG DG D . n 
D 4 2  DG 2  11 11 DG DG D . n 
D 4 3  DT 3  12 12 DT DT D . n 
D 4 4  DC 4  13 13 DC DC D . n 
D 4 5  DT 5  14 14 DT DT D . n 
D 4 6  DG 6  15 15 DG DG D . n 
D 4 7  DC 7  16 16 DC DC D . n 
# 
_pdbx_struct_assembly.id                   1 
_pdbx_struct_assembly.details              author_defined_assembly 
_pdbx_struct_assembly.method_details       ? 
_pdbx_struct_assembly.oligomeric_details   tetrameric 
_pdbx_struct_assembly.oligomeric_count     4 
# 
_pdbx_struct_assembly_gen.assembly_id       1 
_pdbx_struct_assembly_gen.oper_expression   1 
_pdbx_struct_assembly_gen.asym_id_list      A,B,C,D 
# 
_pdbx_struct_oper_list.id                   1 
_pdbx_struct_oper_list.type                 'identity operation' 
_pdbx_struct_oper_list.name                 1_555 
_pdbx_struct_oper_list.symmetry_operation   x,y,z 
_pdbx_struct_oper_list.matrix[1][1]         1.0000000000 
_pdbx_struct_oper_list.matrix[1][2]         0.0000000000 
_pdbx_struct_oper_list.matrix[1][3]         0.0000000000 
_pdbx_struct_oper_list.vector[1]            0.0000000000 
_pdbx_struct_oper_list.matrix[2][1]         0.0000000000 
_pdbx_struct_oper_list.matrix[2][2]         1.0000000000 
_pdbx_struct_oper_list.matrix[2][3]         0.0000000000 
_pdbx_struct_oper_list.vector[2]            0.0000000000 
_pdbx_struct_oper_list.matrix[3][1]         0.0000000000 
_pdbx_struct_oper_list.matrix[3][2]         0.0000000000 
_pdbx_struct_oper_list.matrix[3][3]         1.0000000000 
_pdbx_struct_oper_list.vector[3]            0.0000000000 
# 
loop_
_pdbx_audit_revision_history.ordinal 
_pdbx_audit_revision_history.data_content_type 
_pdbx_audit_revision_history.major_revision 
_pdbx_audit_revision_history.minor_revision 
_pdbx_audit_revision_history.revision_date 
1 'Structure model' 1 0 2021-07-14 
2 'Structure model' 1 1 2022-07-06 
3 'Structure model' 1 2 2023-10-18 
# 
_pdbx_audit_revision_details.ordinal             1 
_pdbx_audit_revision_details.revision_ordinal    1 
_pdbx_audit_revision_details.data_content_type   'Structure model' 
_pdbx_audit_revision_details.provider            repository 
_pdbx_audit_revision_details.type                'Initial release' 
_pdbx_audit_revision_details.description         ? 
_pdbx_audit_revision_details.details             ? 
# 
loop_
_pdbx_audit_revision_group.ordinal 
_pdbx_audit_revision_group.revision_ordinal 
_pdbx_audit_revision_group.data_content_type 
_pdbx_audit_revision_group.group 
1 2 'Structure model' 'Database references'    
2 3 'Structure model' 'Data collection'        
3 3 'Structure model' 'Refinement description' 
# 
loop_
_pdbx_audit_revision_category.ordinal 
_pdbx_audit_revision_category.revision_ordinal 
_pdbx_audit_revision_category.data_content_type 
_pdbx_audit_revision_category.category 
1 2 'Structure model' citation                      
2 2 'Structure model' citation_author               
3 2 'Structure model' database_2                    
4 3 'Structure model' chem_comp_atom                
5 3 'Structure model' chem_comp_bond                
6 3 'Structure model' pdbx_initial_refinement_model 
# 
loop_
_pdbx_audit_revision_item.ordinal 
_pdbx_audit_revision_item.revision_ordinal 
_pdbx_audit_revision_item.data_content_type 
_pdbx_audit_revision_item.item 
1  2 'Structure model' '_citation.country'                   
2  2 'Structure model' '_citation.journal_abbrev'            
3  2 'Structure model' '_citation.journal_id_CSD'            
4  2 'Structure model' '_citation.journal_id_ISSN'           
5  2 'Structure model' '_citation.journal_volume'            
6  2 'Structure model' '_citation.page_first'                
7  2 'Structure model' '_citation.page_last'                 
8  2 'Structure model' '_citation.pdbx_database_id_DOI'      
9  2 'Structure model' '_citation.pdbx_database_id_PubMed'   
10 2 'Structure model' '_citation.title'                     
11 2 'Structure model' '_citation.year'                      
12 2 'Structure model' '_database_2.pdbx_DOI'                
13 2 'Structure model' '_database_2.pdbx_database_accession' 
# 
loop_
_software.citation_id 
_software.classification 
_software.compiler_name 
_software.compiler_version 
_software.contact_author 
_software.contact_author_email 
_software.date 
_software.description 
_software.dependencies 
_software.hardware 
_software.language 
_software.location 
_software.mods 
_software.name 
_software.os 
_software.os_version 
_software.type 
_software.version 
_software.pdbx_ordinal 
? 'data reduction'  ? ? ? ? ? ? ? ? ? ? ? HKL-2000    ? ? ? .           1 
? 'data scaling'    ? ? ? ? ? ? ? ? ? ? ? HKL-2000    ? ? ? .           2 
? refinement        ? ? ? ? ? ? ? ? ? ? ? PHENIX      ? ? ? 1.11.1_2575 3 
? 'data extraction' ? ? ? ? ? ? ? ? ? ? ? PDB_EXTRACT ? ? ? 3.25        4 
? phasing           ? ? ? ? ? ? ? ? ? ? ? PHASER      ? ? ? .           5 
# 
loop_
_chem_comp_atom.comp_id 
_chem_comp_atom.atom_id 
_chem_comp_atom.type_symbol 
_chem_comp_atom.pdbx_aromatic_flag 
_chem_comp_atom.pdbx_stereo_config 
_chem_comp_atom.pdbx_ordinal 
DA OP3    O N N 1   
DA P      P N N 2   
DA OP1    O N N 3   
DA OP2    O N N 4   
DA "O5'"  O N N 5   
DA "C5'"  C N N 6   
DA "C4'"  C N R 7   
DA "O4'"  O N N 8   
DA "C3'"  C N S 9   
DA "O3'"  O N N 10  
DA "C2'"  C N N 11  
DA "C1'"  C N R 12  
DA N9     N Y N 13  
DA C8     C Y N 14  
DA N7     N Y N 15  
DA C5     C Y N 16  
DA C6     C Y N 17  
DA N6     N N N 18  
DA N1     N Y N 19  
DA C2     C Y N 20  
DA N3     N Y N 21  
DA C4     C Y N 22  
DA HOP3   H N N 23  
DA HOP2   H N N 24  
DA "H5'"  H N N 25  
DA "H5''" H N N 26  
DA "H4'"  H N N 27  
DA "H3'"  H N N 28  
DA "HO3'" H N N 29  
DA "H2'"  H N N 30  
DA "H2''" H N N 31  
DA "H1'"  H N N 32  
DA H8     H N N 33  
DA H61    H N N 34  
DA H62    H N N 35  
DA H2     H N N 36  
DC OP3    O N N 37  
DC P      P N N 38  
DC OP1    O N N 39  
DC OP2    O N N 40  
DC "O5'"  O N N 41  
DC "C5'"  C N N 42  
DC "C4'"  C N R 43  
DC "O4'"  O N N 44  
DC "C3'"  C N S 45  
DC "O3'"  O N N 46  
DC "C2'"  C N N 47  
DC "C1'"  C N R 48  
DC N1     N N N 49  
DC C2     C N N 50  
DC O2     O N N 51  
DC N3     N N N 52  
DC C4     C N N 53  
DC N4     N N N 54  
DC C5     C N N 55  
DC C6     C N N 56  
DC HOP3   H N N 57  
DC HOP2   H N N 58  
DC "H5'"  H N N 59  
DC "H5''" H N N 60  
DC "H4'"  H N N 61  
DC "H3'"  H N N 62  
DC "HO3'" H N N 63  
DC "H2'"  H N N 64  
DC "H2''" H N N 65  
DC "H1'"  H N N 66  
DC H41    H N N 67  
DC H42    H N N 68  
DC H5     H N N 69  
DC H6     H N N 70  
DG OP3    O N N 71  
DG P      P N N 72  
DG OP1    O N N 73  
DG OP2    O N N 74  
DG "O5'"  O N N 75  
DG "C5'"  C N N 76  
DG "C4'"  C N R 77  
DG "O4'"  O N N 78  
DG "C3'"  C N S 79  
DG "O3'"  O N N 80  
DG "C2'"  C N N 81  
DG "C1'"  C N R 82  
DG N9     N Y N 83  
DG C8     C Y N 84  
DG N7     N Y N 85  
DG C5     C Y N 86  
DG C6     C N N 87  
DG O6     O N N 88  
DG N1     N N N 89  
DG C2     C N N 90  
DG N2     N N N 91  
DG N3     N N N 92  
DG C4     C Y N 93  
DG HOP3   H N N 94  
DG HOP2   H N N 95  
DG "H5'"  H N N 96  
DG "H5''" H N N 97  
DG "H4'"  H N N 98  
DG "H3'"  H N N 99  
DG "HO3'" H N N 100 
DG "H2'"  H N N 101 
DG "H2''" H N N 102 
DG "H1'"  H N N 103 
DG H8     H N N 104 
DG H1     H N N 105 
DG H21    H N N 106 
DG H22    H N N 107 
DT OP3    O N N 108 
DT P      P N N 109 
DT OP1    O N N 110 
DT OP2    O N N 111 
DT "O5'"  O N N 112 
DT "C5'"  C N N 113 
DT "C4'"  C N R 114 
DT "O4'"  O N N 115 
DT "C3'"  C N S 116 
DT "O3'"  O N N 117 
DT "C2'"  C N N 118 
DT "C1'"  C N R 119 
DT N1     N N N 120 
DT C2     C N N 121 
DT O2     O N N 122 
DT N3     N N N 123 
DT C4     C N N 124 
DT O4     O N N 125 
DT C5     C N N 126 
DT C7     C N N 127 
DT C6     C N N 128 
DT HOP3   H N N 129 
DT HOP2   H N N 130 
DT "H5'"  H N N 131 
DT "H5''" H N N 132 
DT "H4'"  H N N 133 
DT "H3'"  H N N 134 
DT "HO3'" H N N 135 
DT "H2'"  H N N 136 
DT "H2''" H N N 137 
DT "H1'"  H N N 138 
DT H3     H N N 139 
DT H71    H N N 140 
DT H72    H N N 141 
DT H73    H N N 142 
DT H6     H N N 143 
# 
loop_
_chem_comp_bond.comp_id 
_chem_comp_bond.atom_id_1 
_chem_comp_bond.atom_id_2 
_chem_comp_bond.value_order 
_chem_comp_bond.pdbx_aromatic_flag 
_chem_comp_bond.pdbx_stereo_config 
_chem_comp_bond.pdbx_ordinal 
DA OP3   P      sing N N 1   
DA OP3   HOP3   sing N N 2   
DA P     OP1    doub N N 3   
DA P     OP2    sing N N 4   
DA P     "O5'"  sing N N 5   
DA OP2   HOP2   sing N N 6   
DA "O5'" "C5'"  sing N N 7   
DA "C5'" "C4'"  sing N N 8   
DA "C5'" "H5'"  sing N N 9   
DA "C5'" "H5''" sing N N 10  
DA "C4'" "O4'"  sing N N 11  
DA "C4'" "C3'"  sing N N 12  
DA "C4'" "H4'"  sing N N 13  
DA "O4'" "C1'"  sing N N 14  
DA "C3'" "O3'"  sing N N 15  
DA "C3'" "C2'"  sing N N 16  
DA "C3'" "H3'"  sing N N 17  
DA "O3'" "HO3'" sing N N 18  
DA "C2'" "C1'"  sing N N 19  
DA "C2'" "H2'"  sing N N 20  
DA "C2'" "H2''" sing N N 21  
DA "C1'" N9     sing N N 22  
DA "C1'" "H1'"  sing N N 23  
DA N9    C8     sing Y N 24  
DA N9    C4     sing Y N 25  
DA C8    N7     doub Y N 26  
DA C8    H8     sing N N 27  
DA N7    C5     sing Y N 28  
DA C5    C6     sing Y N 29  
DA C5    C4     doub Y N 30  
DA C6    N6     sing N N 31  
DA C6    N1     doub Y N 32  
DA N6    H61    sing N N 33  
DA N6    H62    sing N N 34  
DA N1    C2     sing Y N 35  
DA C2    N3     doub Y N 36  
DA C2    H2     sing N N 37  
DA N3    C4     sing Y N 38  
DC OP3   P      sing N N 39  
DC OP3   HOP3   sing N N 40  
DC P     OP1    doub N N 41  
DC P     OP2    sing N N 42  
DC P     "O5'"  sing N N 43  
DC OP2   HOP2   sing N N 44  
DC "O5'" "C5'"  sing N N 45  
DC "C5'" "C4'"  sing N N 46  
DC "C5'" "H5'"  sing N N 47  
DC "C5'" "H5''" sing N N 48  
DC "C4'" "O4'"  sing N N 49  
DC "C4'" "C3'"  sing N N 50  
DC "C4'" "H4'"  sing N N 51  
DC "O4'" "C1'"  sing N N 52  
DC "C3'" "O3'"  sing N N 53  
DC "C3'" "C2'"  sing N N 54  
DC "C3'" "H3'"  sing N N 55  
DC "O3'" "HO3'" sing N N 56  
DC "C2'" "C1'"  sing N N 57  
DC "C2'" "H2'"  sing N N 58  
DC "C2'" "H2''" sing N N 59  
DC "C1'" N1     sing N N 60  
DC "C1'" "H1'"  sing N N 61  
DC N1    C2     sing N N 62  
DC N1    C6     sing N N 63  
DC C2    O2     doub N N 64  
DC C2    N3     sing N N 65  
DC N3    C4     doub N N 66  
DC C4    N4     sing N N 67  
DC C4    C5     sing N N 68  
DC N4    H41    sing N N 69  
DC N4    H42    sing N N 70  
DC C5    C6     doub N N 71  
DC C5    H5     sing N N 72  
DC C6    H6     sing N N 73  
DG OP3   P      sing N N 74  
DG OP3   HOP3   sing N N 75  
DG P     OP1    doub N N 76  
DG P     OP2    sing N N 77  
DG P     "O5'"  sing N N 78  
DG OP2   HOP2   sing N N 79  
DG "O5'" "C5'"  sing N N 80  
DG "C5'" "C4'"  sing N N 81  
DG "C5'" "H5'"  sing N N 82  
DG "C5'" "H5''" sing N N 83  
DG "C4'" "O4'"  sing N N 84  
DG "C4'" "C3'"  sing N N 85  
DG "C4'" "H4'"  sing N N 86  
DG "O4'" "C1'"  sing N N 87  
DG "C3'" "O3'"  sing N N 88  
DG "C3'" "C2'"  sing N N 89  
DG "C3'" "H3'"  sing N N 90  
DG "O3'" "HO3'" sing N N 91  
DG "C2'" "C1'"  sing N N 92  
DG "C2'" "H2'"  sing N N 93  
DG "C2'" "H2''" sing N N 94  
DG "C1'" N9     sing N N 95  
DG "C1'" "H1'"  sing N N 96  
DG N9    C8     sing Y N 97  
DG N9    C4     sing Y N 98  
DG C8    N7     doub Y N 99  
DG C8    H8     sing N N 100 
DG N7    C5     sing Y N 101 
DG C5    C6     sing N N 102 
DG C5    C4     doub Y N 103 
DG C6    O6     doub N N 104 
DG C6    N1     sing N N 105 
DG N1    C2     sing N N 106 
DG N1    H1     sing N N 107 
DG C2    N2     sing N N 108 
DG C2    N3     doub N N 109 
DG N2    H21    sing N N 110 
DG N2    H22    sing N N 111 
DG N3    C4     sing N N 112 
DT OP3   P      sing N N 113 
DT OP3   HOP3   sing N N 114 
DT P     OP1    doub N N 115 
DT P     OP2    sing N N 116 
DT P     "O5'"  sing N N 117 
DT OP2   HOP2   sing N N 118 
DT "O5'" "C5'"  sing N N 119 
DT "C5'" "C4'"  sing N N 120 
DT "C5'" "H5'"  sing N N 121 
DT "C5'" "H5''" sing N N 122 
DT "C4'" "O4'"  sing N N 123 
DT "C4'" "C3'"  sing N N 124 
DT "C4'" "H4'"  sing N N 125 
DT "O4'" "C1'"  sing N N 126 
DT "C3'" "O3'"  sing N N 127 
DT "C3'" "C2'"  sing N N 128 
DT "C3'" "H3'"  sing N N 129 
DT "O3'" "HO3'" sing N N 130 
DT "C2'" "C1'"  sing N N 131 
DT "C2'" "H2'"  sing N N 132 
DT "C2'" "H2''" sing N N 133 
DT "C1'" N1     sing N N 134 
DT "C1'" "H1'"  sing N N 135 
DT N1    C2     sing N N 136 
DT N1    C6     sing N N 137 
DT C2    O2     doub N N 138 
DT C2    N3     sing N N 139 
DT N3    C4     sing N N 140 
DT N3    H3     sing N N 141 
DT C4    O4     doub N N 142 
DT C4    C5     sing N N 143 
DT C5    C7     sing N N 144 
DT C5    C6     doub N N 145 
DT C7    H71    sing N N 146 
DT C7    H72    sing N N 147 
DT C7    H73    sing N N 148 
DT C6    H6     sing N N 149 
# 
loop_
_ndb_struct_conf_na.entry_id 
_ndb_struct_conf_na.feature 
6WRJ 'double helix'        
6WRJ 'a-form double helix' 
6WRJ 'b-form double helix' 
# 
loop_
_ndb_struct_na_base_pair.model_number 
_ndb_struct_na_base_pair.i_label_asym_id 
_ndb_struct_na_base_pair.i_label_comp_id 
_ndb_struct_na_base_pair.i_label_seq_id 
_ndb_struct_na_base_pair.i_symmetry 
_ndb_struct_na_base_pair.j_label_asym_id 
_ndb_struct_na_base_pair.j_label_comp_id 
_ndb_struct_na_base_pair.j_label_seq_id 
_ndb_struct_na_base_pair.j_symmetry 
_ndb_struct_na_base_pair.shear 
_ndb_struct_na_base_pair.stretch 
_ndb_struct_na_base_pair.stagger 
_ndb_struct_na_base_pair.buckle 
_ndb_struct_na_base_pair.propeller 
_ndb_struct_na_base_pair.opening 
_ndb_struct_na_base_pair.pair_number 
_ndb_struct_na_base_pair.pair_name 
_ndb_struct_na_base_pair.i_auth_asym_id 
_ndb_struct_na_base_pair.i_auth_seq_id 
_ndb_struct_na_base_pair.i_PDB_ins_code 
_ndb_struct_na_base_pair.j_auth_asym_id 
_ndb_struct_na_base_pair.j_auth_seq_id 
_ndb_struct_na_base_pair.j_PDB_ins_code 
_ndb_struct_na_base_pair.hbond_type_28 
_ndb_struct_na_base_pair.hbond_type_12 
1 A DG 3  1_555 D DC 7 1_555 -0.175 -0.081 -0.013 -2.875 -7.205  -1.492 1  A_DG3:DC16_D A 3  ? D 16 ? 19 1 
1 A DC 4  1_555 D DG 6 1_555 -0.720 0.349  -0.097 -5.099 -4.802  -4.391 2  A_DC4:DG15_D A 4  ? D 15 ? 19 1 
1 A DA 5  1_555 D DT 5 1_555 0.047  -0.115 -0.015 3.002  -2.991  3.699  3  A_DA5:DT14_D A 5  ? D 14 ? 20 1 
1 A DG 6  1_555 D DC 4 1_555 -0.212 -0.142 -0.081 1.759  -7.048  1.392  4  A_DG6:DC13_D A 6  ? D 13 ? 19 1 
1 A DA 7  1_555 D DT 3 1_555 0.180  -0.107 -0.123 -3.229 -3.999  -3.710 5  A_DA7:DT12_D A 7  ? D 12 ? 20 1 
1 A DC 8  1_555 D DG 2 1_555 0.196  -0.190 0.116  0.204  -5.579  0.922  6  A_DC8:DG11_D A 8  ? D 11 ? 19 1 
1 A DT 9  1_555 D DG 1 1_555 0.315  -0.014 0.270  -3.960 -9.912  -1.060 7  A_DT9:DG10_D A 9  ? D 10 ? 28 1 
1 A DT 10 1_555 B DA 5 1_555 -1.316 -0.088 0.976  -5.999 -3.795  14.355 8  A_DT10:DA5_B A 10 ? B 5  ? 20 1 
1 A DG 11 1_555 B DC 4 1_555 -0.266 -0.131 0.627  4.375  -0.755  3.135  9  A_DG11:DC4_B A 11 ? B 4  ? 19 1 
1 A DA 12 1_555 B DT 3 1_555 0.207  -0.204 0.674  5.324  -3.554  -3.243 10 A_DA12:DT3_B A 12 ? B 3  ? 20 1 
1 A DC 13 1_555 B DG 2 1_555 0.160  -0.264 0.737  1.435  -11.757 -3.548 11 A_DC13:DG2_B A 13 ? B 2  ? 19 1 
1 A DA 14 1_555 B DT 1 1_555 0.074  -0.171 0.602  0.686  -13.307 -7.869 12 A_DA14:DT1_B A 14 ? B 1  ? 20 1 
1 A DC 15 1_555 C DA 9 1_555 1.036  0.167  0.364  -5.661 -8.812  -0.209 13 A_DC15:DA9_C A 15 ? C 9  ? ?  ? 
1 A DC 16 1_555 C DG 8 1_555 0.848  0.170  0.723  -3.249 -9.152  8.027  14 A_DC16:DG8_C A 16 ? C 8  ? 19 1 
1 A DA 17 1_555 C DT 7 1_555 0.165  -0.279 0.418  4.459  -5.307  5.286  15 A_DA17:DT7_C A 17 ? C 7  ? 20 1 
1 A DC 18 1_555 C DG 6 1_555 -0.062 -0.347 0.146  3.494  -9.253  -1.577 16 A_DC18:DG6_C A 18 ? C 6  ? 19 1 
1 A DT 19 1_555 C DA 5 1_555 -0.085 -0.151 0.171  0.697  -5.752  5.049  17 A_DT19:DA5_C A 19 ? C 5  ? 20 1 
1 A DC 20 1_555 C DG 4 1_555 0.209  -0.067 -0.139 4.526  -4.043  0.970  18 A_DC20:DG4_C A 20 ? C 4  ? 19 1 
1 A DA 21 1_555 C DT 3 1_555 0.367  0.001  0.046  6.149  -16.582 17.125 19 A_DA21:DT3_C A 21 ? C 3  ? 20 1 
# 
loop_
_ndb_struct_na_base_pair_step.model_number 
_ndb_struct_na_base_pair_step.i_label_asym_id_1 
_ndb_struct_na_base_pair_step.i_label_comp_id_1 
_ndb_struct_na_base_pair_step.i_label_seq_id_1 
_ndb_struct_na_base_pair_step.i_symmetry_1 
_ndb_struct_na_base_pair_step.j_label_asym_id_1 
_ndb_struct_na_base_pair_step.j_label_comp_id_1 
_ndb_struct_na_base_pair_step.j_label_seq_id_1 
_ndb_struct_na_base_pair_step.j_symmetry_1 
_ndb_struct_na_base_pair_step.i_label_asym_id_2 
_ndb_struct_na_base_pair_step.i_label_comp_id_2 
_ndb_struct_na_base_pair_step.i_label_seq_id_2 
_ndb_struct_na_base_pair_step.i_symmetry_2 
_ndb_struct_na_base_pair_step.j_label_asym_id_2 
_ndb_struct_na_base_pair_step.j_label_comp_id_2 
_ndb_struct_na_base_pair_step.j_label_seq_id_2 
_ndb_struct_na_base_pair_step.j_symmetry_2 
_ndb_struct_na_base_pair_step.shift 
_ndb_struct_na_base_pair_step.slide 
_ndb_struct_na_base_pair_step.rise 
_ndb_struct_na_base_pair_step.tilt 
_ndb_struct_na_base_pair_step.roll 
_ndb_struct_na_base_pair_step.twist 
_ndb_struct_na_base_pair_step.x_displacement 
_ndb_struct_na_base_pair_step.y_displacement 
_ndb_struct_na_base_pair_step.helical_rise 
_ndb_struct_na_base_pair_step.inclination 
_ndb_struct_na_base_pair_step.tip 
_ndb_struct_na_base_pair_step.helical_twist 
_ndb_struct_na_base_pair_step.step_number 
_ndb_struct_na_base_pair_step.step_name 
_ndb_struct_na_base_pair_step.i_auth_asym_id_1 
_ndb_struct_na_base_pair_step.i_auth_seq_id_1 
_ndb_struct_na_base_pair_step.i_PDB_ins_code_1 
_ndb_struct_na_base_pair_step.j_auth_asym_id_1 
_ndb_struct_na_base_pair_step.j_auth_seq_id_1 
_ndb_struct_na_base_pair_step.j_PDB_ins_code_1 
_ndb_struct_na_base_pair_step.i_auth_asym_id_2 
_ndb_struct_na_base_pair_step.i_auth_seq_id_2 
_ndb_struct_na_base_pair_step.i_PDB_ins_code_2 
_ndb_struct_na_base_pair_step.j_auth_asym_id_2 
_ndb_struct_na_base_pair_step.j_auth_seq_id_2 
_ndb_struct_na_base_pair_step.j_PDB_ins_code_2 
1 A DG 3  1_555 D DC 7 1_555 A DC 4  1_555 D DG 6 1_555 -0.830 -0.483 3.314 -1.432 -0.893 28.793 -0.767 1.340  3.364 -1.793 2.877  
28.842 1  AA_DG3DC4:DG15DC16_DD A 3  ? D 16 ? A 4  ? D 15 ? 
1 A DC 4  1_555 D DG 6 1_555 A DA 5  1_555 D DT 5 1_555 0.086  1.039  3.163 -0.664 6.329  39.320 0.798  -0.203 3.283 9.331  0.979  
39.811 2  AA_DC4DA5:DT14DG15_DD A 4  ? D 15 ? A 5  ? D 14 ? 
1 A DA 5  1_555 D DT 5 1_555 A DG 6  1_555 D DC 4 1_555 0.004  0.002  3.376 -0.869 0.817  28.593 -0.186 -0.211 3.374 1.653  1.759  
28.618 3  AA_DA5DG6:DC13DT14_DD A 5  ? D 14 ? A 6  ? D 13 ? 
1 A DG 6  1_555 D DC 4 1_555 A DA 7  1_555 D DT 3 1_555 -0.091 -0.663 3.238 -2.627 -0.297 40.285 -0.927 -0.162 3.242 -0.431 3.810  
40.368 4  AA_DG6DA7:DT12DC13_DD A 6  ? D 13 ? A 7  ? D 12 ? 
1 A DA 7  1_555 D DT 3 1_555 A DC 8  1_555 D DG 2 1_555 0.632  -1.031 3.261 -5.092 -0.125 34.150 -1.719 -1.842 3.141 -0.212 8.612  
34.517 5  AA_DA7DC8:DG11DT12_DD A 7  ? D 12 ? A 8  ? D 11 ? 
1 A DC 8  1_555 D DG 2 1_555 A DT 9  1_555 D DG 1 1_555 -0.315 -1.570 3.406 -1.779 -3.064 31.428 -2.277 0.227  3.551 -5.635 3.272  
31.622 6  AA_DC8DT9:DG10DG11_DD A 8  ? D 11 ? A 9  ? D 10 ? 
1 A DT 9  1_555 D DG 1 1_555 A DT 10 1_555 B DA 5 1_555 -0.151 -1.554 3.332 -2.884 1.412  22.340 -4.492 -0.676 3.222 3.621  7.395  
22.566 7  AA_DT9DT10:DA5DG10_BD A 9  ? D 10 ? A 10 ? B 5  ? 
1 A DT 10 1_555 B DA 5 1_555 A DG 11 1_555 B DC 4 1_555 -0.778 1.110  3.132 -2.007 3.502  37.588 1.272  0.948  3.255 5.416  3.103  
37.796 8  AA_DT10DG11:DC4DA5_BB A 10 ? B 5  ? A 11 ? B 4  ? 
1 A DG 11 1_555 B DC 4 1_555 A DA 12 1_555 B DT 3 1_555 -0.157 -0.483 3.168 -1.854 4.218  37.325 -1.277 0.012  3.101 6.560  2.884  
37.598 9  AA_DG11DA12:DT3DC4_BB A 11 ? B 4  ? A 12 ? B 3  ? 
1 A DA 12 1_555 B DT 3 1_555 A DC 13 1_555 B DG 2 1_555 0.420  -1.028 3.322 -2.114 -0.341 32.816 -1.757 -1.108 3.300 -0.603 3.738  
32.884 10 AA_DA12DC13:DG2DT3_BB A 12 ? B 3  ? A 13 ? B 2  ? 
1 A DC 13 1_555 B DG 2 1_555 A DA 14 1_555 B DT 1 1_555 -0.498 -0.966 3.199 -0.890 -1.484 36.877 -1.329 0.668  3.245 -2.344 1.405  
36.916 11 AA_DC13DA14:DT1DG2_BB A 13 ? B 2  ? A 14 ? B 1  ? 
1 A DA 14 1_555 B DT 1 1_555 A DC 15 1_555 C DA 9 1_555 -0.405 -0.853 3.362 0.183  -3.947 34.643 -0.800 0.705  3.434 -6.602 -0.306 
34.861 12 AA_DA14DC15:DA9DT1_CB A 14 ? B 1  ? A 15 ? C 9  ? 
1 A DC 15 1_555 C DA 9 1_555 A DC 16 1_555 C DG 8 1_555 0.207  -0.185 3.255 0.925  3.085  32.055 -0.880 -0.209 3.228 5.568  -1.669 
32.213 13 AA_DC15DC16:DG8DA9_CC A 15 ? C 9  ? A 16 ? C 8  ? 
1 A DC 16 1_555 C DG 8 1_555 A DA 17 1_555 C DT 7 1_555 -0.103 -0.076 2.760 1.659  6.264  36.623 -0.822 0.347  2.704 9.874  -2.614 
37.173 14 AA_DC16DA17:DT7DG8_CC A 16 ? C 8  ? A 17 ? C 7  ? 
1 A DA 17 1_555 C DT 7 1_555 A DC 18 1_555 C DG 6 1_555 0.162  -0.769 3.354 0.521  -1.395 30.593 -1.172 -0.201 3.387 -2.641 -0.987 
30.629 15 AA_DA17DC18:DG6DT7_CC A 17 ? C 7  ? A 18 ? C 6  ? 
1 A DC 18 1_555 C DG 6 1_555 A DT 19 1_555 C DA 5 1_555 0.088  -0.291 3.473 1.602  1.269  32.840 -0.744 0.134  3.460 2.242  -2.830 
32.902 16 AA_DC18DT19:DA5DG6_CC A 18 ? C 6  ? A 19 ? C 5  ? 
1 A DT 19 1_555 C DA 5 1_555 A DC 20 1_555 C DG 4 1_555 -0.413 0.197  3.214 2.667  5.037  40.535 -0.260 0.878  3.183 7.227  -3.827 
40.917 17 AA_DT19DC20:DG4DA5_CC A 19 ? C 5  ? A 20 ? C 4  ? 
1 A DC 20 1_555 C DG 4 1_555 A DA 21 1_555 C DT 3 1_555 1.169  1.560  3.372 1.748  3.566  39.742 1.850  -1.499 3.539 5.229  -2.563 
39.932 18 AA_DC20DA21:DT3DG4_CC A 20 ? C 4  ? A 21 ? C 3  ? 
# 
loop_
_pdbx_audit_support.funding_organization 
_pdbx_audit_support.country 
_pdbx_audit_support.grant_number 
_pdbx_audit_support.ordinal 
'National Science Foundation (NSF, United States)'                                         'United States' 1360635     1 
'National Institutes of Health/National Institute of General Medical Sciences (NIH/NIGMS)' 'United States' R01GM104960 2 
'National Science Foundation (NSF, United States)'                                         'United States' NSF2004250  3 
# 
_pdbx_initial_refinement_model.id               1 
_pdbx_initial_refinement_model.entity_id_list   ? 
_pdbx_initial_refinement_model.type             'experimental model' 
_pdbx_initial_refinement_model.source_name      PDB 
_pdbx_initial_refinement_model.accession_code   5KEK 
_pdbx_initial_refinement_model.details          ? 
# 
_pdbx_struct_assembly_auth_evidence.id                     1 
_pdbx_struct_assembly_auth_evidence.assembly_id            1 
_pdbx_struct_assembly_auth_evidence.experimental_support   none 
_pdbx_struct_assembly_auth_evidence.details                ? 
# 
